data_3GA3
# 
_entry.id   3GA3 
# 
_audit_conform.dict_name       mmcif_pdbx.dic 
_audit_conform.dict_version    5.389 
_audit_conform.dict_location   http://mmcif.pdb.org/dictionaries/ascii/mmcif_pdbx.dic 
# 
loop_
_database_2.database_id 
_database_2.database_code 
_database_2.pdbx_database_accession 
_database_2.pdbx_DOI 
PDB   3GA3         pdb_00003ga3 10.2210/pdb3ga3/pdb 
RCSB  RCSB051613   ?            ?                   
WWPDB D_1000051613 ?            ?                   
# 
loop_
_pdbx_audit_revision_history.ordinal 
_pdbx_audit_revision_history.data_content_type 
_pdbx_audit_revision_history.major_revision 
_pdbx_audit_revision_history.minor_revision 
_pdbx_audit_revision_history.revision_date 
1 'Structure model' 1 0 2009-02-24 
2 'Structure model' 1 1 2011-07-13 
3 'Structure model' 1 2 2024-02-21 
4 'Structure model' 1 3 2024-04-03 
# 
_pdbx_audit_revision_details.ordinal             1 
_pdbx_audit_revision_details.revision_ordinal    1 
_pdbx_audit_revision_details.data_content_type   'Structure model' 
_pdbx_audit_revision_details.provider            repository 
_pdbx_audit_revision_details.type                'Initial release' 
_pdbx_audit_revision_details.description         ? 
_pdbx_audit_revision_details.details             ? 
# 
loop_
_pdbx_audit_revision_group.ordinal 
_pdbx_audit_revision_group.revision_ordinal 
_pdbx_audit_revision_group.data_content_type 
_pdbx_audit_revision_group.group 
1 2 'Structure model' 'Version format compliance' 
2 3 'Structure model' 'Data collection'           
3 3 'Structure model' 'Database references'       
4 3 'Structure model' 'Derived calculations'      
5 4 'Structure model' 'Refinement description'    
# 
loop_
_pdbx_audit_revision_category.ordinal 
_pdbx_audit_revision_category.revision_ordinal 
_pdbx_audit_revision_category.data_content_type 
_pdbx_audit_revision_category.category 
1 3 'Structure model' chem_comp_atom                
2 3 'Structure model' chem_comp_bond                
3 3 'Structure model' database_2                    
4 3 'Structure model' struct_conn                   
5 3 'Structure model' struct_site                   
6 4 'Structure model' pdbx_initial_refinement_model 
# 
loop_
_pdbx_audit_revision_item.ordinal 
_pdbx_audit_revision_item.revision_ordinal 
_pdbx_audit_revision_item.data_content_type 
_pdbx_audit_revision_item.item 
1  3 'Structure model' '_database_2.pdbx_DOI'                
2  3 'Structure model' '_database_2.pdbx_database_accession' 
3  3 'Structure model' '_struct_conn.ptnr1_auth_comp_id'     
4  3 'Structure model' '_struct_conn.ptnr1_auth_seq_id'      
5  3 'Structure model' '_struct_conn.ptnr1_label_asym_id'    
6  3 'Structure model' '_struct_conn.ptnr1_label_atom_id'    
7  3 'Structure model' '_struct_conn.ptnr1_label_comp_id'    
8  3 'Structure model' '_struct_conn.ptnr1_label_seq_id'     
9  3 'Structure model' '_struct_conn.ptnr2_auth_comp_id'     
10 3 'Structure model' '_struct_conn.ptnr2_auth_seq_id'      
11 3 'Structure model' '_struct_conn.ptnr2_label_asym_id'    
12 3 'Structure model' '_struct_conn.ptnr2_label_atom_id'    
13 3 'Structure model' '_struct_conn.ptnr2_label_comp_id'    
14 3 'Structure model' '_struct_conn.ptnr2_label_seq_id'     
15 3 'Structure model' '_struct_site.pdbx_auth_asym_id'      
16 3 'Structure model' '_struct_site.pdbx_auth_comp_id'      
17 3 'Structure model' '_struct_site.pdbx_auth_seq_id'       
# 
_pdbx_database_status.status_code                     REL 
_pdbx_database_status.entry_id                        3GA3 
_pdbx_database_status.recvd_initial_deposition_date   2009-02-16 
_pdbx_database_status.deposit_site                    RCSB 
_pdbx_database_status.process_site                    RCSB 
_pdbx_database_status.status_code_sf                  REL 
_pdbx_database_status.status_code_mr                  ? 
_pdbx_database_status.SG_entry                        ? 
_pdbx_database_status.pdb_format_compatible           Y 
_pdbx_database_status.status_code_cs                  ? 
_pdbx_database_status.status_code_nmr_data            ? 
_pdbx_database_status.methods_development_category    ? 
# 
_audit_author.name           'Li, P.' 
_audit_author.pdbx_ordinal   1 
# 
_citation.id                        primary 
_citation.title                     'Crystal structure of the C-terminal domain of human MDA5' 
_citation.journal_abbrev            'To be Published' 
_citation.journal_volume            ? 
_citation.page_first                ? 
_citation.page_last                 ? 
_citation.year                      ? 
_citation.journal_id_ASTM           ? 
_citation.country                   ? 
_citation.journal_id_ISSN           ? 
_citation.journal_id_CSD            0353 
_citation.book_publisher            ? 
_citation.pdbx_database_id_PubMed   ? 
_citation.pdbx_database_id_DOI      ? 
# 
loop_
_citation_author.citation_id 
_citation_author.name 
_citation_author.ordinal 
_citation_author.identifier_ORCID 
primary 'Li, P.' 1 ? 
primary 'Li, X.' 2 ? 
primary 'Lu, C.' 3 ? 
# 
loop_
_entity.id 
_entity.type 
_entity.src_method 
_entity.pdbx_description 
_entity.formula_weight 
_entity.pdbx_number_of_molecules 
_entity.pdbx_ec 
_entity.pdbx_mutation 
_entity.pdbx_fragment 
_entity.details 
1 polymer     man 'Interferon-induced helicase C domain-containing protein 1, MDA5' 15588.222 1   3.6.1.- ? 
'C-terminal domain, residues 893-1017' ? 
2 non-polymer syn 'ZINC ION'                                                        65.409    1   ?       ? ? ? 
3 water       nat water                                                             18.015    204 ?       ? ? ? 
# 
_entity_name_com.entity_id   1 
_entity_name_com.name        
;Interferon-induced with helicase C domain protein 1, Helicase with 2 CARD domains, Helicard, Melanoma differentiation-associated protein 5, MDA-5, RNA helicase-DEAD box protein 116, Murabutide down-regulated protein
;
# 
_entity_poly.entity_id                      1 
_entity_poly.type                           'polypeptide(L)' 
_entity_poly.nstd_linkage                   no 
_entity_poly.nstd_monomer                   no 
_entity_poly.pdbx_seq_one_letter_code       
;AKHYKNNPSLITFLCKNCSVLACSGEDIHVIEKMHHVNMTPEFKELYIVRENKALQKKCADYQINGEIICKCGQAWGTMM
VHKGLDLPCLKIRNFVVVFKNNSTKKQYKKWVELPITFPNLDYSELEHHHHHH
;
_entity_poly.pdbx_seq_one_letter_code_can   
;AKHYKNNPSLITFLCKNCSVLACSGEDIHVIEKMHHVNMTPEFKELYIVRENKALQKKCADYQINGEIICKCGQAWGTMM
VHKGLDLPCLKIRNFVVVFKNNSTKKQYKKWVELPITFPNLDYSELEHHHHHH
;
_entity_poly.pdbx_strand_id                 A 
_entity_poly.pdbx_target_identifier         ? 
# 
loop_
_pdbx_entity_nonpoly.entity_id 
_pdbx_entity_nonpoly.name 
_pdbx_entity_nonpoly.comp_id 
2 'ZINC ION' ZN  
3 water      HOH 
# 
loop_
_entity_poly_seq.entity_id 
_entity_poly_seq.num 
_entity_poly_seq.mon_id 
_entity_poly_seq.hetero 
1 1   ALA n 
1 2   LYS n 
1 3   HIS n 
1 4   TYR n 
1 5   LYS n 
1 6   ASN n 
1 7   ASN n 
1 8   PRO n 
1 9   SER n 
1 10  LEU n 
1 11  ILE n 
1 12  THR n 
1 13  PHE n 
1 14  LEU n 
1 15  CYS n 
1 16  LYS n 
1 17  ASN n 
1 18  CYS n 
1 19  SER n 
1 20  VAL n 
1 21  LEU n 
1 22  ALA n 
1 23  CYS n 
1 24  SER n 
1 25  GLY n 
1 26  GLU n 
1 27  ASP n 
1 28  ILE n 
1 29  HIS n 
1 30  VAL n 
1 31  ILE n 
1 32  GLU n 
1 33  LYS n 
1 34  MET n 
1 35  HIS n 
1 36  HIS n 
1 37  VAL n 
1 38  ASN n 
1 39  MET n 
1 40  THR n 
1 41  PRO n 
1 42  GLU n 
1 43  PHE n 
1 44  LYS n 
1 45  GLU n 
1 46  LEU n 
1 47  TYR n 
1 48  ILE n 
1 49  VAL n 
1 50  ARG n 
1 51  GLU n 
1 52  ASN n 
1 53  LYS n 
1 54  ALA n 
1 55  LEU n 
1 56  GLN n 
1 57  LYS n 
1 58  LYS n 
1 59  CYS n 
1 60  ALA n 
1 61  ASP n 
1 62  TYR n 
1 63  GLN n 
1 64  ILE n 
1 65  ASN n 
1 66  GLY n 
1 67  GLU n 
1 68  ILE n 
1 69  ILE n 
1 70  CYS n 
1 71  LYS n 
1 72  CYS n 
1 73  GLY n 
1 74  GLN n 
1 75  ALA n 
1 76  TRP n 
1 77  GLY n 
1 78  THR n 
1 79  MET n 
1 80  MET n 
1 81  VAL n 
1 82  HIS n 
1 83  LYS n 
1 84  GLY n 
1 85  LEU n 
1 86  ASP n 
1 87  LEU n 
1 88  PRO n 
1 89  CYS n 
1 90  LEU n 
1 91  LYS n 
1 92  ILE n 
1 93  ARG n 
1 94  ASN n 
1 95  PHE n 
1 96  VAL n 
1 97  VAL n 
1 98  VAL n 
1 99  PHE n 
1 100 LYS n 
1 101 ASN n 
1 102 ASN n 
1 103 SER n 
1 104 THR n 
1 105 LYS n 
1 106 LYS n 
1 107 GLN n 
1 108 TYR n 
1 109 LYS n 
1 110 LYS n 
1 111 TRP n 
1 112 VAL n 
1 113 GLU n 
1 114 LEU n 
1 115 PRO n 
1 116 ILE n 
1 117 THR n 
1 118 PHE n 
1 119 PRO n 
1 120 ASN n 
1 121 LEU n 
1 122 ASP n 
1 123 TYR n 
1 124 SER n 
1 125 GLU n 
1 126 LEU n 
1 127 GLU n 
1 128 HIS n 
1 129 HIS n 
1 130 HIS n 
1 131 HIS n 
1 132 HIS n 
1 133 HIS n 
# 
_entity_src_gen.entity_id                          1 
_entity_src_gen.pdbx_src_id                        1 
_entity_src_gen.pdbx_alt_source_flag               sample 
_entity_src_gen.pdbx_seq_type                      ? 
_entity_src_gen.pdbx_beg_seq_num                   ? 
_entity_src_gen.pdbx_end_seq_num                   ? 
_entity_src_gen.gene_src_common_name               Human 
_entity_src_gen.gene_src_genus                     ? 
_entity_src_gen.pdbx_gene_src_gene                 'IFIH1, IFIH1 or MDA5, MDA5, RH116' 
_entity_src_gen.gene_src_species                   ? 
_entity_src_gen.gene_src_strain                    ? 
_entity_src_gen.gene_src_tissue                    ? 
_entity_src_gen.gene_src_tissue_fraction           ? 
_entity_src_gen.gene_src_details                   '15 degrees overnight expression' 
_entity_src_gen.pdbx_gene_src_fragment             ? 
_entity_src_gen.pdbx_gene_src_scientific_name      'Homo sapiens' 
_entity_src_gen.pdbx_gene_src_ncbi_taxonomy_id     9606 
_entity_src_gen.pdbx_gene_src_variant              ? 
_entity_src_gen.pdbx_gene_src_cell_line            ? 
_entity_src_gen.pdbx_gene_src_atcc                 ? 
_entity_src_gen.pdbx_gene_src_organ                ? 
_entity_src_gen.pdbx_gene_src_organelle            ? 
_entity_src_gen.pdbx_gene_src_cell                 ? 
_entity_src_gen.pdbx_gene_src_cellular_location    ? 
_entity_src_gen.host_org_common_name               ? 
_entity_src_gen.pdbx_host_org_scientific_name      'Escherichia coli' 
_entity_src_gen.pdbx_host_org_ncbi_taxonomy_id     562 
_entity_src_gen.host_org_genus                     ? 
_entity_src_gen.pdbx_host_org_gene                 ? 
_entity_src_gen.pdbx_host_org_organ                ? 
_entity_src_gen.host_org_species                   ? 
_entity_src_gen.pdbx_host_org_tissue               ? 
_entity_src_gen.pdbx_host_org_tissue_fraction      ? 
_entity_src_gen.pdbx_host_org_strain               'BL21 DE3' 
_entity_src_gen.pdbx_host_org_variant              ? 
_entity_src_gen.pdbx_host_org_cell_line            ? 
_entity_src_gen.pdbx_host_org_atcc                 ? 
_entity_src_gen.pdbx_host_org_culture_collection   ? 
_entity_src_gen.pdbx_host_org_cell                 ? 
_entity_src_gen.pdbx_host_org_organelle            ? 
_entity_src_gen.pdbx_host_org_cellular_location    ? 
_entity_src_gen.pdbx_host_org_vector_type          plasmid 
_entity_src_gen.pdbx_host_org_vector               ? 
_entity_src_gen.host_org_details                   ? 
_entity_src_gen.expression_system_id               ? 
_entity_src_gen.plasmid_name                       'pET22b(+)' 
_entity_src_gen.plasmid_details                    ? 
_entity_src_gen.pdbx_description                   ? 
# 
loop_
_chem_comp.id 
_chem_comp.type 
_chem_comp.mon_nstd_flag 
_chem_comp.name 
_chem_comp.pdbx_synonyms 
_chem_comp.formula 
_chem_comp.formula_weight 
ALA 'L-peptide linking' y ALANINE         ? 'C3 H7 N O2'     89.093  
ARG 'L-peptide linking' y ARGININE        ? 'C6 H15 N4 O2 1' 175.209 
ASN 'L-peptide linking' y ASPARAGINE      ? 'C4 H8 N2 O3'    132.118 
ASP 'L-peptide linking' y 'ASPARTIC ACID' ? 'C4 H7 N O4'     133.103 
CYS 'L-peptide linking' y CYSTEINE        ? 'C3 H7 N O2 S'   121.158 
GLN 'L-peptide linking' y GLUTAMINE       ? 'C5 H10 N2 O3'   146.144 
GLU 'L-peptide linking' y 'GLUTAMIC ACID' ? 'C5 H9 N O4'     147.129 
GLY 'peptide linking'   y GLYCINE         ? 'C2 H5 N O2'     75.067  
HIS 'L-peptide linking' y HISTIDINE       ? 'C6 H10 N3 O2 1' 156.162 
HOH non-polymer         . WATER           ? 'H2 O'           18.015  
ILE 'L-peptide linking' y ISOLEUCINE      ? 'C6 H13 N O2'    131.173 
LEU 'L-peptide linking' y LEUCINE         ? 'C6 H13 N O2'    131.173 
LYS 'L-peptide linking' y LYSINE          ? 'C6 H15 N2 O2 1' 147.195 
MET 'L-peptide linking' y METHIONINE      ? 'C5 H11 N O2 S'  149.211 
PHE 'L-peptide linking' y PHENYLALANINE   ? 'C9 H11 N O2'    165.189 
PRO 'L-peptide linking' y PROLINE         ? 'C5 H9 N O2'     115.130 
SER 'L-peptide linking' y SERINE          ? 'C3 H7 N O3'     105.093 
THR 'L-peptide linking' y THREONINE       ? 'C4 H9 N O3'     119.119 
TRP 'L-peptide linking' y TRYPTOPHAN      ? 'C11 H12 N2 O2'  204.225 
TYR 'L-peptide linking' y TYROSINE        ? 'C9 H11 N O3'    181.189 
VAL 'L-peptide linking' y VALINE          ? 'C5 H11 N O2'    117.146 
ZN  non-polymer         . 'ZINC ION'      ? 'Zn 2'           65.409  
# 
loop_
_pdbx_poly_seq_scheme.asym_id 
_pdbx_poly_seq_scheme.entity_id 
_pdbx_poly_seq_scheme.seq_id 
_pdbx_poly_seq_scheme.mon_id 
_pdbx_poly_seq_scheme.ndb_seq_num 
_pdbx_poly_seq_scheme.pdb_seq_num 
_pdbx_poly_seq_scheme.auth_seq_num 
_pdbx_poly_seq_scheme.pdb_mon_id 
_pdbx_poly_seq_scheme.auth_mon_id 
_pdbx_poly_seq_scheme.pdb_strand_id 
_pdbx_poly_seq_scheme.pdb_ins_code 
_pdbx_poly_seq_scheme.hetero 
A 1 1   ALA 1   893  893  ALA ALA A . n 
A 1 2   LYS 2   894  894  LYS LYS A . n 
A 1 3   HIS 3   895  895  HIS HIS A . n 
A 1 4   TYR 4   896  896  TYR TYR A . n 
A 1 5   LYS 5   897  897  LYS LYS A . n 
A 1 6   ASN 6   898  898  ASN ASN A . n 
A 1 7   ASN 7   899  899  ASN ASN A . n 
A 1 8   PRO 8   900  900  PRO PRO A . n 
A 1 9   SER 9   901  901  SER SER A . n 
A 1 10  LEU 10  902  902  LEU LEU A . n 
A 1 11  ILE 11  903  903  ILE ILE A . n 
A 1 12  THR 12  904  904  THR THR A . n 
A 1 13  PHE 13  905  905  PHE PHE A . n 
A 1 14  LEU 14  906  906  LEU LEU A . n 
A 1 15  CYS 15  907  907  CYS CYS A . n 
A 1 16  LYS 16  908  908  LYS LYS A . n 
A 1 17  ASN 17  909  909  ASN ASN A . n 
A 1 18  CYS 18  910  910  CYS CYS A . n 
A 1 19  SER 19  911  911  SER SER A . n 
A 1 20  VAL 20  912  912  VAL VAL A . n 
A 1 21  LEU 21  913  913  LEU LEU A . n 
A 1 22  ALA 22  914  914  ALA ALA A . n 
A 1 23  CYS 23  915  915  CYS CYS A . n 
A 1 24  SER 24  916  916  SER SER A . n 
A 1 25  GLY 25  917  917  GLY GLY A . n 
A 1 26  GLU 26  918  918  GLU GLU A . n 
A 1 27  ASP 27  919  919  ASP ASP A . n 
A 1 28  ILE 28  920  920  ILE ILE A . n 
A 1 29  HIS 29  921  921  HIS HIS A . n 
A 1 30  VAL 30  922  922  VAL VAL A . n 
A 1 31  ILE 31  923  923  ILE ILE A . n 
A 1 32  GLU 32  924  924  GLU GLU A . n 
A 1 33  LYS 33  925  925  LYS LYS A . n 
A 1 34  MET 34  926  926  MET MET A . n 
A 1 35  HIS 35  927  927  HIS HIS A . n 
A 1 36  HIS 36  928  928  HIS HIS A . n 
A 1 37  VAL 37  929  929  VAL VAL A . n 
A 1 38  ASN 38  930  930  ASN ASN A . n 
A 1 39  MET 39  931  931  MET MET A . n 
A 1 40  THR 40  932  932  THR THR A . n 
A 1 41  PRO 41  933  933  PRO PRO A . n 
A 1 42  GLU 42  934  934  GLU GLU A . n 
A 1 43  PHE 43  935  935  PHE PHE A . n 
A 1 44  LYS 44  936  936  LYS LYS A . n 
A 1 45  GLU 45  937  937  GLU GLU A . n 
A 1 46  LEU 46  938  938  LEU LEU A . n 
A 1 47  TYR 47  939  939  TYR TYR A . n 
A 1 48  ILE 48  940  940  ILE ILE A . n 
A 1 49  VAL 49  941  941  VAL VAL A . n 
A 1 50  ARG 50  942  942  ARG ARG A . n 
A 1 51  GLU 51  943  943  GLU GLU A . n 
A 1 52  ASN 52  944  944  ASN ASN A . n 
A 1 53  LYS 53  945  945  LYS LYS A . n 
A 1 54  ALA 54  946  946  ALA ALA A . n 
A 1 55  LEU 55  947  947  LEU LEU A . n 
A 1 56  GLN 56  948  948  GLN GLN A . n 
A 1 57  LYS 57  949  949  LYS LYS A . n 
A 1 58  LYS 58  950  950  LYS LYS A . n 
A 1 59  CYS 59  951  951  CYS CYS A . n 
A 1 60  ALA 60  952  952  ALA ALA A . n 
A 1 61  ASP 61  953  953  ASP ASP A . n 
A 1 62  TYR 62  954  954  TYR TYR A . n 
A 1 63  GLN 63  955  955  GLN GLN A . n 
A 1 64  ILE 64  956  956  ILE ILE A . n 
A 1 65  ASN 65  957  957  ASN ASN A . n 
A 1 66  GLY 66  958  958  GLY GLY A . n 
A 1 67  GLU 67  959  959  GLU GLU A . n 
A 1 68  ILE 68  960  960  ILE ILE A . n 
A 1 69  ILE 69  961  961  ILE ILE A . n 
A 1 70  CYS 70  962  962  CYS CYS A . n 
A 1 71  LYS 71  963  963  LYS LYS A . n 
A 1 72  CYS 72  964  964  CYS CYS A . n 
A 1 73  GLY 73  965  965  GLY GLY A . n 
A 1 74  GLN 74  966  966  GLN GLN A . n 
A 1 75  ALA 75  967  967  ALA ALA A . n 
A 1 76  TRP 76  968  968  TRP TRP A . n 
A 1 77  GLY 77  969  969  GLY GLY A . n 
A 1 78  THR 78  970  970  THR THR A . n 
A 1 79  MET 79  971  971  MET MET A . n 
A 1 80  MET 80  972  972  MET MET A . n 
A 1 81  VAL 81  973  973  VAL VAL A . n 
A 1 82  HIS 82  974  974  HIS HIS A . n 
A 1 83  LYS 83  975  975  LYS LYS A . n 
A 1 84  GLY 84  976  976  GLY GLY A . n 
A 1 85  LEU 85  977  977  LEU LEU A . n 
A 1 86  ASP 86  978  978  ASP ASP A . n 
A 1 87  LEU 87  979  979  LEU LEU A . n 
A 1 88  PRO 88  980  980  PRO PRO A . n 
A 1 89  CYS 89  981  981  CYS CYS A . n 
A 1 90  LEU 90  982  982  LEU LEU A . n 
A 1 91  LYS 91  983  983  LYS LYS A . n 
A 1 92  ILE 92  984  984  ILE ILE A . n 
A 1 93  ARG 93  985  985  ARG ARG A . n 
A 1 94  ASN 94  986  986  ASN ASN A . n 
A 1 95  PHE 95  987  987  PHE PHE A . n 
A 1 96  VAL 96  988  988  VAL VAL A . n 
A 1 97  VAL 97  989  989  VAL VAL A . n 
A 1 98  VAL 98  990  990  VAL VAL A . n 
A 1 99  PHE 99  991  991  PHE PHE A . n 
A 1 100 LYS 100 992  992  LYS LYS A . n 
A 1 101 ASN 101 993  993  ASN ASN A . n 
A 1 102 ASN 102 994  994  ASN ASN A . n 
A 1 103 SER 103 995  995  SER SER A . n 
A 1 104 THR 104 996  996  THR THR A . n 
A 1 105 LYS 105 997  997  LYS LYS A . n 
A 1 106 LYS 106 998  998  LYS LYS A . n 
A 1 107 GLN 107 999  999  GLN GLN A . n 
A 1 108 TYR 108 1000 1000 TYR TYR A . n 
A 1 109 LYS 109 1001 1001 LYS LYS A . n 
A 1 110 LYS 110 1002 1002 LYS LYS A . n 
A 1 111 TRP 111 1003 1003 TRP TRP A . n 
A 1 112 VAL 112 1004 1004 VAL VAL A . n 
A 1 113 GLU 113 1005 1005 GLU GLU A . n 
A 1 114 LEU 114 1006 1006 LEU LEU A . n 
A 1 115 PRO 115 1007 1007 PRO PRO A . n 
A 1 116 ILE 116 1008 1008 ILE ILE A . n 
A 1 117 THR 117 1009 1009 THR THR A . n 
A 1 118 PHE 118 1010 1010 PHE PHE A . n 
A 1 119 PRO 119 1011 1011 PRO PRO A . n 
A 1 120 ASN 120 1012 1012 ASN ASN A . n 
A 1 121 LEU 121 1013 1013 LEU LEU A . n 
A 1 122 ASP 122 1014 1014 ASP ASP A . n 
A 1 123 TYR 123 1015 1015 TYR TYR A . n 
A 1 124 SER 124 1016 1016 SER SER A . n 
A 1 125 GLU 125 1017 1017 GLU GLU A . n 
A 1 126 LEU 126 1018 1018 LEU LEU A . n 
A 1 127 GLU 127 1019 1019 GLU GLU A . n 
A 1 128 HIS 128 1020 1020 HIS HIS A . n 
A 1 129 HIS 129 1021 1021 HIS HIS A . n 
A 1 130 HIS 130 1022 1022 HIS HIS A . n 
A 1 131 HIS 131 1023 1023 HIS HIS A . n 
A 1 132 HIS 132 1024 1024 HIS HIS A . n 
A 1 133 HIS 133 1025 1025 HIS HIS A . n 
# 
loop_
_pdbx_nonpoly_scheme.asym_id 
_pdbx_nonpoly_scheme.entity_id 
_pdbx_nonpoly_scheme.mon_id 
_pdbx_nonpoly_scheme.ndb_seq_num 
_pdbx_nonpoly_scheme.pdb_seq_num 
_pdbx_nonpoly_scheme.auth_seq_num 
_pdbx_nonpoly_scheme.pdb_mon_id 
_pdbx_nonpoly_scheme.auth_mon_id 
_pdbx_nonpoly_scheme.pdb_strand_id 
_pdbx_nonpoly_scheme.pdb_ins_code 
B 2 ZN  1   1    1   ZN  ZN  A . 
C 3 HOH 1   2    2   HOH TIP A . 
C 3 HOH 2   3    3   HOH TIP A . 
C 3 HOH 3   4    4   HOH TIP A . 
C 3 HOH 4   5    5   HOH TIP A . 
C 3 HOH 5   6    6   HOH TIP A . 
C 3 HOH 6   7    7   HOH TIP A . 
C 3 HOH 7   8    8   HOH TIP A . 
C 3 HOH 8   9    9   HOH TIP A . 
C 3 HOH 9   10   10  HOH TIP A . 
C 3 HOH 10  11   11  HOH TIP A . 
C 3 HOH 11  12   12  HOH TIP A . 
C 3 HOH 12  13   13  HOH TIP A . 
C 3 HOH 13  14   14  HOH TIP A . 
C 3 HOH 14  15   15  HOH TIP A . 
C 3 HOH 15  16   16  HOH TIP A . 
C 3 HOH 16  17   17  HOH TIP A . 
C 3 HOH 17  18   18  HOH TIP A . 
C 3 HOH 18  19   19  HOH TIP A . 
C 3 HOH 19  20   20  HOH TIP A . 
C 3 HOH 20  21   21  HOH TIP A . 
C 3 HOH 21  22   22  HOH TIP A . 
C 3 HOH 22  23   23  HOH TIP A . 
C 3 HOH 23  24   24  HOH TIP A . 
C 3 HOH 24  25   25  HOH TIP A . 
C 3 HOH 25  26   26  HOH TIP A . 
C 3 HOH 26  27   27  HOH TIP A . 
C 3 HOH 27  28   28  HOH TIP A . 
C 3 HOH 28  29   29  HOH TIP A . 
C 3 HOH 29  30   30  HOH TIP A . 
C 3 HOH 30  31   31  HOH TIP A . 
C 3 HOH 31  32   32  HOH TIP A . 
C 3 HOH 32  33   33  HOH TIP A . 
C 3 HOH 33  34   34  HOH TIP A . 
C 3 HOH 34  35   35  HOH TIP A . 
C 3 HOH 35  37   37  HOH TIP A . 
C 3 HOH 36  38   38  HOH TIP A . 
C 3 HOH 37  39   39  HOH TIP A . 
C 3 HOH 38  40   40  HOH TIP A . 
C 3 HOH 39  41   41  HOH TIP A . 
C 3 HOH 40  42   42  HOH TIP A . 
C 3 HOH 41  43   43  HOH TIP A . 
C 3 HOH 42  44   44  HOH TIP A . 
C 3 HOH 43  45   45  HOH TIP A . 
C 3 HOH 44  46   46  HOH TIP A . 
C 3 HOH 45  47   47  HOH TIP A . 
C 3 HOH 46  48   48  HOH TIP A . 
C 3 HOH 47  49   49  HOH TIP A . 
C 3 HOH 48  50   50  HOH TIP A . 
C 3 HOH 49  51   51  HOH TIP A . 
C 3 HOH 50  52   52  HOH TIP A . 
C 3 HOH 51  53   53  HOH TIP A . 
C 3 HOH 52  54   54  HOH TIP A . 
C 3 HOH 53  55   55  HOH TIP A . 
C 3 HOH 54  56   56  HOH TIP A . 
C 3 HOH 55  57   57  HOH TIP A . 
C 3 HOH 56  58   58  HOH TIP A . 
C 3 HOH 57  59   59  HOH TIP A . 
C 3 HOH 58  60   60  HOH TIP A . 
C 3 HOH 59  61   61  HOH TIP A . 
C 3 HOH 60  62   62  HOH TIP A . 
C 3 HOH 61  63   63  HOH TIP A . 
C 3 HOH 62  64   64  HOH TIP A . 
C 3 HOH 63  65   65  HOH TIP A . 
C 3 HOH 64  66   66  HOH TIP A . 
C 3 HOH 65  67   67  HOH TIP A . 
C 3 HOH 66  68   68  HOH TIP A . 
C 3 HOH 67  69   69  HOH TIP A . 
C 3 HOH 68  70   70  HOH TIP A . 
C 3 HOH 69  71   71  HOH TIP A . 
C 3 HOH 70  72   72  HOH TIP A . 
C 3 HOH 71  73   73  HOH TIP A . 
C 3 HOH 72  74   74  HOH TIP A . 
C 3 HOH 73  75   75  HOH TIP A . 
C 3 HOH 74  76   76  HOH TIP A . 
C 3 HOH 75  77   77  HOH TIP A . 
C 3 HOH 76  78   78  HOH TIP A . 
C 3 HOH 77  79   79  HOH TIP A . 
C 3 HOH 78  80   80  HOH TIP A . 
C 3 HOH 79  81   81  HOH TIP A . 
C 3 HOH 80  82   82  HOH TIP A . 
C 3 HOH 81  83   83  HOH TIP A . 
C 3 HOH 82  84   84  HOH TIP A . 
C 3 HOH 83  85   85  HOH TIP A . 
C 3 HOH 84  86   86  HOH TIP A . 
C 3 HOH 85  87   87  HOH TIP A . 
C 3 HOH 86  88   88  HOH TIP A . 
C 3 HOH 87  89   89  HOH TIP A . 
C 3 HOH 88  90   90  HOH TIP A . 
C 3 HOH 89  91   91  HOH TIP A . 
C 3 HOH 90  92   92  HOH TIP A . 
C 3 HOH 91  93   93  HOH TIP A . 
C 3 HOH 92  94   94  HOH TIP A . 
C 3 HOH 93  95   95  HOH TIP A . 
C 3 HOH 94  97   97  HOH TIP A . 
C 3 HOH 95  98   98  HOH TIP A . 
C 3 HOH 96  99   99  HOH TIP A . 
C 3 HOH 97  100  100 HOH TIP A . 
C 3 HOH 98  101  101 HOH TIP A . 
C 3 HOH 99  102  102 HOH TIP A . 
C 3 HOH 100 103  103 HOH TIP A . 
C 3 HOH 101 104  104 HOH TIP A . 
C 3 HOH 102 105  105 HOH TIP A . 
C 3 HOH 103 106  106 HOH TIP A . 
C 3 HOH 104 108  108 HOH TIP A . 
C 3 HOH 105 109  109 HOH TIP A . 
C 3 HOH 106 110  110 HOH TIP A . 
C 3 HOH 107 111  111 HOH TIP A . 
C 3 HOH 108 113  113 HOH TIP A . 
C 3 HOH 109 114  114 HOH TIP A . 
C 3 HOH 110 115  115 HOH TIP A . 
C 3 HOH 111 116  116 HOH TIP A . 
C 3 HOH 112 117  117 HOH TIP A . 
C 3 HOH 113 118  118 HOH TIP A . 
C 3 HOH 114 119  119 HOH TIP A . 
C 3 HOH 115 120  120 HOH TIP A . 
C 3 HOH 116 121  121 HOH TIP A . 
C 3 HOH 117 122  122 HOH TIP A . 
C 3 HOH 118 123  123 HOH TIP A . 
C 3 HOH 119 124  124 HOH TIP A . 
C 3 HOH 120 125  125 HOH TIP A . 
C 3 HOH 121 126  126 HOH TIP A . 
C 3 HOH 122 127  127 HOH TIP A . 
C 3 HOH 123 128  128 HOH TIP A . 
C 3 HOH 124 129  129 HOH TIP A . 
C 3 HOH 125 130  130 HOH TIP A . 
C 3 HOH 126 132  132 HOH TIP A . 
C 3 HOH 127 133  133 HOH TIP A . 
C 3 HOH 128 134  134 HOH TIP A . 
C 3 HOH 129 135  135 HOH TIP A . 
C 3 HOH 130 136  136 HOH TIP A . 
C 3 HOH 131 137  137 HOH TIP A . 
C 3 HOH 132 139  139 HOH TIP A . 
C 3 HOH 133 140  140 HOH TIP A . 
C 3 HOH 134 141  141 HOH TIP A . 
C 3 HOH 135 142  142 HOH TIP A . 
C 3 HOH 136 144  144 HOH TIP A . 
C 3 HOH 137 145  145 HOH TIP A . 
C 3 HOH 138 147  147 HOH TIP A . 
C 3 HOH 139 148  148 HOH TIP A . 
C 3 HOH 140 149  149 HOH TIP A . 
C 3 HOH 141 150  150 HOH TIP A . 
C 3 HOH 142 151  151 HOH TIP A . 
C 3 HOH 143 152  152 HOH TIP A . 
C 3 HOH 144 153  153 HOH TIP A . 
C 3 HOH 145 155  155 HOH TIP A . 
C 3 HOH 146 156  156 HOH TIP A . 
C 3 HOH 147 157  157 HOH TIP A . 
C 3 HOH 148 158  158 HOH TIP A . 
C 3 HOH 149 159  159 HOH TIP A . 
C 3 HOH 150 160  160 HOH TIP A . 
C 3 HOH 151 161  161 HOH TIP A . 
C 3 HOH 152 162  162 HOH TIP A . 
C 3 HOH 153 163  163 HOH TIP A . 
C 3 HOH 154 164  164 HOH TIP A . 
C 3 HOH 155 166  166 HOH TIP A . 
C 3 HOH 156 167  167 HOH TIP A . 
C 3 HOH 157 168  168 HOH TIP A . 
C 3 HOH 158 169  169 HOH TIP A . 
C 3 HOH 159 170  170 HOH TIP A . 
C 3 HOH 160 171  171 HOH TIP A . 
C 3 HOH 161 172  172 HOH TIP A . 
C 3 HOH 162 173  173 HOH TIP A . 
C 3 HOH 163 174  174 HOH TIP A . 
C 3 HOH 164 175  175 HOH TIP A . 
C 3 HOH 165 176  176 HOH TIP A . 
C 3 HOH 166 177  177 HOH TIP A . 
C 3 HOH 167 179  179 HOH TIP A . 
C 3 HOH 168 180  180 HOH TIP A . 
C 3 HOH 169 182  182 HOH TIP A . 
C 3 HOH 170 184  184 HOH TIP A . 
C 3 HOH 171 185  185 HOH TIP A . 
C 3 HOH 172 186  186 HOH TIP A . 
C 3 HOH 173 187  187 HOH TIP A . 
C 3 HOH 174 189  189 HOH TIP A . 
C 3 HOH 175 190  190 HOH TIP A . 
C 3 HOH 176 191  191 HOH TIP A . 
C 3 HOH 177 193  193 HOH TIP A . 
C 3 HOH 178 196  196 HOH TIP A . 
C 3 HOH 179 197  197 HOH TIP A . 
C 3 HOH 180 199  199 HOH TIP A . 
C 3 HOH 181 200  200 HOH TIP A . 
C 3 HOH 182 202  202 HOH TIP A . 
C 3 HOH 183 203  203 HOH TIP A . 
C 3 HOH 184 204  204 HOH TIP A . 
C 3 HOH 185 209  209 HOH TIP A . 
C 3 HOH 186 223  223 HOH TIP A . 
C 3 HOH 187 224  224 HOH TIP A . 
C 3 HOH 188 234  234 HOH TIP A . 
C 3 HOH 189 238  238 HOH TIP A . 
C 3 HOH 190 242  242 HOH TIP A . 
C 3 HOH 191 243  243 HOH TIP A . 
C 3 HOH 192 245  245 HOH TIP A . 
C 3 HOH 193 249  249 HOH TIP A . 
C 3 HOH 194 250  250 HOH TIP A . 
C 3 HOH 195 265  265 HOH TIP A . 
C 3 HOH 196 281  281 HOH TIP A . 
C 3 HOH 197 291  291 HOH TIP A . 
C 3 HOH 198 297  297 HOH TIP A . 
C 3 HOH 199 361  361 HOH TIP A . 
C 3 HOH 200 362  362 HOH TIP A . 
C 3 HOH 201 384  384 HOH TIP A . 
C 3 HOH 202 396  396 HOH TIP A . 
C 3 HOH 203 413  413 HOH TIP A . 
C 3 HOH 204 1026 1   HOH TIP A . 
# 
loop_
_software.name 
_software.classification 
_software.version 
_software.citation_id 
_software.pdbx_ordinal 
CrystalClear 'data collection' .   ? 1 
MOLREP       phasing           .   ? 2 
CNS          refinement        1.1 ? 3 
HKL-2000     'data reduction'  .   ? 4 
HKL-2000     'data scaling'    .   ? 5 
# 
_cell.entry_id           3GA3 
_cell.length_a           28.410 
_cell.length_b           60.920 
_cell.length_c           36.443 
_cell.angle_alpha        90.00 
_cell.angle_beta         102.58 
_cell.angle_gamma        90.00 
_cell.Z_PDB              2 
_cell.pdbx_unique_axis   ? 
_cell.length_a_esd       ? 
_cell.length_b_esd       ? 
_cell.length_c_esd       ? 
_cell.angle_alpha_esd    ? 
_cell.angle_beta_esd     ? 
_cell.angle_gamma_esd    ? 
# 
_symmetry.entry_id                         3GA3 
_symmetry.space_group_name_H-M             'P 1 21 1' 
_symmetry.pdbx_full_space_group_name_H-M   ? 
_symmetry.cell_setting                     ? 
_symmetry.Int_Tables_number                4 
_symmetry.space_group_name_Hall            ? 
# 
_exptl.entry_id          3GA3 
_exptl.method            'X-RAY DIFFRACTION' 
_exptl.crystals_number   ? 
# 
_exptl_crystal.id                    1 
_exptl_crystal.density_meas          ? 
_exptl_crystal.density_Matthews      1.97 
_exptl_crystal.density_percent_sol   37.71 
_exptl_crystal.description           ? 
_exptl_crystal.F_000                 ? 
_exptl_crystal.preparation           ? 
# 
_exptl_crystal_grow.crystal_id      1 
_exptl_crystal_grow.method          EVAPORATION 
_exptl_crystal_grow.temp            277 
_exptl_crystal_grow.temp_details    ? 
_exptl_crystal_grow.pH              8.5 
_exptl_crystal_grow.pdbx_details    '0.1 M Tris, 14 to 18% ethanol, pH 8.5, EVAPORATION, temperature 277K' 
_exptl_crystal_grow.pdbx_pH_range   ? 
# 
_diffrn.id                     1 
_diffrn.ambient_temp           173 
_diffrn.ambient_temp_details   ? 
_diffrn.crystal_id             1 
# 
_diffrn_detector.diffrn_id              1 
_diffrn_detector.detector               'IMAGE PLATE' 
_diffrn_detector.type                   'RIGAKU RAXIS IV++' 
_diffrn_detector.pdbx_collection_date   ? 
_diffrn_detector.details                Osmic 
# 
_diffrn_radiation.diffrn_id                        1 
_diffrn_radiation.wavelength_id                    1 
_diffrn_radiation.pdbx_monochromatic_or_laue_m_l   M 
_diffrn_radiation.monochromator                    osmic 
_diffrn_radiation.pdbx_diffrn_protocol             'SINGLE WAVELENGTH' 
_diffrn_radiation.pdbx_scattering_type             x-ray 
# 
_diffrn_radiation_wavelength.id           1 
_diffrn_radiation_wavelength.wavelength   1.542 
_diffrn_radiation_wavelength.wt           1.0 
# 
_diffrn_source.diffrn_id                   1 
_diffrn_source.source                      'ROTATING ANODE' 
_diffrn_source.type                        'RIGAKU MICROMAX-007 HF' 
_diffrn_source.pdbx_synchrotron_site       ? 
_diffrn_source.pdbx_synchrotron_beamline   ? 
_diffrn_source.pdbx_wavelength             ? 
_diffrn_source.pdbx_wavelength_list        1.542 
# 
_reflns.entry_id                     3GA3 
_reflns.observed_criterion_sigma_I   0 
_reflns.observed_criterion_sigma_F   0 
_reflns.d_resolution_low             50 
_reflns.d_resolution_high            1.45 
_reflns.number_obs                   20278 
_reflns.number_all                   21528 
_reflns.percent_possible_obs         94.2 
_reflns.pdbx_Rmerge_I_obs            0.039 
_reflns.pdbx_Rsym_value              0.039 
_reflns.pdbx_netI_over_sigmaI        64.5 
_reflns.B_iso_Wilson_estimate        ? 
_reflns.pdbx_redundancy              4.3 
_reflns.R_free_details               ? 
_reflns.limit_h_max                  ? 
_reflns.limit_h_min                  ? 
_reflns.limit_k_max                  ? 
_reflns.limit_k_min                  ? 
_reflns.limit_l_max                  ? 
_reflns.limit_l_min                  ? 
_reflns.observed_criterion_F_max     ? 
_reflns.observed_criterion_F_min     ? 
_reflns.pdbx_chi_squared             ? 
_reflns.pdbx_scaling_rejects         ? 
_reflns.pdbx_diffrn_id               1 
_reflns.pdbx_ordinal                 1 
# 
_reflns_shell.d_res_high             1.45 
_reflns_shell.d_res_low              1.50 
_reflns_shell.percent_possible_all   86.8 
_reflns_shell.Rmerge_I_obs           0.064 
_reflns_shell.pdbx_Rsym_value        0.064 
_reflns_shell.meanI_over_sigI_obs    45.6 
_reflns_shell.pdbx_redundancy        3.9 
_reflns_shell.percent_possible_obs   ? 
_reflns_shell.number_unique_all      1868 
_reflns_shell.number_measured_all    ? 
_reflns_shell.number_measured_obs    ? 
_reflns_shell.number_unique_obs      ? 
_reflns_shell.pdbx_chi_squared       ? 
_reflns_shell.pdbx_diffrn_id         ? 
_reflns_shell.pdbx_ordinal           1 
# 
_refine.entry_id                                 3GA3 
_refine.ls_number_reflns_obs                     20278 
_refine.ls_number_reflns_all                     21528 
_refine.pdbx_ls_sigma_I                          0 
_refine.pdbx_ls_sigma_F                          0 
_refine.pdbx_data_cutoff_high_absF               ? 
_refine.pdbx_data_cutoff_low_absF                ? 
_refine.pdbx_data_cutoff_high_rms_absF           ? 
_refine.ls_d_res_low                             50 
_refine.ls_d_res_high                            1.45 
_refine.ls_percent_reflns_obs                    7.5 
_refine.ls_R_factor_obs                          0.18 
_refine.ls_R_factor_all                          0.18 
_refine.ls_R_factor_R_work                       0.18 
_refine.ls_R_factor_R_free                       0.204 
_refine.ls_R_factor_R_free_error                 ? 
_refine.ls_R_factor_R_free_error_details         ? 
_refine.ls_percent_reflns_R_free                 ? 
_refine.ls_number_reflns_R_free                  1590 
_refine.ls_number_parameters                     ? 
_refine.ls_number_restraints                     ? 
_refine.occupancy_min                            ? 
_refine.occupancy_max                            ? 
_refine.correlation_coeff_Fo_to_Fc               ? 
_refine.correlation_coeff_Fo_to_Fc_free          ? 
_refine.B_iso_mean                               ? 
_refine.aniso_B[1][1]                            1.04 
_refine.aniso_B[2][2]                            -0.913 
_refine.aniso_B[3][3]                            -0.129 
_refine.aniso_B[1][2]                            0 
_refine.aniso_B[1][3]                            0.162 
_refine.aniso_B[2][3]                            0 
_refine.solvent_model_details                    ? 
_refine.solvent_model_param_ksol                 ? 
_refine.solvent_model_param_bsol                 ? 
_refine.pdbx_solvent_vdw_probe_radii             ? 
_refine.pdbx_solvent_ion_probe_radii             ? 
_refine.pdbx_solvent_shrinkage_radii             ? 
_refine.pdbx_ls_cross_valid_method               THROUGHOUT 
_refine.details                                  'individual B refinement with CNS' 
_refine.pdbx_starting_model                      'RIG-I CTD' 
_refine.pdbx_method_to_determine_struct          'MOLECULAR REPLACEMENT' 
_refine.pdbx_isotropic_thermal_model             ? 
_refine.pdbx_stereochemistry_target_values       'Engh & Huber' 
_refine.pdbx_stereochem_target_val_spec_case     ? 
_refine.pdbx_R_Free_selection_details            Random 
_refine.pdbx_overall_ESU_R                       ? 
_refine.pdbx_overall_ESU_R_Free                  ? 
_refine.overall_SU_ML                            ? 
_refine.overall_SU_B                             ? 
_refine.ls_redundancy_reflns_obs                 ? 
_refine.B_iso_min                                ? 
_refine.B_iso_max                                ? 
_refine.overall_SU_R_Cruickshank_DPI             ? 
_refine.overall_SU_R_free                        ? 
_refine.ls_wR_factor_R_free                      ? 
_refine.ls_wR_factor_R_work                      ? 
_refine.overall_FOM_free_R_set                   ? 
_refine.overall_FOM_work_R_set                   ? 
_refine.pdbx_overall_phase_error                 ? 
_refine.pdbx_refine_id                           'X-RAY DIFFRACTION' 
_refine.pdbx_diffrn_id                           1 
_refine.pdbx_TLS_residual_ADP_flag               ? 
_refine.pdbx_overall_SU_R_free_Cruickshank_DPI   ? 
_refine.pdbx_overall_SU_R_Blow_DPI               ? 
_refine.pdbx_overall_SU_R_free_Blow_DPI          ? 
# 
_refine_hist.pdbx_refine_id                   'X-RAY DIFFRACTION' 
_refine_hist.cycle_id                         LAST 
_refine_hist.pdbx_number_atoms_protein        1091 
_refine_hist.pdbx_number_atoms_nucleic_acid   0 
_refine_hist.pdbx_number_atoms_ligand         1 
_refine_hist.number_atoms_solvent             204 
_refine_hist.number_atoms_total               1296 
_refine_hist.d_res_high                       1.45 
_refine_hist.d_res_low                        50 
# 
loop_
_refine_ls_restr.type 
_refine_ls_restr.dev_ideal 
_refine_ls_restr.dev_ideal_target 
_refine_ls_restr.weight 
_refine_ls_restr.number 
_refine_ls_restr.pdbx_refine_id 
_refine_ls_restr.pdbx_restraint_function 
c_angle_d 1.56  ? ? ? 'X-RAY DIFFRACTION' ? 
c_bond_d  0.010 ? ? ? 'X-RAY DIFFRACTION' ? 
# 
_refine_ls_shell.pdbx_total_number_of_bins_used   ? 
_refine_ls_shell.d_res_high                       1.45 
_refine_ls_shell.d_res_low                        1.47 
_refine_ls_shell.number_reflns_R_work             ? 
_refine_ls_shell.R_factor_R_work                  0.222 
_refine_ls_shell.percent_reflns_obs               86.8 
_refine_ls_shell.R_factor_R_free                  0.265 
_refine_ls_shell.R_factor_R_free_error            ? 
_refine_ls_shell.percent_reflns_R_free            ? 
_refine_ls_shell.number_reflns_R_free             39 
_refine_ls_shell.number_reflns_all                ? 
_refine_ls_shell.R_factor_all                     ? 
_refine_ls_shell.number_reflns_obs                1868 
_refine_ls_shell.redundancy_reflns_obs            ? 
_refine_ls_shell.pdbx_refine_id                   'X-RAY DIFFRACTION' 
# 
_struct.entry_id                  3GA3 
_struct.title                     'Crystal structure of the C-terminal domain of human MDA5' 
_struct.pdbx_model_details        ? 
_struct.pdbx_CASP_flag            ? 
_struct.pdbx_model_type_details   ? 
# 
_struct_keywords.entry_id        3GA3 
_struct_keywords.pdbx_keywords   HYDROLASE 
_struct_keywords.text            
;Innate immune receptor, RNA biniding, helicase, RLR, Alternative splicing, Antiviral defense, ATP-binding, Cytoplasm, Diabetes mellitus, Host-virus interaction, Hydrolase, Immune response, Innate immunity, Nucleotide-binding, Nucleus, Phosphoprotein, Polymorphism, RNA-binding
;
# 
loop_
_struct_asym.id 
_struct_asym.pdbx_blank_PDB_chainid_flag 
_struct_asym.pdbx_modified 
_struct_asym.entity_id 
_struct_asym.details 
A N N 1 ? 
B N N 2 ? 
C N N 3 ? 
# 
_struct_ref.id                         1 
_struct_ref.db_name                    UNP 
_struct_ref.db_code                    IFIH1_HUMAN 
_struct_ref.pdbx_db_accession          Q9BYX4 
_struct_ref.entity_id                  1 
_struct_ref.pdbx_seq_one_letter_code   
;AKHYKNNPSLITFLCKNCSVLACSGEDIHVIEKMHHVNMTPEFKELYIVRENKALQKKCADYQINGEIICKCGQAWGTMM
VHKGLDLPCLKIRNFVVVFKNNSTKKQYKKWVELPITFPNLDYSE
;
_struct_ref.pdbx_align_begin           893 
_struct_ref.pdbx_db_isoform            ? 
# 
_struct_ref_seq.align_id                      1 
_struct_ref_seq.ref_id                        1 
_struct_ref_seq.pdbx_PDB_id_code              3GA3 
_struct_ref_seq.pdbx_strand_id                A 
_struct_ref_seq.seq_align_beg                 1 
_struct_ref_seq.pdbx_seq_align_beg_ins_code   ? 
_struct_ref_seq.seq_align_end                 125 
_struct_ref_seq.pdbx_seq_align_end_ins_code   ? 
_struct_ref_seq.pdbx_db_accession             Q9BYX4 
_struct_ref_seq.db_align_beg                  893 
_struct_ref_seq.pdbx_db_align_beg_ins_code    ? 
_struct_ref_seq.db_align_end                  1017 
_struct_ref_seq.pdbx_db_align_end_ins_code    ? 
_struct_ref_seq.pdbx_auth_seq_align_beg       893 
_struct_ref_seq.pdbx_auth_seq_align_end       1017 
# 
loop_
_struct_ref_seq_dif.align_id 
_struct_ref_seq_dif.pdbx_pdb_id_code 
_struct_ref_seq_dif.mon_id 
_struct_ref_seq_dif.pdbx_pdb_strand_id 
_struct_ref_seq_dif.seq_num 
_struct_ref_seq_dif.pdbx_pdb_ins_code 
_struct_ref_seq_dif.pdbx_seq_db_name 
_struct_ref_seq_dif.pdbx_seq_db_accession_code 
_struct_ref_seq_dif.db_mon_id 
_struct_ref_seq_dif.pdbx_seq_db_seq_num 
_struct_ref_seq_dif.details 
_struct_ref_seq_dif.pdbx_auth_seq_num 
_struct_ref_seq_dif.pdbx_ordinal 
1 3GA3 LEU A 126 ? UNP Q9BYX4 ? ? 'expression tag' 1018 1 
1 3GA3 GLU A 127 ? UNP Q9BYX4 ? ? 'expression tag' 1019 2 
1 3GA3 HIS A 128 ? UNP Q9BYX4 ? ? 'expression tag' 1020 3 
1 3GA3 HIS A 129 ? UNP Q9BYX4 ? ? 'expression tag' 1021 4 
1 3GA3 HIS A 130 ? UNP Q9BYX4 ? ? 'expression tag' 1022 5 
1 3GA3 HIS A 131 ? UNP Q9BYX4 ? ? 'expression tag' 1023 6 
1 3GA3 HIS A 132 ? UNP Q9BYX4 ? ? 'expression tag' 1024 7 
1 3GA3 HIS A 133 ? UNP Q9BYX4 ? ? 'expression tag' 1025 8 
# 
_pdbx_struct_assembly.id                   1 
_pdbx_struct_assembly.details              author_and_software_defined_assembly 
_pdbx_struct_assembly.method_details       PISA 
_pdbx_struct_assembly.oligomeric_details   monomeric 
_pdbx_struct_assembly.oligomeric_count     1 
# 
_pdbx_struct_assembly_gen.assembly_id       1 
_pdbx_struct_assembly_gen.oper_expression   1 
_pdbx_struct_assembly_gen.asym_id_list      A,B,C 
# 
_pdbx_struct_oper_list.id                   1 
_pdbx_struct_oper_list.type                 'identity operation' 
_pdbx_struct_oper_list.name                 1_555 
_pdbx_struct_oper_list.symmetry_operation   x,y,z 
_pdbx_struct_oper_list.matrix[1][1]         1.0000000000 
_pdbx_struct_oper_list.matrix[1][2]         0.0000000000 
_pdbx_struct_oper_list.matrix[1][3]         0.0000000000 
_pdbx_struct_oper_list.vector[1]            0.0000000000 
_pdbx_struct_oper_list.matrix[2][1]         0.0000000000 
_pdbx_struct_oper_list.matrix[2][2]         1.0000000000 
_pdbx_struct_oper_list.matrix[2][3]         0.0000000000 
_pdbx_struct_oper_list.vector[2]            0.0000000000 
_pdbx_struct_oper_list.matrix[3][1]         0.0000000000 
_pdbx_struct_oper_list.matrix[3][2]         0.0000000000 
_pdbx_struct_oper_list.matrix[3][3]         1.0000000000 
_pdbx_struct_oper_list.vector[3]            0.0000000000 
# 
_struct_biol.id        1 
_struct_biol.details   ? 
# 
loop_
_struct_conf.conf_type_id 
_struct_conf.id 
_struct_conf.pdbx_PDB_helix_id 
_struct_conf.beg_label_comp_id 
_struct_conf.beg_label_asym_id 
_struct_conf.beg_label_seq_id 
_struct_conf.pdbx_beg_PDB_ins_code 
_struct_conf.end_label_comp_id 
_struct_conf.end_label_asym_id 
_struct_conf.end_label_seq_id 
_struct_conf.pdbx_end_PDB_ins_code 
_struct_conf.beg_auth_comp_id 
_struct_conf.beg_auth_asym_id 
_struct_conf.beg_auth_seq_id 
_struct_conf.end_auth_comp_id 
_struct_conf.end_auth_asym_id 
_struct_conf.end_auth_seq_id 
_struct_conf.pdbx_PDB_helix_class 
_struct_conf.details 
_struct_conf.pdbx_PDB_helix_length 
HELX_P HELX_P1 1 ASN A 7   ? SER A 9   ? ASN A 899  SER A 901  5 ? 3 
HELX_P HELX_P2 2 GLU A 26  ? ILE A 28  ? GLU A 918  ILE A 920  5 ? 3 
HELX_P HELX_P3 3 PRO A 41  ? GLU A 45  ? PRO A 933  GLU A 937  5 ? 5 
HELX_P HELX_P4 4 LYS A 110 ? LEU A 114 ? LYS A 1002 LEU A 1006 5 ? 5 
HELX_P HELX_P5 5 ASP A 122 ? SER A 124 ? ASP A 1014 SER A 1016 5 ? 3 
HELX_P HELX_P6 6 GLU A 125 ? HIS A 133 ? GLU A 1017 HIS A 1025 1 ? 9 
# 
_struct_conf_type.id          HELX_P 
_struct_conf_type.criteria    ? 
_struct_conf_type.reference   ? 
# 
loop_
_struct_conn.id 
_struct_conn.conn_type_id 
_struct_conn.pdbx_leaving_atom_flag 
_struct_conn.pdbx_PDB_id 
_struct_conn.ptnr1_label_asym_id 
_struct_conn.ptnr1_label_comp_id 
_struct_conn.ptnr1_label_seq_id 
_struct_conn.ptnr1_label_atom_id 
_struct_conn.pdbx_ptnr1_label_alt_id 
_struct_conn.pdbx_ptnr1_PDB_ins_code 
_struct_conn.pdbx_ptnr1_standard_comp_id 
_struct_conn.ptnr1_symmetry 
_struct_conn.ptnr2_label_asym_id 
_struct_conn.ptnr2_label_comp_id 
_struct_conn.ptnr2_label_seq_id 
_struct_conn.ptnr2_label_atom_id 
_struct_conn.pdbx_ptnr2_label_alt_id 
_struct_conn.pdbx_ptnr2_PDB_ins_code 
_struct_conn.ptnr1_auth_asym_id 
_struct_conn.ptnr1_auth_comp_id 
_struct_conn.ptnr1_auth_seq_id 
_struct_conn.ptnr2_auth_asym_id 
_struct_conn.ptnr2_auth_comp_id 
_struct_conn.ptnr2_auth_seq_id 
_struct_conn.ptnr2_symmetry 
_struct_conn.pdbx_ptnr3_label_atom_id 
_struct_conn.pdbx_ptnr3_label_seq_id 
_struct_conn.pdbx_ptnr3_label_comp_id 
_struct_conn.pdbx_ptnr3_label_asym_id 
_struct_conn.pdbx_ptnr3_label_alt_id 
_struct_conn.pdbx_ptnr3_PDB_ins_code 
_struct_conn.details 
_struct_conn.pdbx_dist_value 
_struct_conn.pdbx_value_order 
_struct_conn.pdbx_role 
metalc1 metalc ? ? B ZN . ZN ? ? ? 1_555 A CYS 15 SG ? ? A ZN 1 A CYS 907 1_555 ? ? ? ? ? ? ? 2.351 ? ? 
metalc2 metalc ? ? B ZN . ZN ? ? ? 1_555 A CYS 18 SG ? ? A ZN 1 A CYS 910 1_555 ? ? ? ? ? ? ? 2.359 ? ? 
metalc3 metalc ? ? B ZN . ZN ? ? ? 1_555 A CYS 70 SG ? ? A ZN 1 A CYS 962 1_555 ? ? ? ? ? ? ? 2.356 ? ? 
metalc4 metalc ? ? B ZN . ZN ? ? ? 1_555 A CYS 72 SG ? ? A ZN 1 A CYS 964 1_555 ? ? ? ? ? ? ? 2.321 ? ? 
# 
_struct_conn_type.id          metalc 
_struct_conn_type.criteria    ? 
_struct_conn_type.reference   ? 
# 
loop_
_pdbx_struct_conn_angle.id 
_pdbx_struct_conn_angle.ptnr1_label_atom_id 
_pdbx_struct_conn_angle.ptnr1_label_alt_id 
_pdbx_struct_conn_angle.ptnr1_label_asym_id 
_pdbx_struct_conn_angle.ptnr1_label_comp_id 
_pdbx_struct_conn_angle.ptnr1_label_seq_id 
_pdbx_struct_conn_angle.ptnr1_auth_atom_id 
_pdbx_struct_conn_angle.ptnr1_auth_asym_id 
_pdbx_struct_conn_angle.ptnr1_auth_comp_id 
_pdbx_struct_conn_angle.ptnr1_auth_seq_id 
_pdbx_struct_conn_angle.ptnr1_PDB_ins_code 
_pdbx_struct_conn_angle.ptnr1_symmetry 
_pdbx_struct_conn_angle.ptnr2_label_atom_id 
_pdbx_struct_conn_angle.ptnr2_label_alt_id 
_pdbx_struct_conn_angle.ptnr2_label_asym_id 
_pdbx_struct_conn_angle.ptnr2_label_comp_id 
_pdbx_struct_conn_angle.ptnr2_label_seq_id 
_pdbx_struct_conn_angle.ptnr2_auth_atom_id 
_pdbx_struct_conn_angle.ptnr2_auth_asym_id 
_pdbx_struct_conn_angle.ptnr2_auth_comp_id 
_pdbx_struct_conn_angle.ptnr2_auth_seq_id 
_pdbx_struct_conn_angle.ptnr2_PDB_ins_code 
_pdbx_struct_conn_angle.ptnr2_symmetry 
_pdbx_struct_conn_angle.ptnr3_label_atom_id 
_pdbx_struct_conn_angle.ptnr3_label_alt_id 
_pdbx_struct_conn_angle.ptnr3_label_asym_id 
_pdbx_struct_conn_angle.ptnr3_label_comp_id 
_pdbx_struct_conn_angle.ptnr3_label_seq_id 
_pdbx_struct_conn_angle.ptnr3_auth_atom_id 
_pdbx_struct_conn_angle.ptnr3_auth_asym_id 
_pdbx_struct_conn_angle.ptnr3_auth_comp_id 
_pdbx_struct_conn_angle.ptnr3_auth_seq_id 
_pdbx_struct_conn_angle.ptnr3_PDB_ins_code 
_pdbx_struct_conn_angle.ptnr3_symmetry 
_pdbx_struct_conn_angle.value 
_pdbx_struct_conn_angle.value_esd 
1 SG ? A CYS 15 ? A CYS 907 ? 1_555 ZN ? B ZN . ? A ZN 1 ? 1_555 SG ? A CYS 18 ? A CYS 910 ? 1_555 109.2 ? 
2 SG ? A CYS 15 ? A CYS 907 ? 1_555 ZN ? B ZN . ? A ZN 1 ? 1_555 SG ? A CYS 70 ? A CYS 962 ? 1_555 112.8 ? 
3 SG ? A CYS 18 ? A CYS 910 ? 1_555 ZN ? B ZN . ? A ZN 1 ? 1_555 SG ? A CYS 70 ? A CYS 962 ? 1_555 106.8 ? 
4 SG ? A CYS 15 ? A CYS 907 ? 1_555 ZN ? B ZN . ? A ZN 1 ? 1_555 SG ? A CYS 72 ? A CYS 964 ? 1_555 110.7 ? 
5 SG ? A CYS 18 ? A CYS 910 ? 1_555 ZN ? B ZN . ? A ZN 1 ? 1_555 SG ? A CYS 72 ? A CYS 964 ? 1_555 110.6 ? 
6 SG ? A CYS 70 ? A CYS 962 ? 1_555 ZN ? B ZN . ? A ZN 1 ? 1_555 SG ? A CYS 72 ? A CYS 964 ? 1_555 106.7 ? 
# 
loop_
_struct_sheet.id 
_struct_sheet.type 
_struct_sheet.number_strands 
_struct_sheet.details 
A ? 4 ? 
B ? 3 ? 
C ? 3 ? 
D ? 4 ? 
# 
loop_
_struct_sheet_order.sheet_id 
_struct_sheet_order.range_id_1 
_struct_sheet_order.range_id_2 
_struct_sheet_order.offset 
_struct_sheet_order.sense 
A 1 2 ? anti-parallel 
A 2 3 ? anti-parallel 
A 3 4 ? anti-parallel 
B 1 2 ? anti-parallel 
B 2 3 ? parallel      
C 1 2 ? anti-parallel 
C 2 3 ? anti-parallel 
D 1 2 ? anti-parallel 
D 2 3 ? anti-parallel 
D 3 4 ? anti-parallel 
# 
loop_
_struct_sheet_range.sheet_id 
_struct_sheet_range.id 
_struct_sheet_range.beg_label_comp_id 
_struct_sheet_range.beg_label_asym_id 
_struct_sheet_range.beg_label_seq_id 
_struct_sheet_range.pdbx_beg_PDB_ins_code 
_struct_sheet_range.end_label_comp_id 
_struct_sheet_range.end_label_asym_id 
_struct_sheet_range.end_label_seq_id 
_struct_sheet_range.pdbx_end_PDB_ins_code 
_struct_sheet_range.beg_auth_comp_id 
_struct_sheet_range.beg_auth_asym_id 
_struct_sheet_range.beg_auth_seq_id 
_struct_sheet_range.end_auth_comp_id 
_struct_sheet_range.end_auth_asym_id 
_struct_sheet_range.end_auth_seq_id 
A 1 LEU A 21  ? SER A 24  ? LEU A 913  SER A 916  
A 2 ILE A 11  ? CYS A 15  ? ILE A 903  CYS A 907  
A 3 PHE A 95  ? PHE A 99  ? PHE A 987  PHE A 991  
A 4 THR A 104 ? LYS A 106 ? THR A 996  LYS A 998  
B 1 HIS A 35  ? VAL A 37  ? HIS A 927  VAL A 929  
B 2 HIS A 29  ? ILE A 31  ? HIS A 921  ILE A 923  
B 3 ASN A 120 ? LEU A 121 ? ASN A 1012 LEU A 1013 
C 1 TYR A 47  ? ARG A 50  ? TYR A 939  ARG A 942  
C 2 GLN A 63  ? CYS A 70  ? GLN A 955  CYS A 962  
C 3 LYS A 57  ? LYS A 58  ? LYS A 949  LYS A 950  
D 1 TYR A 47  ? ARG A 50  ? TYR A 939  ARG A 942  
D 2 GLN A 63  ? CYS A 70  ? GLN A 955  CYS A 962  
D 3 ALA A 75  ? HIS A 82  ? ALA A 967  HIS A 974  
D 4 LEU A 85  ? LEU A 90  ? LEU A 977  LEU A 982  
# 
loop_
_pdbx_struct_sheet_hbond.sheet_id 
_pdbx_struct_sheet_hbond.range_id_1 
_pdbx_struct_sheet_hbond.range_id_2 
_pdbx_struct_sheet_hbond.range_1_label_atom_id 
_pdbx_struct_sheet_hbond.range_1_label_comp_id 
_pdbx_struct_sheet_hbond.range_1_label_asym_id 
_pdbx_struct_sheet_hbond.range_1_label_seq_id 
_pdbx_struct_sheet_hbond.range_1_PDB_ins_code 
_pdbx_struct_sheet_hbond.range_1_auth_atom_id 
_pdbx_struct_sheet_hbond.range_1_auth_comp_id 
_pdbx_struct_sheet_hbond.range_1_auth_asym_id 
_pdbx_struct_sheet_hbond.range_1_auth_seq_id 
_pdbx_struct_sheet_hbond.range_2_label_atom_id 
_pdbx_struct_sheet_hbond.range_2_label_comp_id 
_pdbx_struct_sheet_hbond.range_2_label_asym_id 
_pdbx_struct_sheet_hbond.range_2_label_seq_id 
_pdbx_struct_sheet_hbond.range_2_PDB_ins_code 
_pdbx_struct_sheet_hbond.range_2_auth_atom_id 
_pdbx_struct_sheet_hbond.range_2_auth_comp_id 
_pdbx_struct_sheet_hbond.range_2_auth_asym_id 
_pdbx_struct_sheet_hbond.range_2_auth_seq_id 
A 1 2 O ALA A 22 ? O ALA A 914 N PHE A 13  ? N PHE A 905  
A 2 3 N LEU A 14 ? N LEU A 906 O VAL A 96  ? O VAL A 988  
A 3 4 N VAL A 97 ? N VAL A 989 O LYS A 106 ? O LYS A 998  
B 1 2 O VAL A 37 ? O VAL A 929 N HIS A 29  ? N HIS A 921  
B 2 3 N VAL A 30 ? N VAL A 922 O LEU A 121 ? O LEU A 1013 
C 1 2 N ARG A 50 ? N ARG A 942 O GLU A 67  ? O GLU A 959  
C 2 3 O ILE A 64 ? O ILE A 956 N LYS A 57  ? N LYS A 949  
D 1 2 N ARG A 50 ? N ARG A 942 O GLU A 67  ? O GLU A 959  
D 2 3 N ILE A 68 ? N ILE A 960 O TRP A 76  ? O TRP A 968  
D 3 4 N MET A 80 ? N MET A 972 O LEU A 87  ? O LEU A 979  
# 
_struct_site.id                   AC1 
_struct_site.pdbx_evidence_code   Software 
_struct_site.pdbx_auth_asym_id    A 
_struct_site.pdbx_auth_comp_id    ZN 
_struct_site.pdbx_auth_seq_id     1 
_struct_site.pdbx_auth_ins_code   ? 
_struct_site.pdbx_num_residues    4 
_struct_site.details              'BINDING SITE FOR RESIDUE ZN A 1' 
# 
loop_
_struct_site_gen.id 
_struct_site_gen.site_id 
_struct_site_gen.pdbx_num_res 
_struct_site_gen.label_comp_id 
_struct_site_gen.label_asym_id 
_struct_site_gen.label_seq_id 
_struct_site_gen.pdbx_auth_ins_code 
_struct_site_gen.auth_comp_id 
_struct_site_gen.auth_asym_id 
_struct_site_gen.auth_seq_id 
_struct_site_gen.label_atom_id 
_struct_site_gen.label_alt_id 
_struct_site_gen.symmetry 
_struct_site_gen.details 
1 AC1 4 CYS A 15 ? CYS A 907 . ? 1_555 ? 
2 AC1 4 CYS A 18 ? CYS A 910 . ? 1_555 ? 
3 AC1 4 CYS A 70 ? CYS A 962 . ? 1_555 ? 
4 AC1 4 CYS A 72 ? CYS A 964 . ? 1_555 ? 
# 
loop_
_pdbx_validate_torsion.id 
_pdbx_validate_torsion.PDB_model_num 
_pdbx_validate_torsion.auth_comp_id 
_pdbx_validate_torsion.auth_asym_id 
_pdbx_validate_torsion.auth_seq_id 
_pdbx_validate_torsion.PDB_ins_code 
_pdbx_validate_torsion.label_alt_id 
_pdbx_validate_torsion.phi 
_pdbx_validate_torsion.psi 
1 1 ASN A 898 ? ? -94.55  50.91  
2 1 LYS A 925 ? ? 59.95   19.81  
3 1 MET A 926 ? ? -135.26 -60.29 
4 1 ASN A 993 ? ? 51.37   -19.21 
5 1 SER A 995 ? ? 32.45   74.91  
# 
loop_
_chem_comp_atom.comp_id 
_chem_comp_atom.atom_id 
_chem_comp_atom.type_symbol 
_chem_comp_atom.pdbx_aromatic_flag 
_chem_comp_atom.pdbx_stereo_config 
_chem_comp_atom.pdbx_ordinal 
ALA N    N  N N 1   
ALA CA   C  N S 2   
ALA C    C  N N 3   
ALA O    O  N N 4   
ALA CB   C  N N 5   
ALA OXT  O  N N 6   
ALA H    H  N N 7   
ALA H2   H  N N 8   
ALA HA   H  N N 9   
ALA HB1  H  N N 10  
ALA HB2  H  N N 11  
ALA HB3  H  N N 12  
ALA HXT  H  N N 13  
ARG N    N  N N 14  
ARG CA   C  N S 15  
ARG C    C  N N 16  
ARG O    O  N N 17  
ARG CB   C  N N 18  
ARG CG   C  N N 19  
ARG CD   C  N N 20  
ARG NE   N  N N 21  
ARG CZ   C  N N 22  
ARG NH1  N  N N 23  
ARG NH2  N  N N 24  
ARG OXT  O  N N 25  
ARG H    H  N N 26  
ARG H2   H  N N 27  
ARG HA   H  N N 28  
ARG HB2  H  N N 29  
ARG HB3  H  N N 30  
ARG HG2  H  N N 31  
ARG HG3  H  N N 32  
ARG HD2  H  N N 33  
ARG HD3  H  N N 34  
ARG HE   H  N N 35  
ARG HH11 H  N N 36  
ARG HH12 H  N N 37  
ARG HH21 H  N N 38  
ARG HH22 H  N N 39  
ARG HXT  H  N N 40  
ASN N    N  N N 41  
ASN CA   C  N S 42  
ASN C    C  N N 43  
ASN O    O  N N 44  
ASN CB   C  N N 45  
ASN CG   C  N N 46  
ASN OD1  O  N N 47  
ASN ND2  N  N N 48  
ASN OXT  O  N N 49  
ASN H    H  N N 50  
ASN H2   H  N N 51  
ASN HA   H  N N 52  
ASN HB2  H  N N 53  
ASN HB3  H  N N 54  
ASN HD21 H  N N 55  
ASN HD22 H  N N 56  
ASN HXT  H  N N 57  
ASP N    N  N N 58  
ASP CA   C  N S 59  
ASP C    C  N N 60  
ASP O    O  N N 61  
ASP CB   C  N N 62  
ASP CG   C  N N 63  
ASP OD1  O  N N 64  
ASP OD2  O  N N 65  
ASP OXT  O  N N 66  
ASP H    H  N N 67  
ASP H2   H  N N 68  
ASP HA   H  N N 69  
ASP HB2  H  N N 70  
ASP HB3  H  N N 71  
ASP HD2  H  N N 72  
ASP HXT  H  N N 73  
CYS N    N  N N 74  
CYS CA   C  N R 75  
CYS C    C  N N 76  
CYS O    O  N N 77  
CYS CB   C  N N 78  
CYS SG   S  N N 79  
CYS OXT  O  N N 80  
CYS H    H  N N 81  
CYS H2   H  N N 82  
CYS HA   H  N N 83  
CYS HB2  H  N N 84  
CYS HB3  H  N N 85  
CYS HG   H  N N 86  
CYS HXT  H  N N 87  
GLN N    N  N N 88  
GLN CA   C  N S 89  
GLN C    C  N N 90  
GLN O    O  N N 91  
GLN CB   C  N N 92  
GLN CG   C  N N 93  
GLN CD   C  N N 94  
GLN OE1  O  N N 95  
GLN NE2  N  N N 96  
GLN OXT  O  N N 97  
GLN H    H  N N 98  
GLN H2   H  N N 99  
GLN HA   H  N N 100 
GLN HB2  H  N N 101 
GLN HB3  H  N N 102 
GLN HG2  H  N N 103 
GLN HG3  H  N N 104 
GLN HE21 H  N N 105 
GLN HE22 H  N N 106 
GLN HXT  H  N N 107 
GLU N    N  N N 108 
GLU CA   C  N S 109 
GLU C    C  N N 110 
GLU O    O  N N 111 
GLU CB   C  N N 112 
GLU CG   C  N N 113 
GLU CD   C  N N 114 
GLU OE1  O  N N 115 
GLU OE2  O  N N 116 
GLU OXT  O  N N 117 
GLU H    H  N N 118 
GLU H2   H  N N 119 
GLU HA   H  N N 120 
GLU HB2  H  N N 121 
GLU HB3  H  N N 122 
GLU HG2  H  N N 123 
GLU HG3  H  N N 124 
GLU HE2  H  N N 125 
GLU HXT  H  N N 126 
GLY N    N  N N 127 
GLY CA   C  N N 128 
GLY C    C  N N 129 
GLY O    O  N N 130 
GLY OXT  O  N N 131 
GLY H    H  N N 132 
GLY H2   H  N N 133 
GLY HA2  H  N N 134 
GLY HA3  H  N N 135 
GLY HXT  H  N N 136 
HIS N    N  N N 137 
HIS CA   C  N S 138 
HIS C    C  N N 139 
HIS O    O  N N 140 
HIS CB   C  N N 141 
HIS CG   C  Y N 142 
HIS ND1  N  Y N 143 
HIS CD2  C  Y N 144 
HIS CE1  C  Y N 145 
HIS NE2  N  Y N 146 
HIS OXT  O  N N 147 
HIS H    H  N N 148 
HIS H2   H  N N 149 
HIS HA   H  N N 150 
HIS HB2  H  N N 151 
HIS HB3  H  N N 152 
HIS HD1  H  N N 153 
HIS HD2  H  N N 154 
HIS HE1  H  N N 155 
HIS HE2  H  N N 156 
HIS HXT  H  N N 157 
HOH O    O  N N 158 
HOH H1   H  N N 159 
HOH H2   H  N N 160 
ILE N    N  N N 161 
ILE CA   C  N S 162 
ILE C    C  N N 163 
ILE O    O  N N 164 
ILE CB   C  N S 165 
ILE CG1  C  N N 166 
ILE CG2  C  N N 167 
ILE CD1  C  N N 168 
ILE OXT  O  N N 169 
ILE H    H  N N 170 
ILE H2   H  N N 171 
ILE HA   H  N N 172 
ILE HB   H  N N 173 
ILE HG12 H  N N 174 
ILE HG13 H  N N 175 
ILE HG21 H  N N 176 
ILE HG22 H  N N 177 
ILE HG23 H  N N 178 
ILE HD11 H  N N 179 
ILE HD12 H  N N 180 
ILE HD13 H  N N 181 
ILE HXT  H  N N 182 
LEU N    N  N N 183 
LEU CA   C  N S 184 
LEU C    C  N N 185 
LEU O    O  N N 186 
LEU CB   C  N N 187 
LEU CG   C  N N 188 
LEU CD1  C  N N 189 
LEU CD2  C  N N 190 
LEU OXT  O  N N 191 
LEU H    H  N N 192 
LEU H2   H  N N 193 
LEU HA   H  N N 194 
LEU HB2  H  N N 195 
LEU HB3  H  N N 196 
LEU HG   H  N N 197 
LEU HD11 H  N N 198 
LEU HD12 H  N N 199 
LEU HD13 H  N N 200 
LEU HD21 H  N N 201 
LEU HD22 H  N N 202 
LEU HD23 H  N N 203 
LEU HXT  H  N N 204 
LYS N    N  N N 205 
LYS CA   C  N S 206 
LYS C    C  N N 207 
LYS O    O  N N 208 
LYS CB   C  N N 209 
LYS CG   C  N N 210 
LYS CD   C  N N 211 
LYS CE   C  N N 212 
LYS NZ   N  N N 213 
LYS OXT  O  N N 214 
LYS H    H  N N 215 
LYS H2   H  N N 216 
LYS HA   H  N N 217 
LYS HB2  H  N N 218 
LYS HB3  H  N N 219 
LYS HG2  H  N N 220 
LYS HG3  H  N N 221 
LYS HD2  H  N N 222 
LYS HD3  H  N N 223 
LYS HE2  H  N N 224 
LYS HE3  H  N N 225 
LYS HZ1  H  N N 226 
LYS HZ2  H  N N 227 
LYS HZ3  H  N N 228 
LYS HXT  H  N N 229 
MET N    N  N N 230 
MET CA   C  N S 231 
MET C    C  N N 232 
MET O    O  N N 233 
MET CB   C  N N 234 
MET CG   C  N N 235 
MET SD   S  N N 236 
MET CE   C  N N 237 
MET OXT  O  N N 238 
MET H    H  N N 239 
MET H2   H  N N 240 
MET HA   H  N N 241 
MET HB2  H  N N 242 
MET HB3  H  N N 243 
MET HG2  H  N N 244 
MET HG3  H  N N 245 
MET HE1  H  N N 246 
MET HE2  H  N N 247 
MET HE3  H  N N 248 
MET HXT  H  N N 249 
PHE N    N  N N 250 
PHE CA   C  N S 251 
PHE C    C  N N 252 
PHE O    O  N N 253 
PHE CB   C  N N 254 
PHE CG   C  Y N 255 
PHE CD1  C  Y N 256 
PHE CD2  C  Y N 257 
PHE CE1  C  Y N 258 
PHE CE2  C  Y N 259 
PHE CZ   C  Y N 260 
PHE OXT  O  N N 261 
PHE H    H  N N 262 
PHE H2   H  N N 263 
PHE HA   H  N N 264 
PHE HB2  H  N N 265 
PHE HB3  H  N N 266 
PHE HD1  H  N N 267 
PHE HD2  H  N N 268 
PHE HE1  H  N N 269 
PHE HE2  H  N N 270 
PHE HZ   H  N N 271 
PHE HXT  H  N N 272 
PRO N    N  N N 273 
PRO CA   C  N S 274 
PRO C    C  N N 275 
PRO O    O  N N 276 
PRO CB   C  N N 277 
PRO CG   C  N N 278 
PRO CD   C  N N 279 
PRO OXT  O  N N 280 
PRO H    H  N N 281 
PRO HA   H  N N 282 
PRO HB2  H  N N 283 
PRO HB3  H  N N 284 
PRO HG2  H  N N 285 
PRO HG3  H  N N 286 
PRO HD2  H  N N 287 
PRO HD3  H  N N 288 
PRO HXT  H  N N 289 
SER N    N  N N 290 
SER CA   C  N S 291 
SER C    C  N N 292 
SER O    O  N N 293 
SER CB   C  N N 294 
SER OG   O  N N 295 
SER OXT  O  N N 296 
SER H    H  N N 297 
SER H2   H  N N 298 
SER HA   H  N N 299 
SER HB2  H  N N 300 
SER HB3  H  N N 301 
SER HG   H  N N 302 
SER HXT  H  N N 303 
THR N    N  N N 304 
THR CA   C  N S 305 
THR C    C  N N 306 
THR O    O  N N 307 
THR CB   C  N R 308 
THR OG1  O  N N 309 
THR CG2  C  N N 310 
THR OXT  O  N N 311 
THR H    H  N N 312 
THR H2   H  N N 313 
THR HA   H  N N 314 
THR HB   H  N N 315 
THR HG1  H  N N 316 
THR HG21 H  N N 317 
THR HG22 H  N N 318 
THR HG23 H  N N 319 
THR HXT  H  N N 320 
TRP N    N  N N 321 
TRP CA   C  N S 322 
TRP C    C  N N 323 
TRP O    O  N N 324 
TRP CB   C  N N 325 
TRP CG   C  Y N 326 
TRP CD1  C  Y N 327 
TRP CD2  C  Y N 328 
TRP NE1  N  Y N 329 
TRP CE2  C  Y N 330 
TRP CE3  C  Y N 331 
TRP CZ2  C  Y N 332 
TRP CZ3  C  Y N 333 
TRP CH2  C  Y N 334 
TRP OXT  O  N N 335 
TRP H    H  N N 336 
TRP H2   H  N N 337 
TRP HA   H  N N 338 
TRP HB2  H  N N 339 
TRP HB3  H  N N 340 
TRP HD1  H  N N 341 
TRP HE1  H  N N 342 
TRP HE3  H  N N 343 
TRP HZ2  H  N N 344 
TRP HZ3  H  N N 345 
TRP HH2  H  N N 346 
TRP HXT  H  N N 347 
TYR N    N  N N 348 
TYR CA   C  N S 349 
TYR C    C  N N 350 
TYR O    O  N N 351 
TYR CB   C  N N 352 
TYR CG   C  Y N 353 
TYR CD1  C  Y N 354 
TYR CD2  C  Y N 355 
TYR CE1  C  Y N 356 
TYR CE2  C  Y N 357 
TYR CZ   C  Y N 358 
TYR OH   O  N N 359 
TYR OXT  O  N N 360 
TYR H    H  N N 361 
TYR H2   H  N N 362 
TYR HA   H  N N 363 
TYR HB2  H  N N 364 
TYR HB3  H  N N 365 
TYR HD1  H  N N 366 
TYR HD2  H  N N 367 
TYR HE1  H  N N 368 
TYR HE2  H  N N 369 
TYR HH   H  N N 370 
TYR HXT  H  N N 371 
VAL N    N  N N 372 
VAL CA   C  N S 373 
VAL C    C  N N 374 
VAL O    O  N N 375 
VAL CB   C  N N 376 
VAL CG1  C  N N 377 
VAL CG2  C  N N 378 
VAL OXT  O  N N 379 
VAL H    H  N N 380 
VAL H2   H  N N 381 
VAL HA   H  N N 382 
VAL HB   H  N N 383 
VAL HG11 H  N N 384 
VAL HG12 H  N N 385 
VAL HG13 H  N N 386 
VAL HG21 H  N N 387 
VAL HG22 H  N N 388 
VAL HG23 H  N N 389 
VAL HXT  H  N N 390 
ZN  ZN   ZN N N 391 
# 
loop_
_chem_comp_bond.comp_id 
_chem_comp_bond.atom_id_1 
_chem_comp_bond.atom_id_2 
_chem_comp_bond.value_order 
_chem_comp_bond.pdbx_aromatic_flag 
_chem_comp_bond.pdbx_stereo_config 
_chem_comp_bond.pdbx_ordinal 
ALA N   CA   sing N N 1   
ALA N   H    sing N N 2   
ALA N   H2   sing N N 3   
ALA CA  C    sing N N 4   
ALA CA  CB   sing N N 5   
ALA CA  HA   sing N N 6   
ALA C   O    doub N N 7   
ALA C   OXT  sing N N 8   
ALA CB  HB1  sing N N 9   
ALA CB  HB2  sing N N 10  
ALA CB  HB3  sing N N 11  
ALA OXT HXT  sing N N 12  
ARG N   CA   sing N N 13  
ARG N   H    sing N N 14  
ARG N   H2   sing N N 15  
ARG CA  C    sing N N 16  
ARG CA  CB   sing N N 17  
ARG CA  HA   sing N N 18  
ARG C   O    doub N N 19  
ARG C   OXT  sing N N 20  
ARG CB  CG   sing N N 21  
ARG CB  HB2  sing N N 22  
ARG CB  HB3  sing N N 23  
ARG CG  CD   sing N N 24  
ARG CG  HG2  sing N N 25  
ARG CG  HG3  sing N N 26  
ARG CD  NE   sing N N 27  
ARG CD  HD2  sing N N 28  
ARG CD  HD3  sing N N 29  
ARG NE  CZ   sing N N 30  
ARG NE  HE   sing N N 31  
ARG CZ  NH1  sing N N 32  
ARG CZ  NH2  doub N N 33  
ARG NH1 HH11 sing N N 34  
ARG NH1 HH12 sing N N 35  
ARG NH2 HH21 sing N N 36  
ARG NH2 HH22 sing N N 37  
ARG OXT HXT  sing N N 38  
ASN N   CA   sing N N 39  
ASN N   H    sing N N 40  
ASN N   H2   sing N N 41  
ASN CA  C    sing N N 42  
ASN CA  CB   sing N N 43  
ASN CA  HA   sing N N 44  
ASN C   O    doub N N 45  
ASN C   OXT  sing N N 46  
ASN CB  CG   sing N N 47  
ASN CB  HB2  sing N N 48  
ASN CB  HB3  sing N N 49  
ASN CG  OD1  doub N N 50  
ASN CG  ND2  sing N N 51  
ASN ND2 HD21 sing N N 52  
ASN ND2 HD22 sing N N 53  
ASN OXT HXT  sing N N 54  
ASP N   CA   sing N N 55  
ASP N   H    sing N N 56  
ASP N   H2   sing N N 57  
ASP CA  C    sing N N 58  
ASP CA  CB   sing N N 59  
ASP CA  HA   sing N N 60  
ASP C   O    doub N N 61  
ASP C   OXT  sing N N 62  
ASP CB  CG   sing N N 63  
ASP CB  HB2  sing N N 64  
ASP CB  HB3  sing N N 65  
ASP CG  OD1  doub N N 66  
ASP CG  OD2  sing N N 67  
ASP OD2 HD2  sing N N 68  
ASP OXT HXT  sing N N 69  
CYS N   CA   sing N N 70  
CYS N   H    sing N N 71  
CYS N   H2   sing N N 72  
CYS CA  C    sing N N 73  
CYS CA  CB   sing N N 74  
CYS CA  HA   sing N N 75  
CYS C   O    doub N N 76  
CYS C   OXT  sing N N 77  
CYS CB  SG   sing N N 78  
CYS CB  HB2  sing N N 79  
CYS CB  HB3  sing N N 80  
CYS SG  HG   sing N N 81  
CYS OXT HXT  sing N N 82  
GLN N   CA   sing N N 83  
GLN N   H    sing N N 84  
GLN N   H2   sing N N 85  
GLN CA  C    sing N N 86  
GLN CA  CB   sing N N 87  
GLN CA  HA   sing N N 88  
GLN C   O    doub N N 89  
GLN C   OXT  sing N N 90  
GLN CB  CG   sing N N 91  
GLN CB  HB2  sing N N 92  
GLN CB  HB3  sing N N 93  
GLN CG  CD   sing N N 94  
GLN CG  HG2  sing N N 95  
GLN CG  HG3  sing N N 96  
GLN CD  OE1  doub N N 97  
GLN CD  NE2  sing N N 98  
GLN NE2 HE21 sing N N 99  
GLN NE2 HE22 sing N N 100 
GLN OXT HXT  sing N N 101 
GLU N   CA   sing N N 102 
GLU N   H    sing N N 103 
GLU N   H2   sing N N 104 
GLU CA  C    sing N N 105 
GLU CA  CB   sing N N 106 
GLU CA  HA   sing N N 107 
GLU C   O    doub N N 108 
GLU C   OXT  sing N N 109 
GLU CB  CG   sing N N 110 
GLU CB  HB2  sing N N 111 
GLU CB  HB3  sing N N 112 
GLU CG  CD   sing N N 113 
GLU CG  HG2  sing N N 114 
GLU CG  HG3  sing N N 115 
GLU CD  OE1  doub N N 116 
GLU CD  OE2  sing N N 117 
GLU OE2 HE2  sing N N 118 
GLU OXT HXT  sing N N 119 
GLY N   CA   sing N N 120 
GLY N   H    sing N N 121 
GLY N   H2   sing N N 122 
GLY CA  C    sing N N 123 
GLY CA  HA2  sing N N 124 
GLY CA  HA3  sing N N 125 
GLY C   O    doub N N 126 
GLY C   OXT  sing N N 127 
GLY OXT HXT  sing N N 128 
HIS N   CA   sing N N 129 
HIS N   H    sing N N 130 
HIS N   H2   sing N N 131 
HIS CA  C    sing N N 132 
HIS CA  CB   sing N N 133 
HIS CA  HA   sing N N 134 
HIS C   O    doub N N 135 
HIS C   OXT  sing N N 136 
HIS CB  CG   sing N N 137 
HIS CB  HB2  sing N N 138 
HIS CB  HB3  sing N N 139 
HIS CG  ND1  sing Y N 140 
HIS CG  CD2  doub Y N 141 
HIS ND1 CE1  doub Y N 142 
HIS ND1 HD1  sing N N 143 
HIS CD2 NE2  sing Y N 144 
HIS CD2 HD2  sing N N 145 
HIS CE1 NE2  sing Y N 146 
HIS CE1 HE1  sing N N 147 
HIS NE2 HE2  sing N N 148 
HIS OXT HXT  sing N N 149 
HOH O   H1   sing N N 150 
HOH O   H2   sing N N 151 
ILE N   CA   sing N N 152 
ILE N   H    sing N N 153 
ILE N   H2   sing N N 154 
ILE CA  C    sing N N 155 
ILE CA  CB   sing N N 156 
ILE CA  HA   sing N N 157 
ILE C   O    doub N N 158 
ILE C   OXT  sing N N 159 
ILE CB  CG1  sing N N 160 
ILE CB  CG2  sing N N 161 
ILE CB  HB   sing N N 162 
ILE CG1 CD1  sing N N 163 
ILE CG1 HG12 sing N N 164 
ILE CG1 HG13 sing N N 165 
ILE CG2 HG21 sing N N 166 
ILE CG2 HG22 sing N N 167 
ILE CG2 HG23 sing N N 168 
ILE CD1 HD11 sing N N 169 
ILE CD1 HD12 sing N N 170 
ILE CD1 HD13 sing N N 171 
ILE OXT HXT  sing N N 172 
LEU N   CA   sing N N 173 
LEU N   H    sing N N 174 
LEU N   H2   sing N N 175 
LEU CA  C    sing N N 176 
LEU CA  CB   sing N N 177 
LEU CA  HA   sing N N 178 
LEU C   O    doub N N 179 
LEU C   OXT  sing N N 180 
LEU CB  CG   sing N N 181 
LEU CB  HB2  sing N N 182 
LEU CB  HB3  sing N N 183 
LEU CG  CD1  sing N N 184 
LEU CG  CD2  sing N N 185 
LEU CG  HG   sing N N 186 
LEU CD1 HD11 sing N N 187 
LEU CD1 HD12 sing N N 188 
LEU CD1 HD13 sing N N 189 
LEU CD2 HD21 sing N N 190 
LEU CD2 HD22 sing N N 191 
LEU CD2 HD23 sing N N 192 
LEU OXT HXT  sing N N 193 
LYS N   CA   sing N N 194 
LYS N   H    sing N N 195 
LYS N   H2   sing N N 196 
LYS CA  C    sing N N 197 
LYS CA  CB   sing N N 198 
LYS CA  HA   sing N N 199 
LYS C   O    doub N N 200 
LYS C   OXT  sing N N 201 
LYS CB  CG   sing N N 202 
LYS CB  HB2  sing N N 203 
LYS CB  HB3  sing N N 204 
LYS CG  CD   sing N N 205 
LYS CG  HG2  sing N N 206 
LYS CG  HG3  sing N N 207 
LYS CD  CE   sing N N 208 
LYS CD  HD2  sing N N 209 
LYS CD  HD3  sing N N 210 
LYS CE  NZ   sing N N 211 
LYS CE  HE2  sing N N 212 
LYS CE  HE3  sing N N 213 
LYS NZ  HZ1  sing N N 214 
LYS NZ  HZ2  sing N N 215 
LYS NZ  HZ3  sing N N 216 
LYS OXT HXT  sing N N 217 
MET N   CA   sing N N 218 
MET N   H    sing N N 219 
MET N   H2   sing N N 220 
MET CA  C    sing N N 221 
MET CA  CB   sing N N 222 
MET CA  HA   sing N N 223 
MET C   O    doub N N 224 
MET C   OXT  sing N N 225 
MET CB  CG   sing N N 226 
MET CB  HB2  sing N N 227 
MET CB  HB3  sing N N 228 
MET CG  SD   sing N N 229 
MET CG  HG2  sing N N 230 
MET CG  HG3  sing N N 231 
MET SD  CE   sing N N 232 
MET CE  HE1  sing N N 233 
MET CE  HE2  sing N N 234 
MET CE  HE3  sing N N 235 
MET OXT HXT  sing N N 236 
PHE N   CA   sing N N 237 
PHE N   H    sing N N 238 
PHE N   H2   sing N N 239 
PHE CA  C    sing N N 240 
PHE CA  CB   sing N N 241 
PHE CA  HA   sing N N 242 
PHE C   O    doub N N 243 
PHE C   OXT  sing N N 244 
PHE CB  CG   sing N N 245 
PHE CB  HB2  sing N N 246 
PHE CB  HB3  sing N N 247 
PHE CG  CD1  doub Y N 248 
PHE CG  CD2  sing Y N 249 
PHE CD1 CE1  sing Y N 250 
PHE CD1 HD1  sing N N 251 
PHE CD2 CE2  doub Y N 252 
PHE CD2 HD2  sing N N 253 
PHE CE1 CZ   doub Y N 254 
PHE CE1 HE1  sing N N 255 
PHE CE2 CZ   sing Y N 256 
PHE CE2 HE2  sing N N 257 
PHE CZ  HZ   sing N N 258 
PHE OXT HXT  sing N N 259 
PRO N   CA   sing N N 260 
PRO N   CD   sing N N 261 
PRO N   H    sing N N 262 
PRO CA  C    sing N N 263 
PRO CA  CB   sing N N 264 
PRO CA  HA   sing N N 265 
PRO C   O    doub N N 266 
PRO C   OXT  sing N N 267 
PRO CB  CG   sing N N 268 
PRO CB  HB2  sing N N 269 
PRO CB  HB3  sing N N 270 
PRO CG  CD   sing N N 271 
PRO CG  HG2  sing N N 272 
PRO CG  HG3  sing N N 273 
PRO CD  HD2  sing N N 274 
PRO CD  HD3  sing N N 275 
PRO OXT HXT  sing N N 276 
SER N   CA   sing N N 277 
SER N   H    sing N N 278 
SER N   H2   sing N N 279 
SER CA  C    sing N N 280 
SER CA  CB   sing N N 281 
SER CA  HA   sing N N 282 
SER C   O    doub N N 283 
SER C   OXT  sing N N 284 
SER CB  OG   sing N N 285 
SER CB  HB2  sing N N 286 
SER CB  HB3  sing N N 287 
SER OG  HG   sing N N 288 
SER OXT HXT  sing N N 289 
THR N   CA   sing N N 290 
THR N   H    sing N N 291 
THR N   H2   sing N N 292 
THR CA  C    sing N N 293 
THR CA  CB   sing N N 294 
THR CA  HA   sing N N 295 
THR C   O    doub N N 296 
THR C   OXT  sing N N 297 
THR CB  OG1  sing N N 298 
THR CB  CG2  sing N N 299 
THR CB  HB   sing N N 300 
THR OG1 HG1  sing N N 301 
THR CG2 HG21 sing N N 302 
THR CG2 HG22 sing N N 303 
THR CG2 HG23 sing N N 304 
THR OXT HXT  sing N N 305 
TRP N   CA   sing N N 306 
TRP N   H    sing N N 307 
TRP N   H2   sing N N 308 
TRP CA  C    sing N N 309 
TRP CA  CB   sing N N 310 
TRP CA  HA   sing N N 311 
TRP C   O    doub N N 312 
TRP C   OXT  sing N N 313 
TRP CB  CG   sing N N 314 
TRP CB  HB2  sing N N 315 
TRP CB  HB3  sing N N 316 
TRP CG  CD1  doub Y N 317 
TRP CG  CD2  sing Y N 318 
TRP CD1 NE1  sing Y N 319 
TRP CD1 HD1  sing N N 320 
TRP CD2 CE2  doub Y N 321 
TRP CD2 CE3  sing Y N 322 
TRP NE1 CE2  sing Y N 323 
TRP NE1 HE1  sing N N 324 
TRP CE2 CZ2  sing Y N 325 
TRP CE3 CZ3  doub Y N 326 
TRP CE3 HE3  sing N N 327 
TRP CZ2 CH2  doub Y N 328 
TRP CZ2 HZ2  sing N N 329 
TRP CZ3 CH2  sing Y N 330 
TRP CZ3 HZ3  sing N N 331 
TRP CH2 HH2  sing N N 332 
TRP OXT HXT  sing N N 333 
TYR N   CA   sing N N 334 
TYR N   H    sing N N 335 
TYR N   H2   sing N N 336 
TYR CA  C    sing N N 337 
TYR CA  CB   sing N N 338 
TYR CA  HA   sing N N 339 
TYR C   O    doub N N 340 
TYR C   OXT  sing N N 341 
TYR CB  CG   sing N N 342 
TYR CB  HB2  sing N N 343 
TYR CB  HB3  sing N N 344 
TYR CG  CD1  doub Y N 345 
TYR CG  CD2  sing Y N 346 
TYR CD1 CE1  sing Y N 347 
TYR CD1 HD1  sing N N 348 
TYR CD2 CE2  doub Y N 349 
TYR CD2 HD2  sing N N 350 
TYR CE1 CZ   doub Y N 351 
TYR CE1 HE1  sing N N 352 
TYR CE2 CZ   sing Y N 353 
TYR CE2 HE2  sing N N 354 
TYR CZ  OH   sing N N 355 
TYR OH  HH   sing N N 356 
TYR OXT HXT  sing N N 357 
VAL N   CA   sing N N 358 
VAL N   H    sing N N 359 
VAL N   H2   sing N N 360 
VAL CA  C    sing N N 361 
VAL CA  CB   sing N N 362 
VAL CA  HA   sing N N 363 
VAL C   O    doub N N 364 
VAL C   OXT  sing N N 365 
VAL CB  CG1  sing N N 366 
VAL CB  CG2  sing N N 367 
VAL CB  HB   sing N N 368 
VAL CG1 HG11 sing N N 369 
VAL CG1 HG12 sing N N 370 
VAL CG1 HG13 sing N N 371 
VAL CG2 HG21 sing N N 372 
VAL CG2 HG22 sing N N 373 
VAL CG2 HG23 sing N N 374 
VAL OXT HXT  sing N N 375 
# 
_pdbx_initial_refinement_model.accession_code   ? 
_pdbx_initial_refinement_model.id               1 
_pdbx_initial_refinement_model.entity_id_list   ? 
_pdbx_initial_refinement_model.type             'experimental model' 
_pdbx_initial_refinement_model.source_name      Other 
_pdbx_initial_refinement_model.details          'RIG-I CTD' 
# 
_atom_sites.entry_id                    3GA3 
_atom_sites.fract_transf_matrix[1][1]   0.02986334 
_atom_sites.fract_transf_matrix[1][2]   0.01983960 
_atom_sites.fract_transf_matrix[1][3]   -0.00390412 
_atom_sites.fract_transf_matrix[2][1]   -0.00855957 
_atom_sites.fract_transf_matrix[2][2]   0.01356833 
_atom_sites.fract_transf_matrix[2][3]   0.00347655 
_atom_sites.fract_transf_matrix[3][1]   0.01072287 
_atom_sites.fract_transf_matrix[3][2]   0.00010531 
_atom_sites.fract_transf_matrix[3][3]   0.02598966 
_atom_sites.fract_transf_vector[1]      0.290710 
_atom_sites.fract_transf_vector[2]      0.029910 
_atom_sites.fract_transf_vector[3]      0.261130 
# 
loop_
_atom_type.symbol 
C  
N  
O  
S  
ZN 
# 
loop_
_atom_site.group_PDB 
_atom_site.id 
_atom_site.type_symbol 
_atom_site.label_atom_id 
_atom_site.label_alt_id 
_atom_site.label_comp_id 
_atom_site.label_asym_id 
_atom_site.label_entity_id 
_atom_site.label_seq_id 
_atom_site.pdbx_PDB_ins_code 
_atom_site.Cartn_x 
_atom_site.Cartn_y 
_atom_site.Cartn_z 
_atom_site.occupancy 
_atom_site.B_iso_or_equiv 
_atom_site.pdbx_formal_charge 
_atom_site.auth_seq_id 
_atom_site.auth_comp_id 
_atom_site.auth_asym_id 
_atom_site.auth_atom_id 
_atom_site.pdbx_PDB_model_num 
ATOM   1    N  N   . ALA A 1 1   ? -4.879  6.397   17.579  1.00 19.95 ? 893  ALA A N   1 
ATOM   2    C  CA  . ALA A 1 1   ? -3.669  6.852   16.808  1.00 18.63 ? 893  ALA A CA  1 
ATOM   3    C  C   . ALA A 1 1   ? -2.698  7.687   17.632  1.00 16.45 ? 893  ALA A C   1 
ATOM   4    O  O   . ALA A 1 1   ? -1.512  7.719   17.344  1.00 14.67 ? 893  ALA A O   1 
ATOM   5    C  CB  . ALA A 1 1   ? -4.093  7.653   15.581  1.00 21.64 ? 893  ALA A CB  1 
ATOM   6    N  N   . LYS A 1 2   ? -3.179  8.350   18.671  1.00 17.93 ? 894  LYS A N   1 
ATOM   7    C  CA  . LYS A 1 2   ? -2.267  9.190   19.419  1.00 18.16 ? 894  LYS A CA  1 
ATOM   8    C  C   . LYS A 1 2   ? -1.130  8.442   20.114  1.00 15.36 ? 894  LYS A C   1 
ATOM   9    O  O   . LYS A 1 2   ? -0.102  9.050   20.411  1.00 17.50 ? 894  LYS A O   1 
ATOM   10   C  CB  . LYS A 1 2   ? -3.010  10.070  20.415  1.00 20.75 ? 894  LYS A CB  1 
ATOM   11   C  CG  . LYS A 1 2   ? -3.747  9.329   21.505  1.00 20.56 ? 894  LYS A CG  1 
ATOM   12   C  CD  . LYS A 1 2   ? -4.404  10.324  22.423  1.00 24.25 ? 894  LYS A CD  1 
ATOM   13   C  CE  . LYS A 1 2   ? -5.109  9.657   23.553  1.00 22.96 ? 894  LYS A CE  1 
ATOM   14   N  NZ  . LYS A 1 2   ? -5.484  10.669  24.597  1.00 27.81 ? 894  LYS A NZ  1 
ATOM   15   N  N   . HIS A 1 3   ? -1.287  7.138   20.370  1.00 12.42 ? 895  HIS A N   1 
ATOM   16   C  CA  . HIS A 1 3   ? -0.193  6.392   20.998  1.00 11.07 ? 895  HIS A CA  1 
ATOM   17   C  C   . HIS A 1 3   ? 0.569   5.531   20.017  1.00 10.19 ? 895  HIS A C   1 
ATOM   18   O  O   . HIS A 1 3   ? 1.434   4.776   20.398  1.00 11.15 ? 895  HIS A O   1 
ATOM   19   C  CB  . HIS A 1 3   ? -0.707  5.571   22.176  1.00 9.69  ? 895  HIS A CB  1 
ATOM   20   C  CG  . HIS A 1 3   ? -1.217  6.440   23.275  1.00 10.78 ? 895  HIS A CG  1 
ATOM   21   N  ND1 . HIS A 1 3   ? -0.411  7.353   23.912  1.00 11.75 ? 895  HIS A ND1 1 
ATOM   22   C  CD2 . HIS A 1 3   ? -2.467  6.628   23.762  1.00 12.92 ? 895  HIS A CD2 1 
ATOM   23   C  CE1 . HIS A 1 3   ? -1.140  8.071   24.750  1.00 12.61 ? 895  HIS A CE1 1 
ATOM   24   N  NE2 . HIS A 1 3   ? -2.392  7.650   24.676  1.00 11.28 ? 895  HIS A NE2 1 
ATOM   25   N  N   . TYR A 1 4   ? 0.254   5.681   18.741  1.00 11.02 ? 896  TYR A N   1 
ATOM   26   C  CA  . TYR A 1 4   ? 0.945   4.930   17.695  1.00 9.56  ? 896  TYR A CA  1 
ATOM   27   C  C   . TYR A 1 4   ? 2.397   5.364   17.531  1.00 10.79 ? 896  TYR A C   1 
ATOM   28   O  O   . TYR A 1 4   ? 2.769   6.469   17.925  1.00 12.71 ? 896  TYR A O   1 
ATOM   29   C  CB  . TYR A 1 4   ? 0.233   5.131   16.340  1.00 11.50 ? 896  TYR A CB  1 
ATOM   30   C  CG  . TYR A 1 4   ? -1.104  4.405   16.186  1.00 10.84 ? 896  TYR A CG  1 
ATOM   31   C  CD1 . TYR A 1 4   ? -1.765  3.841   17.284  1.00 11.84 ? 896  TYR A CD1 1 
ATOM   32   C  CD2 . TYR A 1 4   ? -1.720  4.313   14.937  1.00 10.72 ? 896  TYR A CD2 1 
ATOM   33   C  CE1 . TYR A 1 4   ? -3.021  3.207   17.124  1.00 11.82 ? 896  TYR A CE1 1 
ATOM   34   C  CE2 . TYR A 1 4   ? -2.950  3.686   14.772  1.00 11.48 ? 896  TYR A CE2 1 
ATOM   35   C  CZ  . TYR A 1 4   ? -3.591  3.138   15.865  1.00 12.25 ? 896  TYR A CZ  1 
ATOM   36   O  OH  . TYR A 1 4   ? -4.795  2.476   15.721  1.00 15.60 ? 896  TYR A OH  1 
ATOM   37   N  N   . LYS A 1 5   ? 3.208   4.508   16.926  1.00 12.17 ? 897  LYS A N   1 
ATOM   38   C  CA  . LYS A 1 5   ? 4.605   4.846   16.663  1.00 11.19 ? 897  LYS A CA  1 
ATOM   39   C  C   . LYS A 1 5   ? 4.704   5.452   15.277  1.00 13.57 ? 897  LYS A C   1 
ATOM   40   O  O   . LYS A 1 5   ? 4.205   4.867   14.304  1.00 12.56 ? 897  LYS A O   1 
ATOM   41   C  CB  . LYS A 1 5   ? 5.487   3.604   16.727  1.00 11.98 ? 897  LYS A CB  1 
ATOM   42   C  CG  . LYS A 1 5   ? 5.655   3.094   18.133  1.00 13.28 ? 897  LYS A CG  1 
ATOM   43   C  CD  . LYS A 1 5   ? 6.450   1.814   18.167  1.00 15.10 ? 897  LYS A CD  1 
ATOM   44   C  CE  . LYS A 1 5   ? 6.564   1.323   19.610  1.00 19.93 ? 897  LYS A CE  1 
ATOM   45   N  NZ  . LYS A 1 5   ? 7.327   0.059   19.719  1.00 26.98 ? 897  LYS A NZ  1 
ATOM   46   N  N   . ASN A 1 6   ? 5.335   6.613   15.159  1.00 14.98 ? 898  ASN A N   1 
ATOM   47   C  CA  . ASN A 1 6   ? 5.472   7.233   13.849  1.00 16.36 ? 898  ASN A CA  1 
ATOM   48   C  C   . ASN A 1 6   ? 6.799   6.843   13.259  1.00 16.78 ? 898  ASN A C   1 
ATOM   49   O  O   . ASN A 1 6   ? 7.549   7.682   12.765  1.00 21.48 ? 898  ASN A O   1 
ATOM   50   C  CB  . ASN A 1 6   ? 5.325   8.765   13.914  1.00 19.47 ? 898  ASN A CB  1 
ATOM   51   C  CG  . ASN A 1 6   ? 6.433   9.449   14.657  1.00 23.18 ? 898  ASN A CG  1 
ATOM   52   O  OD1 . ASN A 1 6   ? 6.657   10.660  14.462  1.00 24.66 ? 898  ASN A OD1 1 
ATOM   53   N  ND2 . ASN A 1 6   ? 7.113   8.723   15.529  1.00 23.50 ? 898  ASN A ND2 1 
ATOM   54   N  N   . ASN A 1 7   ? 7.042   5.538   13.268  1.00 13.20 ? 899  ASN A N   1 
ATOM   55   C  CA  . ASN A 1 7   ? 8.298   4.958   12.776  1.00 12.86 ? 899  ASN A CA  1 
ATOM   56   C  C   . ASN A 1 7   ? 7.980   3.763   11.864  1.00 12.76 ? 899  ASN A C   1 
ATOM   57   O  O   . ASN A 1 7   ? 8.097   2.619   12.277  1.00 12.42 ? 899  ASN A O   1 
ATOM   58   C  CB  . ASN A 1 7   ? 9.113   4.491   13.992  1.00 14.30 ? 899  ASN A CB  1 
ATOM   59   C  CG  . ASN A 1 7   ? 10.477  3.970   13.630  1.00 16.76 ? 899  ASN A CG  1 
ATOM   60   O  OD1 . ASN A 1 7   ? 11.195  3.463   14.496  1.00 18.10 ? 899  ASN A OD1 1 
ATOM   61   N  ND2 . ASN A 1 7   ? 10.843  4.082   12.368  1.00 13.65 ? 899  ASN A ND2 1 
ATOM   62   N  N   . PRO A 1 8   ? 7.590   4.027   10.608  1.00 11.38 ? 900  PRO A N   1 
ATOM   63   C  CA  . PRO A 1 8   ? 7.269   2.920   9.695   1.00 12.39 ? 900  PRO A CA  1 
ATOM   64   C  C   . PRO A 1 8   ? 8.421   1.951   9.423   1.00 11.97 ? 900  PRO A C   1 
ATOM   65   O  O   . PRO A 1 8   ? 8.171   0.807   9.022   1.00 12.82 ? 900  PRO A O   1 
ATOM   66   C  CB  . PRO A 1 8   ? 6.829   3.632   8.417   1.00 13.08 ? 900  PRO A CB  1 
ATOM   67   C  CG  . PRO A 1 8   ? 6.286   4.945   8.916   1.00 13.78 ? 900  PRO A CG  1 
ATOM   68   C  CD  . PRO A 1 8   ? 7.291   5.321   9.972   1.00 11.28 ? 900  PRO A CD  1 
ATOM   69   N  N   . SER A 1 9   ? 9.665   2.380   9.632   1.00 12.21 ? 901  SER A N   1 
ATOM   70   C  CA  . SER A 1 9   ? 10.801  1.475   9.390   1.00 12.47 ? 901  SER A CA  1 
ATOM   71   C  C   . SER A 1 9   ? 10.795  0.253   10.302  1.00 13.48 ? 901  SER A C   1 
ATOM   72   O  O   . SER A 1 9   ? 11.520  -0.706  10.039  1.00 14.40 ? 901  SER A O   1 
ATOM   73   C  CB  . SER A 1 9   ? 12.149  2.203   9.564   1.00 15.99 ? 901  SER A CB  1 
ATOM   74   O  OG  . SER A 1 9   ? 12.423  2.508   10.924  1.00 19.68 ? 901  SER A OG  1 
ATOM   75   N  N   . LEU A 1 10  ? 9.989   0.261   11.364  1.00 12.53 ? 902  LEU A N   1 
ATOM   76   C  CA  . LEU A 1 10  ? 9.931   -0.874  12.275  1.00 14.12 ? 902  LEU A CA  1 
ATOM   77   C  C   . LEU A 1 10  ? 9.265   -2.100  11.688  1.00 13.66 ? 902  LEU A C   1 
ATOM   78   O  O   . LEU A 1 10  ? 9.395   -3.201  12.236  1.00 14.56 ? 902  LEU A O   1 
ATOM   79   C  CB  . LEU A 1 10  ? 9.154   -0.529  13.546  1.00 14.50 ? 902  LEU A CB  1 
ATOM   80   C  CG  . LEU A 1 10  ? 9.720   0.499   14.508  1.00 19.74 ? 902  LEU A CG  1 
ATOM   81   C  CD1 . LEU A 1 10  ? 8.639   0.940   15.480  1.00 22.24 ? 902  LEU A CD1 1 
ATOM   82   C  CD2 . LEU A 1 10  ? 10.924  -0.103  15.236  1.00 21.77 ? 902  LEU A CD2 1 
ATOM   83   N  N   . ILE A 1 11  ? 8.512   -1.925  10.608  1.00 12.62 ? 903  ILE A N   1 
ATOM   84   C  CA  . ILE A 1 11  ? 7.792   -3.058  10.041  1.00 12.93 ? 903  ILE A CA  1 
ATOM   85   C  C   . ILE A 1 11  ? 8.097   -3.383  8.590   1.00 11.05 ? 903  ILE A C   1 
ATOM   86   O  O   . ILE A 1 11  ? 8.584   -2.539  7.832   1.00 11.98 ? 903  ILE A O   1 
ATOM   87   C  CB  . ILE A 1 11  ? 6.263   -2.853  10.185  1.00 13.62 ? 903  ILE A CB  1 
ATOM   88   C  CG1 . ILE A 1 11  ? 5.819   -1.640  9.378   1.00 13.41 ? 903  ILE A CG1 1 
ATOM   89   C  CG2 . ILE A 1 11  ? 5.896   -2.690  11.671  1.00 17.10 ? 903  ILE A CG2 1 
ATOM   90   C  CD1 . ILE A 1 11  ? 4.326   -1.367  9.413   1.00 13.74 ? 903  ILE A CD1 1 
ATOM   91   N  N   . THR A 1 12  ? 7.819   -4.643  8.242   1.00 11.95 ? 904  THR A N   1 
ATOM   92   C  CA  . THR A 1 12  ? 7.957   -5.131  6.873   1.00 12.50 ? 904  THR A CA  1 
ATOM   93   C  C   . THR A 1 12  ? 6.673   -5.881  6.561   1.00 13.36 ? 904  THR A C   1 
ATOM   94   O  O   . THR A 1 12  ? 6.034   -6.439  7.457   1.00 14.97 ? 904  THR A O   1 
ATOM   95   C  CB  . THR A 1 12  ? 9.157   -6.080  6.718   1.00 15.08 ? 904  THR A CB  1 
ATOM   96   O  OG1 . THR A 1 12  ? 9.039   -7.143  7.651   1.00 19.78 ? 904  THR A OG1 1 
ATOM   97   C  CG2 . THR A 1 12  ? 10.441  -5.353  7.016   1.00 18.32 ? 904  THR A CG2 1 
ATOM   98   N  N   . PHE A 1 13  ? 6.278   -5.861  5.296   1.00 11.68 ? 905  PHE A N   1 
ATOM   99   C  CA  . PHE A 1 13  ? 5.077   -6.550  4.847   1.00 11.85 ? 905  PHE A CA  1 
ATOM   100  C  C   . PHE A 1 13  ? 5.444   -7.730  3.958   1.00 10.72 ? 905  PHE A C   1 
ATOM   101  O  O   . PHE A 1 13  ? 6.202   -7.565  2.992   1.00 12.36 ? 905  PHE A O   1 
ATOM   102  C  CB  . PHE A 1 13  ? 4.184   -5.608  4.033   1.00 10.98 ? 905  PHE A CB  1 
ATOM   103  C  CG  . PHE A 1 13  ? 3.641   -4.462  4.822   1.00 11.66 ? 905  PHE A CG  1 
ATOM   104  C  CD1 . PHE A 1 13  ? 4.409   -3.322  5.023   1.00 11.84 ? 905  PHE A CD1 1 
ATOM   105  C  CD2 . PHE A 1 13  ? 2.388   -4.541  5.406   1.00 13.62 ? 905  PHE A CD2 1 
ATOM   106  C  CE1 . PHE A 1 13  ? 3.922   -2.273  5.806   1.00 15.08 ? 905  PHE A CE1 1 
ATOM   107  C  CE2 . PHE A 1 13  ? 1.902   -3.494  6.191   1.00 13.30 ? 905  PHE A CE2 1 
ATOM   108  C  CZ  . PHE A 1 13  ? 2.684   -2.363  6.384   1.00 12.42 ? 905  PHE A CZ  1 
ATOM   109  N  N   . LEU A 1 14  ? 4.930   -8.905  4.313   1.00 11.21 ? 906  LEU A N   1 
ATOM   110  C  CA  . LEU A 1 14  ? 5.174   -10.114 3.529   1.00 11.51 ? 906  LEU A CA  1 
ATOM   111  C  C   . LEU A 1 14  ? 3.848   -10.561 2.913   1.00 10.33 ? 906  LEU A C   1 
ATOM   112  O  O   . LEU A 1 14  ? 2.792   -10.415 3.525   1.00 11.38 ? 906  LEU A O   1 
ATOM   113  C  CB  . LEU A 1 14  ? 5.661   -11.245 4.434   1.00 11.19 ? 906  LEU A CB  1 
ATOM   114  C  CG  . LEU A 1 14  ? 6.827   -10.983 5.383   1.00 13.33 ? 906  LEU A CG  1 
ATOM   115  C  CD1 . LEU A 1 14  ? 7.148   -12.261 6.142   1.00 15.40 ? 906  LEU A CD1 1 
ATOM   116  C  CD2 . LEU A 1 14  ? 8.043   -10.521 4.615   1.00 15.50 ? 906  LEU A CD2 1 
ATOM   117  N  N   . CYS A 1 15  ? 3.891   -11.102 1.699   1.00 10.77 ? 907  CYS A N   1 
ATOM   118  C  CA  . CYS A 1 15  ? 2.676   -11.649 1.095   1.00 11.19 ? 907  CYS A CA  1 
ATOM   119  C  C   . CYS A 1 15  ? 2.165   -12.747 2.040   1.00 12.06 ? 907  CYS A C   1 
ATOM   120  O  O   . CYS A 1 15  ? 2.956   -13.626 2.440   1.00 11.38 ? 907  CYS A O   1 
ATOM   121  C  CB  . CYS A 1 15  ? 3.017   -12.273 -0.257  1.00 9.80  ? 907  CYS A CB  1 
ATOM   122  S  SG  . CYS A 1 15  ? 1.623   -13.088 -1.046  1.00 10.23 ? 907  CYS A SG  1 
ATOM   123  N  N   . LYS A 1 16  ? 0.861   -12.724 2.372   1.00 12.00 ? 908  LYS A N   1 
ATOM   124  C  CA  . LYS A 1 16  ? 0.313   -13.711 3.304   1.00 11.55 ? 908  LYS A CA  1 
ATOM   125  C  C   . LYS A 1 16  ? 0.346   -15.120 2.725   1.00 14.36 ? 908  LYS A C   1 
ATOM   126  O  O   . LYS A 1 16  ? 0.333   -16.092 3.479   1.00 14.82 ? 908  LYS A O   1 
ATOM   127  C  CB  . LYS A 1 16  ? -1.129  -13.327 3.731   1.00 13.77 ? 908  LYS A CB  1 
ATOM   128  C  CG  . LYS A 1 16  ? -2.203  -13.595 2.665   1.00 13.39 ? 908  LYS A CG  1 
ATOM   129  C  CD  . LYS A 1 16  ? -3.621  -13.041 2.999   1.00 15.63 ? 908  LYS A CD  1 
ATOM   130  C  CE  . LYS A 1 16  ? -4.271  -13.663 4.208   1.00 17.57 ? 908  LYS A CE  1 
ATOM   131  N  NZ  . LYS A 1 16  ? -5.621  -13.016 4.459   1.00 15.51 ? 908  LYS A NZ  1 
ATOM   132  N  N   . ASN A 1 17  ? 0.389   -15.242 1.399   1.00 12.64 ? 909  ASN A N   1 
ATOM   133  C  CA  . ASN A 1 17  ? 0.417   -16.578 0.800   1.00 12.80 ? 909  ASN A CA  1 
ATOM   134  C  C   . ASN A 1 17  ? 1.806   -17.166 0.592   1.00 13.35 ? 909  ASN A C   1 
ATOM   135  O  O   . ASN A 1 17  ? 2.096   -18.258 1.081   1.00 16.35 ? 909  ASN A O   1 
ATOM   136  C  CB  . ASN A 1 17  ? -0.305  -16.565 -0.536  1.00 12.49 ? 909  ASN A CB  1 
ATOM   137  C  CG  . ASN A 1 17  ? -0.419  -17.953 -1.139  1.00 14.99 ? 909  ASN A CG  1 
ATOM   138  O  OD1 . ASN A 1 17  ? -1.063  -18.835 -0.572  1.00 16.55 ? 909  ASN A OD1 1 
ATOM   139  N  ND2 . ASN A 1 17  ? 0.218   -18.149 -2.278  1.00 13.80 ? 909  ASN A ND2 1 
ATOM   140  N  N   . CYS A 1 18  ? 2.686   -16.433 -0.086  1.00 11.91 ? 910  CYS A N   1 
ATOM   141  C  CA  . CYS A 1 18  ? 4.017   -16.971 -0.390  1.00 11.16 ? 910  CYS A CA  1 
ATOM   142  C  C   . CYS A 1 18  ? 5.151   -16.464 0.499   1.00 12.42 ? 910  CYS A C   1 
ATOM   143  O  O   . CYS A 1 18  ? 6.283   -16.914 0.363   1.00 15.20 ? 910  CYS A O   1 
ATOM   144  C  CB  . CYS A 1 18  ? 4.400   -16.722 -1.857  1.00 11.25 ? 910  CYS A CB  1 
ATOM   145  S  SG  . CYS A 1 18  ? 4.775   -14.971 -2.168  1.00 12.34 ? 910  CYS A SG  1 
ATOM   146  N  N   . SER A 1 19  ? 4.848   -15.522 1.393   1.00 13.39 ? 911  SER A N   1 
ATOM   147  C  CA  . SER A 1 19  ? 5.835   -14.968 2.318   1.00 13.46 ? 911  SER A CA  1 
ATOM   148  C  C   . SER A 1 19  ? 6.921   -14.091 1.719   1.00 11.94 ? 911  SER A C   1 
ATOM   149  O  O   . SER A 1 19  ? 7.844   -13.709 2.428   1.00 14.73 ? 911  SER A O   1 
ATOM   150  C  CB  . SER A 1 19  ? 6.512   -16.080 3.141   1.00 14.60 ? 911  SER A CB  1 
ATOM   151  O  OG  . SER A 1 19  ? 5.550   -16.823 3.854   1.00 20.42 ? 911  SER A OG  1 
ATOM   152  N  N   . VAL A 1 20  ? 6.831   -13.758 0.437   1.00 11.53 ? 912  VAL A N   1 
ATOM   153  C  CA  . VAL A 1 20  ? 7.852   -12.918 -0.144  1.00 11.26 ? 912  VAL A CA  1 
ATOM   154  C  C   . VAL A 1 20  ? 7.758   -11.509 0.456   1.00 13.58 ? 912  VAL A C   1 
ATOM   155  O  O   . VAL A 1 20  ? 6.682   -11.035 0.810   1.00 12.39 ? 912  VAL A O   1 
ATOM   156  C  CB  . VAL A 1 20  ? 7.703   -12.851 -1.683  1.00 12.93 ? 912  VAL A CB  1 
ATOM   157  C  CG1 . VAL A 1 20  ? 6.514   -12.002 -2.089  1.00 13.74 ? 912  VAL A CG1 1 
ATOM   158  C  CG2 . VAL A 1 20  ? 8.993   -12.308 -2.280  1.00 17.92 ? 912  VAL A CG2 1 
ATOM   159  N  N   . LEU A 1 21  ? 8.899   -10.853 0.589   1.00 12.86 ? 913  LEU A N   1 
ATOM   160  C  CA  . LEU A 1 21  ? 8.906   -9.485  1.096   1.00 14.32 ? 913  LEU A CA  1 
ATOM   161  C  C   . LEU A 1 21  ? 8.258   -8.579  0.054   1.00 15.10 ? 913  LEU A C   1 
ATOM   162  O  O   . LEU A 1 21  ? 8.703   -8.509  -1.096  1.00 18.13 ? 913  LEU A O   1 
ATOM   163  C  CB  . LEU A 1 21  ? 10.337  -9.013  1.369   1.00 16.46 ? 913  LEU A CB  1 
ATOM   164  C  CG  . LEU A 1 21  ? 10.521  -7.554  1.827   1.00 21.53 ? 913  LEU A CG  1 
ATOM   165  C  CD1 . LEU A 1 21  ? 9.835   -7.320  3.165   1.00 22.91 ? 913  LEU A CD1 1 
ATOM   166  C  CD2 . LEU A 1 21  ? 12.006  -7.270  1.932   1.00 23.43 ? 913  LEU A CD2 1 
ATOM   167  N  N   . ALA A 1 22  ? 7.188   -7.905  0.449   1.00 14.05 ? 914  ALA A N   1 
ATOM   168  C  CA  . ALA A 1 22  ? 6.508   -6.982  -0.438  1.00 13.74 ? 914  ALA A CA  1 
ATOM   169  C  C   . ALA A 1 22  ? 7.167   -5.592  -0.325  1.00 14.32 ? 914  ALA A C   1 
ATOM   170  O  O   . ALA A 1 22  ? 7.519   -4.982  -1.324  1.00 13.62 ? 914  ALA A O   1 
ATOM   171  C  CB  . ALA A 1 22  ? 5.027   -6.919  -0.071  1.00 12.34 ? 914  ALA A CB  1 
ATOM   172  N  N   . CYS A 1 23  ? 7.311   -5.085  0.893   1.00 13.52 ? 915  CYS A N   1 
ATOM   173  C  CA  . CYS A 1 23  ? 7.967   -3.796  1.076   1.00 12.72 ? 915  CYS A CA  1 
ATOM   174  C  C   . CYS A 1 23  ? 8.165   -3.490  2.541   1.00 12.17 ? 915  CYS A C   1 
ATOM   175  O  O   . CYS A 1 23  ? 7.585   -4.136  3.399   1.00 14.41 ? 915  CYS A O   1 
ATOM   176  C  CB  . CYS A 1 23  ? 7.147   -2.657  0.435   1.00 11.69 ? 915  CYS A CB  1 
ATOM   177  S  SG  . CYS A 1 23  ? 5.511   -2.400  1.210   1.00 13.24 ? 915  CYS A SG  1 
ATOM   178  N  N   . SER A 1 24  ? 8.996   -2.488  2.797   1.00 15.07 ? 916  SER A N   1 
ATOM   179  C  CA  . SER A 1 24  ? 9.247   -1.972  4.141   1.00 12.61 ? 916  SER A CA  1 
ATOM   180  C  C   . SER A 1 24  ? 8.141   -0.976  4.426   1.00 11.42 ? 916  SER A C   1 
ATOM   181  O  O   . SER A 1 24  ? 7.576   -0.379  3.512   1.00 11.90 ? 916  SER A O   1 
ATOM   182  C  CB  . SER A 1 24  ? 10.563  -1.200  4.158   1.00 13.32 ? 916  SER A CB  1 
ATOM   183  O  OG  . SER A 1 24  ? 10.671  -0.315  5.272   1.00 15.73 ? 916  SER A OG  1 
ATOM   184  N  N   . GLY A 1 25  ? 7.837   -0.796  5.704   1.00 10.67 ? 917  GLY A N   1 
ATOM   185  C  CA  . GLY A 1 25  ? 6.858   0.208   6.088   1.00 10.96 ? 917  GLY A CA  1 
ATOM   186  C  C   . GLY A 1 25  ? 7.303   1.601   5.633   1.00 11.18 ? 917  GLY A C   1 
ATOM   187  O  O   . GLY A 1 25  ? 6.473   2.476   5.405   1.00 11.16 ? 917  GLY A O   1 
ATOM   188  N  N   . GLU A 1 26  ? 8.609   1.810   5.477   1.00 10.87 ? 918  GLU A N   1 
ATOM   189  C  CA  . GLU A 1 26  ? 9.113   3.100   5.037   1.00 12.58 ? 918  GLU A CA  1 
ATOM   190  C  C   . GLU A 1 26  ? 8.704   3.468   3.625   1.00 10.91 ? 918  GLU A C   1 
ATOM   191  O  O   . GLU A 1 26  ? 8.812   4.630   3.246   1.00 11.97 ? 918  GLU A O   1 
ATOM   192  C  CB  . GLU A 1 26  ? 10.639  3.138   5.073   1.00 14.58 ? 918  GLU A CB  1 
ATOM   193  C  CG  . GLU A 1 26  ? 11.260  2.821   6.403   1.00 21.88 ? 918  GLU A CG  1 
ATOM   194  C  CD  . GLU A 1 26  ? 12.713  3.246   6.463   1.00 26.15 ? 918  GLU A CD  1 
ATOM   195  O  OE1 . GLU A 1 26  ? 12.971  4.454   6.292   1.00 31.82 ? 918  GLU A OE1 1 
ATOM   196  O  OE2 . GLU A 1 26  ? 13.587  2.383   6.677   1.00 28.60 ? 918  GLU A OE2 1 
ATOM   197  N  N   . ASP A 1 27  ? 8.225   2.504   2.838   1.00 10.93 ? 919  ASP A N   1 
ATOM   198  C  CA  . ASP A 1 27  ? 7.849   2.787   1.454   1.00 11.29 ? 919  ASP A CA  1 
ATOM   199  C  C   . ASP A 1 27  ? 6.369   3.065   1.278   1.00 10.84 ? 919  ASP A C   1 
ATOM   200  O  O   . ASP A 1 27  ? 5.884   3.202   0.147   1.00 11.67 ? 919  ASP A O   1 
ATOM   201  C  CB  . ASP A 1 27  ? 8.250   1.618   0.542   1.00 14.94 ? 919  ASP A CB  1 
ATOM   202  C  CG  . ASP A 1 27  ? 9.738   1.330   0.571   1.00 20.31 ? 919  ASP A CG  1 
ATOM   203  O  OD1 . ASP A 1 27  ? 10.522  2.236   0.889   1.00 18.12 ? 919  ASP A OD1 1 
ATOM   204  O  OD2 . ASP A 1 27  ? 10.127  0.182   0.259   1.00 25.42 ? 919  ASP A OD2 1 
ATOM   205  N  N   . ILE A 1 28  ? 5.639   3.137   2.391   1.00 9.42  ? 920  ILE A N   1 
ATOM   206  C  CA  . ILE A 1 28  ? 4.207   3.401   2.354   1.00 9.80  ? 920  ILE A CA  1 
ATOM   207  C  C   . ILE A 1 28  ? 3.836   4.872   2.558   1.00 12.07 ? 920  ILE A C   1 
ATOM   208  O  O   . ILE A 1 28  ? 4.483   5.587   3.335   1.00 12.21 ? 920  ILE A O   1 
ATOM   209  C  CB  . ILE A 1 28  ? 3.487   2.599   3.492   1.00 10.78 ? 920  ILE A CB  1 
ATOM   210  C  CG1 . ILE A 1 28  ? 3.698   1.098   3.325   1.00 14.03 ? 920  ILE A CG1 1 
ATOM   211  C  CG2 . ILE A 1 28  ? 2.012   2.942   3.538   1.00 11.46 ? 920  ILE A CG2 1 
ATOM   212  C  CD1 . ILE A 1 28  ? 3.063   0.529   2.102   1.00 15.76 ? 920  ILE A CD1 1 
ATOM   213  N  N   . HIS A 1 29  ? 2.819   5.327   1.825   1.00 9.42  ? 921  HIS A N   1 
ATOM   214  C  CA  . HIS A 1 29  ? 2.224   6.657   2.057   1.00 9.38  ? 921  HIS A CA  1 
ATOM   215  C  C   . HIS A 1 29  ? 0.734   6.449   2.200   1.00 11.45 ? 921  HIS A C   1 
ATOM   216  O  O   . HIS A 1 29  ? 0.161   5.541   1.598   1.00 11.22 ? 921  HIS A O   1 
ATOM   217  C  CB  . HIS A 1 29  ? 2.380   7.633   0.888   1.00 11.04 ? 921  HIS A CB  1 
ATOM   218  C  CG  . HIS A 1 29  ? 3.732   8.255   0.775   1.00 9.53  ? 921  HIS A CG  1 
ATOM   219  N  ND1 . HIS A 1 29  ? 4.753   7.674   0.061   1.00 13.21 ? 921  HIS A ND1 1 
ATOM   220  C  CD2 . HIS A 1 29  ? 4.223   9.414   1.274   1.00 12.45 ? 921  HIS A CD2 1 
ATOM   221  C  CE1 . HIS A 1 29  ? 5.822   8.453   0.127   1.00 14.48 ? 921  HIS A CE1 1 
ATOM   222  N  NE2 . HIS A 1 29  ? 5.523   9.511   0.856   1.00 13.43 ? 921  HIS A NE2 1 
ATOM   223  N  N   . VAL A 1 30  ? 0.100   7.260   3.027   1.00 10.68 ? 922  VAL A N   1 
ATOM   224  C  CA  . VAL A 1 30  ? -1.352  7.239   3.119   1.00 9.99  ? 922  VAL A CA  1 
ATOM   225  C  C   . VAL A 1 30  ? -1.768  8.417   2.237   1.00 10.21 ? 922  VAL A C   1 
ATOM   226  O  O   . VAL A 1 30  ? -1.138  9.482   2.264   1.00 11.53 ? 922  VAL A O   1 
ATOM   227  C  CB  . VAL A 1 30  ? -1.847  7.458   4.553   1.00 10.49 ? 922  VAL A CB  1 
ATOM   228  C  CG1 . VAL A 1 30  ? -3.365  7.514   4.586   1.00 13.67 ? 922  VAL A CG1 1 
ATOM   229  C  CG2 . VAL A 1 30  ? -1.370  6.327   5.424   1.00 14.09 ? 922  VAL A CG2 1 
ATOM   230  N  N   . ILE A 1 31  ? -2.801  8.224   1.423   1.00 9.48  ? 923  ILE A N   1 
ATOM   231  C  CA  . ILE A 1 31  ? -3.257  9.276   0.508   1.00 11.00 ? 923  ILE A CA  1 
ATOM   232  C  C   . ILE A 1 31  ? -4.599  9.774   0.989   1.00 8.53  ? 923  ILE A C   1 
ATOM   233  O  O   . ILE A 1 31  ? -5.535  8.991   1.168   1.00 10.34 ? 923  ILE A O   1 
ATOM   234  C  CB  . ILE A 1 31  ? -3.434  8.720   -0.933  1.00 10.49 ? 923  ILE A CB  1 
ATOM   235  C  CG1 . ILE A 1 31  ? -2.131  8.078   -1.409  1.00 10.67 ? 923  ILE A CG1 1 
ATOM   236  C  CG2 . ILE A 1 31  ? -3.861  9.830   -1.888  1.00 11.67 ? 923  ILE A CG2 1 
ATOM   237  C  CD1 . ILE A 1 31  ? -0.929  8.974   -1.271  1.00 11.21 ? 923  ILE A CD1 1 
ATOM   238  N  N   . GLU A 1 32  ? -4.685  11.084  1.224   1.00 10.79 ? 924  GLU A N   1 
ATOM   239  C  CA  . GLU A 1 32  ? -5.903  11.743  1.691   1.00 11.46 ? 924  GLU A CA  1 
ATOM   240  C  C   . GLU A 1 32  ? -6.498  11.030  2.907   1.00 10.46 ? 924  GLU A C   1 
ATOM   241  O  O   . GLU A 1 32  ? -7.717  10.865  3.029   1.00 12.53 ? 924  GLU A O   1 
ATOM   242  C  CB  . GLU A 1 32  ? -6.924  11.866  0.543   1.00 12.44 ? 924  GLU A CB  1 
ATOM   243  C  CG  . GLU A 1 32  ? -8.069  12.872  0.791   1.00 11.20 ? 924  GLU A CG  1 
ATOM   244  C  CD  . GLU A 1 32  ? -7.695  14.318  0.539   1.00 15.28 ? 924  GLU A CD  1 
ATOM   245  O  OE1 . GLU A 1 32  ? -6.722  14.626  -0.186  1.00 12.91 ? 924  GLU A OE1 1 
ATOM   246  O  OE2 . GLU A 1 32  ? -8.406  15.189  1.084   1.00 19.67 ? 924  GLU A OE2 1 
ATOM   247  N  N   . LYS A 1 33  ? -5.613  10.618  3.812   1.00 12.51 ? 925  LYS A N   1 
ATOM   248  C  CA  . LYS A 1 33  ? -5.997  9.971   5.061   1.00 13.43 ? 925  LYS A CA  1 
ATOM   249  C  C   . LYS A 1 33  ? -6.777  8.681   4.906   1.00 14.47 ? 925  LYS A C   1 
ATOM   250  O  O   . LYS A 1 33  ? -7.421  8.221   5.848   1.00 17.50 ? 925  LYS A O   1 
ATOM   251  C  CB  . LYS A 1 33  ? -6.800  10.939  5.947   1.00 16.33 ? 925  LYS A CB  1 
ATOM   252  C  CG  . LYS A 1 33  ? -5.999  12.153  6.394   1.00 18.18 ? 925  LYS A CG  1 
ATOM   253  C  CD  . LYS A 1 33  ? -6.073  13.284  5.381   1.00 21.27 ? 925  LYS A CD  1 
ATOM   254  C  CE  . LYS A 1 33  ? -5.431  14.563  5.943   1.00 20.29 ? 925  LYS A CE  1 
ATOM   255  N  NZ  . LYS A 1 33  ? -5.624  15.709  5.013   1.00 24.76 ? 925  LYS A NZ  1 
ATOM   256  N  N   . MET A 1 34  ? -6.691  8.060   3.740   1.00 13.75 ? 926  MET A N   1 
ATOM   257  C  CA  . MET A 1 34  ? -7.432  6.822   3.534   1.00 15.61 ? 926  MET A CA  1 
ATOM   258  C  C   . MET A 1 34  ? -6.655  5.704   2.860   1.00 15.23 ? 926  MET A C   1 
ATOM   259  O  O   . MET A 1 34  ? -6.448  4.632   3.453   1.00 19.14 ? 926  MET A O   1 
ATOM   260  C  CB  . MET A 1 34  ? -8.666  7.128   2.707   1.00 19.08 ? 926  MET A CB  1 
ATOM   261  C  CG  . MET A 1 34  ? -9.631  8.072   3.401   1.00 18.18 ? 926  MET A CG  1 
ATOM   262  S  SD  . MET A 1 34  ? -11.033 8.394   2.361   1.00 25.58 ? 926  MET A SD  1 
ATOM   263  C  CE  . MET A 1 34  ? -10.339 9.572   1.245   1.00 24.11 ? 926  MET A CE  1 
ATOM   264  N  N   . HIS A 1 35  ? -6.191  5.962   1.640   1.00 13.12 ? 927  HIS A N   1 
ATOM   265  C  CA  . HIS A 1 35  ? -5.524  4.931   0.842   1.00 13.53 ? 927  HIS A CA  1 
ATOM   266  C  C   . HIS A 1 35  ? -4.066  4.710   1.155   1.00 13.21 ? 927  HIS A C   1 
ATOM   267  O  O   . HIS A 1 35  ? -3.254  5.631   1.058   1.00 15.07 ? 927  HIS A O   1 
ATOM   268  C  CB  . HIS A 1 35  ? -5.628  5.275   -0.648  1.00 14.50 ? 927  HIS A CB  1 
ATOM   269  C  CG  . HIS A 1 35  ? -6.869  6.018   -1.017  1.00 14.58 ? 927  HIS A CG  1 
ATOM   270  N  ND1 . HIS A 1 35  ? -8.105  5.416   -1.093  1.00 15.15 ? 927  HIS A ND1 1 
ATOM   271  C  CD2 . HIS A 1 35  ? -7.069  7.331   -1.283  1.00 16.10 ? 927  HIS A CD2 1 
ATOM   272  C  CE1 . HIS A 1 35  ? -9.013  6.327   -1.396  1.00 15.60 ? 927  HIS A CE1 1 
ATOM   273  N  NE2 . HIS A 1 35  ? -8.411  7.496   -1.521  1.00 16.28 ? 927  HIS A NE2 1 
ATOM   274  N  N   . HIS A 1 36  ? -3.700  3.473   1.466   1.00 10.14 ? 928  HIS A N   1 
ATOM   275  C  CA  . HIS A 1 36  ? -2.302  3.191   1.765   1.00 10.51 ? 928  HIS A CA  1 
ATOM   276  C  C   . HIS A 1 36  ? -1.705  2.649   0.479   1.00 10.33 ? 928  HIS A C   1 
ATOM   277  O  O   . HIS A 1 36  ? -2.193  1.659   -0.079  1.00 11.27 ? 928  HIS A O   1 
ATOM   278  C  CB  . HIS A 1 36  ? -2.178  2.191   2.909   1.00 10.29 ? 928  HIS A CB  1 
ATOM   279  C  CG  . HIS A 1 36  ? -2.596  2.754   4.226   1.00 10.45 ? 928  HIS A CG  1 
ATOM   280  N  ND1 . HIS A 1 36  ? -3.881  3.186   4.480   1.00 12.01 ? 928  HIS A ND1 1 
ATOM   281  C  CD2 . HIS A 1 36  ? -1.878  3.030   5.340   1.00 12.10 ? 928  HIS A CD2 1 
ATOM   282  C  CE1 . HIS A 1 36  ? -3.933  3.708   5.695   1.00 13.79 ? 928  HIS A CE1 1 
ATOM   283  N  NE2 . HIS A 1 36  ? -2.733  3.623   6.236   1.00 13.30 ? 928  HIS A NE2 1 
ATOM   284  N  N   . VAL A 1 37  ? -0.666  3.321   0.000   1.00 9.38  ? 929  VAL A N   1 
ATOM   285  C  CA  . VAL A 1 37  ? -0.043  2.990   -1.272  1.00 9.92  ? 929  VAL A CA  1 
ATOM   286  C  C   . VAL A 1 37  ? 1.459   2.879   -1.147  1.00 10.09 ? 929  VAL A C   1 
ATOM   287  O  O   . VAL A 1 37  ? 2.060   3.298   -0.163  1.00 10.82 ? 929  VAL A O   1 
ATOM   288  C  CB  . VAL A 1 37  ? -0.353  4.106   -2.340  1.00 10.17 ? 929  VAL A CB  1 
ATOM   289  C  CG1 . VAL A 1 37  ? -1.841  4.327   -2.489  1.00 11.35 ? 929  VAL A CG1 1 
ATOM   290  C  CG2 . VAL A 1 37  ? 0.311   5.435   -1.932  1.00 11.17 ? 929  VAL A CG2 1 
ATOM   291  N  N   . ASN A 1 38  ? 2.065   2.298   -2.175  1.00 9.53  ? 930  ASN A N   1 
ATOM   292  C  CA  . ASN A 1 38  ? 3.507   2.221   -2.264  1.00 9.70  ? 930  ASN A CA  1 
ATOM   293  C  C   . ASN A 1 38  ? 3.785   2.682   -3.696  1.00 10.77 ? 930  ASN A C   1 
ATOM   294  O  O   . ASN A 1 38  ? 3.480   1.952   -4.652  1.00 10.99 ? 930  ASN A O   1 
ATOM   295  C  CB  . ASN A 1 38  ? 4.017   0.785   -2.059  1.00 9.27  ? 930  ASN A CB  1 
ATOM   296  C  CG  . ASN A 1 38  ? 5.524   0.688   -2.179  1.00 10.43 ? 930  ASN A CG  1 
ATOM   297  O  OD1 . ASN A 1 38  ? 6.148   1.452   -2.931  1.00 11.05 ? 930  ASN A OD1 1 
ATOM   298  N  ND2 . ASN A 1 38  ? 6.128   -0.258  -1.445  1.00 11.22 ? 930  ASN A ND2 1 
ATOM   299  N  N   . MET A 1 39  ? 4.342   3.890   -3.849  1.00 10.77 ? 931  MET A N   1 
ATOM   300  C  CA  . MET A 1 39  ? 4.633   4.448   -5.175  1.00 12.87 ? 931  MET A CA  1 
ATOM   301  C  C   . MET A 1 39  ? 6.085   4.285   -5.634  1.00 13.16 ? 931  MET A C   1 
ATOM   302  O  O   . MET A 1 39  ? 6.478   4.846   -6.666  1.00 13.56 ? 931  MET A O   1 
ATOM   303  C  CB  . MET A 1 39  ? 4.252   5.939   -5.188  1.00 12.89 ? 931  MET A CB  1 
ATOM   304  C  CG  . MET A 1 39  ? 2.755   6.137   -4.935  1.00 13.20 ? 931  MET A CG  1 
ATOM   305  S  SD  . MET A 1 39  ? 2.238   7.864   -4.634  1.00 16.82 ? 931  MET A SD  1 
ATOM   306  C  CE  . MET A 1 39  ? 2.914   8.226   -3.108  1.00 18.33 ? 931  MET A CE  1 
ATOM   307  N  N   . THR A 1 40  ? 6.879   3.513   -4.908  1.00 12.20 ? 932  THR A N   1 
ATOM   308  C  CA  . THR A 1 40  ? 8.277   3.349   -5.306  1.00 12.01 ? 932  THR A CA  1 
ATOM   309  C  C   . THR A 1 40  ? 8.466   2.516   -6.573  1.00 13.60 ? 932  THR A C   1 
ATOM   310  O  O   . THR A 1 40  ? 7.701   1.599   -6.859  1.00 12.51 ? 932  THR A O   1 
ATOM   311  C  CB  . THR A 1 40  ? 9.125   2.669   -4.204  1.00 12.74 ? 932  THR A CB  1 
ATOM   312  O  OG1 . THR A 1 40  ? 8.735   1.289   -4.063  1.00 11.86 ? 932  THR A OG1 1 
ATOM   313  C  CG2 . THR A 1 40  ? 9.006   3.408   -2.888  1.00 13.01 ? 932  THR A CG2 1 
ATOM   314  N  N   . PRO A 1 41  ? 9.515   2.815   -7.358  1.00 12.75 ? 933  PRO A N   1 
ATOM   315  C  CA  . PRO A 1 41  ? 9.742   2.038   -8.574  1.00 12.30 ? 933  PRO A CA  1 
ATOM   316  C  C   . PRO A 1 41  ? 10.042  0.574   -8.270  1.00 13.31 ? 933  PRO A C   1 
ATOM   317  O  O   . PRO A 1 41  ? 9.651   -0.311  -9.022  1.00 15.32 ? 933  PRO A O   1 
ATOM   318  C  CB  . PRO A 1 41  ? 10.959  2.712   -9.212  1.00 15.21 ? 933  PRO A CB  1 
ATOM   319  C  CG  . PRO A 1 41  ? 10.854  4.091   -8.775  1.00 15.84 ? 933  PRO A CG  1 
ATOM   320  C  CD  . PRO A 1 41  ? 10.360  4.014   -7.332  1.00 15.23 ? 933  PRO A CD  1 
ATOM   321  N  N   . GLU A 1 42  ? 10.765  0.303   -7.185  1.00 12.92 ? 934  GLU A N   1 
ATOM   322  C  CA  . GLU A 1 42  ? 11.105  -1.068  -6.864  1.00 14.48 ? 934  GLU A CA  1 
ATOM   323  C  C   . GLU A 1 42  ? 9.885   -1.953  -6.627  1.00 12.48 ? 934  GLU A C   1 
ATOM   324  O  O   . GLU A 1 42  ? 9.873   -3.114  -7.006  1.00 13.99 ? 934  GLU A O   1 
ATOM   325  C  CB  . GLU A 1 42  ? 12.021  -1.109  -5.640  1.00 16.21 ? 934  GLU A CB  1 
ATOM   326  C  CG  . GLU A 1 42  ? 13.429  -0.564  -5.875  1.00 16.49 ? 934  GLU A CG  1 
ATOM   327  C  CD  . GLU A 1 42  ? 13.495  0.949   -5.904  1.00 18.06 ? 934  GLU A CD  1 
ATOM   328  O  OE1 . GLU A 1 42  ? 12.557  1.622   -5.419  1.00 16.67 ? 934  GLU A OE1 1 
ATOM   329  O  OE2 . GLU A 1 42  ? 14.519  1.462   -6.407  1.00 18.07 ? 934  GLU A OE2 1 
ATOM   330  N  N   . PHE A 1 43  ? 8.848   -1.394  -6.014  1.00 13.20 ? 935  PHE A N   1 
ATOM   331  C  CA  . PHE A 1 43  ? 7.649   -2.170  -5.731  1.00 11.93 ? 935  PHE A CA  1 
ATOM   332  C  C   . PHE A 1 43  ? 6.970   -2.651  -7.017  1.00 11.40 ? 935  PHE A C   1 
ATOM   333  O  O   . PHE A 1 43  ? 6.392   -3.741  -7.034  1.00 11.96 ? 935  PHE A O   1 
ATOM   334  C  CB  . PHE A 1 43  ? 6.687   -1.316  -4.907  1.00 10.93 ? 935  PHE A CB  1 
ATOM   335  C  CG  . PHE A 1 43  ? 5.485   -2.076  -4.390  1.00 10.21 ? 935  PHE A CG  1 
ATOM   336  C  CD1 . PHE A 1 43  ? 5.654   -3.177  -3.568  1.00 10.98 ? 935  PHE A CD1 1 
ATOM   337  C  CD2 . PHE A 1 43  ? 4.190   -1.673  -4.705  1.00 10.69 ? 935  PHE A CD2 1 
ATOM   338  C  CE1 . PHE A 1 43  ? 4.534   -3.867  -3.057  1.00 14.36 ? 935  PHE A CE1 1 
ATOM   339  C  CE2 . PHE A 1 43  ? 3.072   -2.359  -4.204  1.00 12.08 ? 935  PHE A CE2 1 
ATOM   340  C  CZ  . PHE A 1 43  ? 3.244   -3.444  -3.384  1.00 12.68 ? 935  PHE A CZ  1 
ATOM   341  N  N   . LYS A 1 44  ? 7.049   -1.846  -8.081  1.00 13.33 ? 936  LYS A N   1 
ATOM   342  C  CA  . LYS A 1 44  ? 6.420   -2.205  -9.357  1.00 12.17 ? 936  LYS A CA  1 
ATOM   343  C  C   . LYS A 1 44  ? 6.988   -3.480  -9.970  1.00 15.06 ? 936  LYS A C   1 
ATOM   344  O  O   . LYS A 1 44  ? 6.338   -4.105  -10.807 1.00 18.40 ? 936  LYS A O   1 
ATOM   345  C  CB  . LYS A 1 44  ? 6.540   -1.049  -10.347 1.00 15.76 ? 936  LYS A CB  1 
ATOM   346  C  CG  . LYS A 1 44  ? 6.009   0.234   -9.777  1.00 15.50 ? 936  LYS A CG  1 
ATOM   347  C  CD  . LYS A 1 44  ? 6.074   1.360   -10.780 1.00 19.27 ? 936  LYS A CD  1 
ATOM   348  C  CE  . LYS A 1 44  ? 5.791   2.671   -10.100 1.00 22.35 ? 936  LYS A CE  1 
ATOM   349  N  NZ  . LYS A 1 44  ? 4.423   2.625   -9.493  1.00 22.64 ? 936  LYS A NZ  1 
ATOM   350  N  N   . GLU A 1 45  ? 8.186   -3.881  -9.555  1.00 16.35 ? 937  GLU A N   1 
ATOM   351  C  CA  . GLU A 1 45  ? 8.760   -5.113  -10.080 1.00 16.84 ? 937  GLU A CA  1 
ATOM   352  C  C   . GLU A 1 45  ? 8.213   -6.346  -9.361  1.00 16.75 ? 937  GLU A C   1 
ATOM   353  O  O   . GLU A 1 45  ? 8.510   -7.482  -9.753  1.00 17.50 ? 937  GLU A O   1 
ATOM   354  C  CB  . GLU A 1 45  ? 10.273  -5.092  -9.902  1.00 19.55 ? 937  GLU A CB  1 
ATOM   355  C  CG  . GLU A 1 45  ? 10.940  -3.894  -10.509 1.00 25.46 ? 937  GLU A CG  1 
ATOM   356  C  CD  . GLU A 1 45  ? 11.381  -4.155  -11.918 1.00 31.26 ? 937  GLU A CD  1 
ATOM   357  O  OE1 . GLU A 1 45  ? 12.235  -5.050  -12.089 1.00 32.49 ? 937  GLU A OE1 1 
ATOM   358  O  OE2 . GLU A 1 45  ? 10.884  -3.476  -12.845 1.00 33.05 ? 937  GLU A OE2 1 
ATOM   359  N  N   . LEU A 1 46  ? 7.390   -6.120  -8.336  1.00 14.48 ? 938  LEU A N   1 
ATOM   360  C  CA  . LEU A 1 46  ? 6.874   -7.203  -7.507  1.00 13.70 ? 938  LEU A CA  1 
ATOM   361  C  C   . LEU A 1 46  ? 5.410   -7.547  -7.667  1.00 13.32 ? 938  LEU A C   1 
ATOM   362  O  O   . LEU A 1 46  ? 4.930   -8.496  -7.044  1.00 14.78 ? 938  LEU A O   1 
ATOM   363  C  CB  . LEU A 1 46  ? 7.146   -6.890  -6.026  1.00 13.84 ? 938  LEU A CB  1 
ATOM   364  C  CG  . LEU A 1 46  ? 8.625   -6.684  -5.666  1.00 16.69 ? 938  LEU A CG  1 
ATOM   365  C  CD1 . LEU A 1 46  ? 8.723   -6.415  -4.184  1.00 18.07 ? 938  LEU A CD1 1 
ATOM   366  C  CD2 . LEU A 1 46  ? 9.454   -7.907  -6.030  1.00 17.98 ? 938  LEU A CD2 1 
ATOM   367  N  N   . TYR A 1 47  ? 4.680   -6.779  -8.452  1.00 13.22 ? 939  TYR A N   1 
ATOM   368  C  CA  . TYR A 1 47  ? 3.258   -7.071  -8.620  1.00 12.86 ? 939  TYR A CA  1 
ATOM   369  C  C   . TYR A 1 47  ? 2.889   -7.080  -10.077 1.00 15.72 ? 939  TYR A C   1 
ATOM   370  O  O   . TYR A 1 47  ? 3.675   -6.655  -10.940 1.00 15.87 ? 939  TYR A O   1 
ATOM   371  C  CB  . TYR A 1 47  ? 2.388   -6.060  -7.843  1.00 13.42 ? 939  TYR A CB  1 
ATOM   372  C  CG  . TYR A 1 47  ? 2.421   -4.629  -8.331  1.00 12.06 ? 939  TYR A CG  1 
ATOM   373  C  CD1 . TYR A 1 47  ? 1.789   -4.244  -9.524  1.00 13.70 ? 939  TYR A CD1 1 
ATOM   374  C  CD2 . TYR A 1 47  ? 3.104   -3.652  -7.609  1.00 15.07 ? 939  TYR A CD2 1 
ATOM   375  C  CE1 . TYR A 1 47  ? 1.848   -2.918  -9.985  1.00 16.16 ? 939  TYR A CE1 1 
ATOM   376  C  CE2 . TYR A 1 47  ? 3.163   -2.340  -8.056  1.00 14.73 ? 939  TYR A CE2 1 
ATOM   377  C  CZ  . TYR A 1 47  ? 2.546   -1.975  -9.237  1.00 16.19 ? 939  TYR A CZ  1 
ATOM   378  O  OH  . TYR A 1 47  ? 2.635   -0.681  -9.714  1.00 16.82 ? 939  TYR A OH  1 
ATOM   379  N  N   . ILE A 1 48  ? 1.700   -7.611  -10.326 1.00 13.80 ? 940  ILE A N   1 
ATOM   380  C  CA  . ILE A 1 48  ? 1.082   -7.703  -11.643 1.00 15.08 ? 940  ILE A CA  1 
ATOM   381  C  C   . ILE A 1 48  ? -0.270  -7.008  -11.515 1.00 13.22 ? 940  ILE A C   1 
ATOM   382  O  O   . ILE A 1 48  ? -0.928  -7.112  -10.478 1.00 13.16 ? 940  ILE A O   1 
ATOM   383  C  CB  . ILE A 1 48  ? 0.826   -9.194  -12.028 1.00 17.54 ? 940  ILE A CB  1 
ATOM   384  C  CG1 . ILE A 1 48  ? 2.167   -9.936  -12.099 1.00 21.66 ? 940  ILE A CG1 1 
ATOM   385  C  CG2 . ILE A 1 48  ? 0.058   -9.285  -13.345 1.00 22.36 ? 940  ILE A CG2 1 
ATOM   386  C  CD1 . ILE A 1 48  ? 2.029   -11.423 -12.103 1.00 22.13 ? 940  ILE A CD1 1 
ATOM   387  N  N   . VAL A 1 49  ? -0.675  -6.299  -12.553 1.00 13.29 ? 941  VAL A N   1 
ATOM   388  C  CA  . VAL A 1 49  ? -1.982  -5.664  -12.569 1.00 13.50 ? 941  VAL A CA  1 
ATOM   389  C  C   . VAL A 1 49  ? -2.854  -6.528  -13.473 1.00 15.70 ? 941  VAL A C   1 
ATOM   390  O  O   . VAL A 1 49  ? -2.464  -6.862  -14.594 1.00 17.99 ? 941  VAL A O   1 
ATOM   391  C  CB  . VAL A 1 49  ? -1.960  -4.226  -13.154 1.00 15.30 ? 941  VAL A CB  1 
ATOM   392  C  CG1 . VAL A 1 49  ? -3.387  -3.677  -13.234 1.00 19.25 ? 941  VAL A CG1 1 
ATOM   393  C  CG2 . VAL A 1 49  ? -1.099  -3.323  -12.268 1.00 17.84 ? 941  VAL A CG2 1 
ATOM   394  N  N   . ARG A 1 50  ? -4.021  -6.919  -12.982 1.00 13.15 ? 942  ARG A N   1 
ATOM   395  C  CA  . ARG A 1 50  ? -4.928  -7.720  -13.783 1.00 13.78 ? 942  ARG A CA  1 
ATOM   396  C  C   . ARG A 1 50  ? -6.305  -7.079  -13.775 1.00 13.52 ? 942  ARG A C   1 
ATOM   397  O  O   . ARG A 1 50  ? -6.649  -6.314  -12.876 1.00 15.81 ? 942  ARG A O   1 
ATOM   398  C  CB  . ARG A 1 50  ? -5.030  -9.149  -13.250 1.00 17.59 ? 942  ARG A CB  1 
ATOM   399  C  CG  . ARG A 1 50  ? -5.862  -9.305  -12.010 1.00 18.96 ? 942  ARG A CG  1 
ATOM   400  C  CD  . ARG A 1 50  ? -5.969  -10.775 -11.608 1.00 19.91 ? 942  ARG A CD  1 
ATOM   401  N  NE  . ARG A 1 50  ? -6.642  -10.905 -10.323 1.00 18.76 ? 942  ARG A NE  1 
ATOM   402  C  CZ  . ARG A 1 50  ? -6.615  -11.994 -9.568  1.00 19.26 ? 942  ARG A CZ  1 
ATOM   403  N  NH1 . ARG A 1 50  ? -5.947  -13.067 -9.977  1.00 19.75 ? 942  ARG A NH1 1 
ATOM   404  N  NH2 . ARG A 1 50  ? -7.244  -12.000 -8.393  1.00 20.64 ? 942  ARG A NH2 1 
ATOM   405  N  N   . GLU A 1 51  ? -7.094  -7.383  -14.792 1.00 12.69 ? 943  GLU A N   1 
ATOM   406  C  CA  . GLU A 1 51  ? -8.443  -6.875  -14.893 1.00 12.66 ? 943  GLU A CA  1 
ATOM   407  C  C   . GLU A 1 51  ? -9.347  -7.482  -13.834 1.00 13.45 ? 943  GLU A C   1 
ATOM   408  O  O   . GLU A 1 51  ? -9.276  -8.682  -13.530 1.00 15.61 ? 943  GLU A O   1 
ATOM   409  C  CB  . GLU A 1 51  ? -9.016  -7.210  -16.294 1.00 14.31 ? 943  GLU A CB  1 
ATOM   410  C  CG  . GLU A 1 51  ? -10.459 -6.745  -16.516 1.00 15.96 ? 943  GLU A CG  1 
ATOM   411  C  CD  . GLU A 1 51  ? -10.901 -6.873  -17.964 1.00 17.40 ? 943  GLU A CD  1 
ATOM   412  O  OE1 . GLU A 1 51  ? -11.722 -7.767  -18.243 1.00 22.62 ? 943  GLU A OE1 1 
ATOM   413  O  OE2 . GLU A 1 51  ? -10.415 -6.087  -18.810 1.00 18.59 ? 943  GLU A OE2 1 
ATOM   414  N  N   . ASN A 1 52  ? -10.203 -6.647  -13.260 1.00 12.56 ? 944  ASN A N   1 
ATOM   415  C  CA  . ASN A 1 52  ? -11.185 -7.162  -12.325 1.00 13.18 ? 944  ASN A CA  1 
ATOM   416  C  C   . ASN A 1 52  ? -12.330 -6.183  -12.357 1.00 15.08 ? 944  ASN A C   1 
ATOM   417  O  O   . ASN A 1 52  ? -12.319 -5.166  -11.660 1.00 13.95 ? 944  ASN A O   1 
ATOM   418  C  CB  . ASN A 1 52  ? -10.640 -7.295  -10.914 1.00 12.52 ? 944  ASN A CB  1 
ATOM   419  C  CG  . ASN A 1 52  ? -11.591 -8.054  -10.022 1.00 15.93 ? 944  ASN A CG  1 
ATOM   420  O  OD1 . ASN A 1 52  ? -12.801 -7.922  -10.168 1.00 17.64 ? 944  ASN A OD1 1 
ATOM   421  N  ND2 . ASN A 1 52  ? -11.058 -8.840  -9.095  1.00 18.42 ? 944  ASN A ND2 1 
ATOM   422  N  N   . LYS A 1 53  ? -13.322 -6.472  -13.186 1.00 13.90 ? 945  LYS A N   1 
ATOM   423  C  CA  . LYS A 1 53  ? -14.445 -5.554  -13.334 1.00 16.11 ? 945  LYS A CA  1 
ATOM   424  C  C   . LYS A 1 53  ? -15.331 -5.383  -12.120 1.00 18.22 ? 945  LYS A C   1 
ATOM   425  O  O   . LYS A 1 53  ? -16.186 -4.484  -12.082 1.00 23.37 ? 945  LYS A O   1 
ATOM   426  C  CB  . LYS A 1 53  ? -15.255 -5.908  -14.595 1.00 16.93 ? 945  LYS A CB  1 
ATOM   427  C  CG  . LYS A 1 53  ? -14.369 -5.666  -15.834 1.00 19.55 ? 945  LYS A CG  1 
ATOM   428  C  CD  . LYS A 1 53  ? -15.095 -5.680  -17.160 1.00 23.07 ? 945  LYS A CD  1 
ATOM   429  C  CE  . LYS A 1 53  ? -14.129 -5.247  -18.265 1.00 26.54 ? 945  LYS A CE  1 
ATOM   430  N  NZ  . LYS A 1 53  ? -14.795 -5.129  -19.600 1.00 30.02 ? 945  LYS A NZ  1 
ATOM   431  N  N   . ALA A 1 54  ? -15.143 -6.220  -11.112 1.00 15.31 ? 946  ALA A N   1 
ATOM   432  C  CA  . ALA A 1 54  ? -15.908 -6.057  -9.886  1.00 17.05 ? 946  ALA A CA  1 
ATOM   433  C  C   . ALA A 1 54  ? -15.329 -4.885  -9.083  1.00 17.36 ? 946  ALA A C   1 
ATOM   434  O  O   . ALA A 1 54  ? -16.050 -4.245  -8.316  1.00 18.77 ? 946  ALA A O   1 
ATOM   435  C  CB  . ALA A 1 54  ? -15.845 -7.325  -9.043  1.00 15.72 ? 946  ALA A CB  1 
ATOM   436  N  N   . LEU A 1 55  ? -14.032 -4.618  -9.270  1.00 16.84 ? 947  LEU A N   1 
ATOM   437  C  CA  . LEU A 1 55  ? -13.316 -3.562  -8.536  1.00 16.58 ? 947  LEU A CA  1 
ATOM   438  C  C   . LEU A 1 55  ? -13.064 -2.268  -9.314  1.00 16.65 ? 947  LEU A C   1 
ATOM   439  O  O   . LEU A 1 55  ? -12.809 -1.217  -8.717  1.00 17.95 ? 947  LEU A O   1 
ATOM   440  C  CB  . LEU A 1 55  ? -11.960 -4.107  -8.056  1.00 18.19 ? 947  LEU A CB  1 
ATOM   441  C  CG  . LEU A 1 55  ? -11.994 -5.424  -7.281  1.00 20.30 ? 947  LEU A CG  1 
ATOM   442  C  CD1 . LEU A 1 55  ? -10.575 -5.841  -6.915  1.00 21.13 ? 947  LEU A CD1 1 
ATOM   443  C  CD2 . LEU A 1 55  ? -12.836 -5.258  -6.022  1.00 22.60 ? 947  LEU A CD2 1 
ATOM   444  N  N   . GLN A 1 56  ? -13.106 -2.329  -10.635 1.00 14.23 ? 948  GLN A N   1 
ATOM   445  C  CA  . GLN A 1 56  ? -12.836 -1.155  -11.451 1.00 14.41 ? 948  GLN A CA  1 
ATOM   446  C  C   . GLN A 1 56  ? -13.975 -0.155  -11.455 1.00 15.77 ? 948  GLN A C   1 
ATOM   447  O  O   . GLN A 1 56  ? -15.140 -0.509  -11.590 1.00 18.58 ? 948  GLN A O   1 
ATOM   448  C  CB  . GLN A 1 56  ? -12.501 -1.577  -12.883 1.00 14.47 ? 948  GLN A CB  1 
ATOM   449  C  CG  . GLN A 1 56  ? -11.250 -2.448  -12.942 1.00 14.22 ? 948  GLN A CG  1 
ATOM   450  C  CD  . GLN A 1 56  ? -10.979 -3.064  -14.314 1.00 14.82 ? 948  GLN A CD  1 
ATOM   451  O  OE1 . GLN A 1 56  ? -10.165 -3.973  -14.419 1.00 17.38 ? 948  GLN A OE1 1 
ATOM   452  N  NE2 . GLN A 1 56  ? -11.643 -2.573  -15.357 1.00 17.99 ? 948  GLN A NE2 1 
ATOM   453  N  N   . LYS A 1 57  ? -13.639 1.109   -11.276 1.00 16.06 ? 949  LYS A N   1 
ATOM   454  C  CA  . LYS A 1 57  ? -14.668 2.122   -11.313 1.00 17.52 ? 949  LYS A CA  1 
ATOM   455  C  C   . LYS A 1 57  ? -14.066 3.502   -11.359 1.00 15.52 ? 949  LYS A C   1 
ATOM   456  O  O   . LYS A 1 57  ? -12.870 3.696   -11.082 1.00 14.41 ? 949  LYS A O   1 
ATOM   457  C  CB  . LYS A 1 57  ? -15.619 1.975   -10.132 1.00 21.72 ? 949  LYS A CB  1 
ATOM   458  C  CG  . LYS A 1 57  ? -14.985 2.096   -8.793  1.00 23.38 ? 949  LYS A CG  1 
ATOM   459  C  CD  . LYS A 1 57  ? -16.031 1.746   -7.765  1.00 27.89 ? 949  LYS A CD  1 
ATOM   460  C  CE  . LYS A 1 57  ? -15.730 2.370   -6.437  1.00 30.22 ? 949  LYS A CE  1 
ATOM   461  N  NZ  . LYS A 1 57  ? -16.849 2.141   -5.468  1.00 32.89 ? 949  LYS A NZ  1 
ATOM   462  N  N   . LYS A 1 58  ? -14.874 4.456   -11.794 1.00 15.12 ? 950  LYS A N   1 
ATOM   463  C  CA  . LYS A 1 58  ? -14.440 5.835   -11.889 1.00 14.41 ? 950  LYS A CA  1 
ATOM   464  C  C   . LYS A 1 58  ? -14.929 6.580   -10.666 1.00 13.94 ? 950  LYS A C   1 
ATOM   465  O  O   . LYS A 1 58  ? -16.132 6.612   -10.387 1.00 17.57 ? 950  LYS A O   1 
ATOM   466  C  CB  . LYS A 1 58  ? -15.035 6.510   -13.127 1.00 17.34 ? 950  LYS A CB  1 
ATOM   467  C  CG  . LYS A 1 58  ? -14.339 6.215   -14.410 1.00 19.90 ? 950  LYS A CG  1 
ATOM   468  C  CD  . LYS A 1 58  ? -15.039 6.925   -15.565 1.00 23.67 ? 950  LYS A CD  1 
ATOM   469  C  CE  . LYS A 1 58  ? -14.217 6.779   -16.837 1.00 24.79 ? 950  LYS A CE  1 
ATOM   470  N  NZ  . LYS A 1 58  ? -14.841 7.492   -17.989 1.00 28.59 ? 950  LYS A NZ  1 
ATOM   471  N  N   . CYS A 1 59  ? -14.004 7.179   -9.938  1.00 13.05 ? 951  CYS A N   1 
ATOM   472  C  CA  . CYS A 1 59  ? -14.351 7.976   -8.774  1.00 11.84 ? 951  CYS A CA  1 
ATOM   473  C  C   . CYS A 1 59  ? -13.982 9.428   -9.036  1.00 11.00 ? 951  CYS A C   1 
ATOM   474  O  O   . CYS A 1 59  ? -13.376 9.767   -10.056 1.00 11.79 ? 951  CYS A O   1 
ATOM   475  C  CB  . CYS A 1 59  ? -13.660 7.450   -7.524  1.00 11.52 ? 951  CYS A CB  1 
ATOM   476  S  SG  . CYS A 1 59  ? -14.216 5.775   -7.114  1.00 14.73 ? 951  CYS A SG  1 
ATOM   477  N  N   . ALA A 1 60  ? -14.375 10.300  -8.131  1.00 10.74 ? 952  ALA A N   1 
ATOM   478  C  CA  . ALA A 1 60  ? -14.094 11.710  -8.349  1.00 10.85 ? 952  ALA A CA  1 
ATOM   479  C  C   . ALA A 1 60  ? -12.603 12.036  -8.317  1.00 10.70 ? 952  ALA A C   1 
ATOM   480  O  O   . ALA A 1 60  ? -12.096 12.844  -9.130  1.00 11.93 ? 952  ALA A O   1 
ATOM   481  C  CB  . ALA A 1 60  ? -14.842 12.559  -7.309  1.00 12.48 ? 952  ALA A CB  1 
ATOM   482  N  N   . ASP A 1 61  ? -11.875 11.397  -7.400  1.00 10.61 ? 953  ASP A N   1 
ATOM   483  C  CA  . ASP A 1 61  ? -10.476 11.733  -7.250  1.00 12.03 ? 953  ASP A CA  1 
ATOM   484  C  C   . ASP A 1 61  ? -9.496  10.726  -7.723  1.00 11.92 ? 953  ASP A C   1 
ATOM   485  O  O   . ASP A 1 61  ? -8.313  10.901  -7.530  1.00 11.77 ? 953  ASP A O   1 
ATOM   486  C  CB  . ASP A 1 61  ? -10.195 12.125  -5.811  1.00 15.05 ? 953  ASP A CB  1 
ATOM   487  C  CG  . ASP A 1 61  ? -10.638 13.555  -5.535  1.00 20.23 ? 953  ASP A CG  1 
ATOM   488  O  OD1 . ASP A 1 61  ? -10.116 14.495  -6.179  1.00 23.48 ? 953  ASP A OD1 1 
ATOM   489  O  OD2 . ASP A 1 61  ? -11.508 13.733  -4.697  1.00 20.50 ? 953  ASP A OD2 1 
ATOM   490  N  N   . TYR A 1 62  ? -9.995  9.676   -8.346  1.00 9.71  ? 954  TYR A N   1 
ATOM   491  C  CA  . TYR A 1 62  ? -9.144  8.631   -8.903  1.00 9.47  ? 954  TYR A CA  1 
ATOM   492  C  C   . TYR A 1 62  ? -10.003 7.657   -9.664  1.00 10.90 ? 954  TYR A C   1 
ATOM   493  O  O   . TYR A 1 62  ? -11.228 7.642   -9.552  1.00 11.06 ? 954  TYR A O   1 
ATOM   494  C  CB  . TYR A 1 62  ? -8.388  7.837   -7.817  1.00 11.41 ? 954  TYR A CB  1 
ATOM   495  C  CG  . TYR A 1 62  ? -9.281  7.307   -6.715  1.00 9.50  ? 954  TYR A CG  1 
ATOM   496  C  CD1 . TYR A 1 62  ? -9.936  6.086   -6.833  1.00 10.97 ? 954  TYR A CD1 1 
ATOM   497  C  CD2 . TYR A 1 62  ? -9.484  8.053   -5.549  1.00 10.76 ? 954  TYR A CD2 1 
ATOM   498  C  CE1 . TYR A 1 62  ? -10.770 5.617   -5.811  1.00 11.88 ? 954  TYR A CE1 1 
ATOM   499  C  CE2 . TYR A 1 62  ? -10.313 7.590   -4.536  1.00 12.10 ? 954  TYR A CE2 1 
ATOM   500  C  CZ  . TYR A 1 62  ? -10.946 6.382   -4.670  1.00 12.61 ? 954  TYR A CZ  1 
ATOM   501  O  OH  . TYR A 1 62  ? -11.765 5.941   -3.646  1.00 15.96 ? 954  TYR A OH  1 
ATOM   502  N  N   . GLN A 1 63  ? -9.342  6.821   -10.437 1.00 11.31 ? 955  GLN A N   1 
ATOM   503  C  CA  . GLN A 1 63  ? -10.012 5.760   -11.157 1.00 12.56 ? 955  GLN A CA  1 
ATOM   504  C  C   . GLN A 1 63  ? -9.323  4.467   -10.707 1.00 11.01 ? 955  GLN A C   1 
ATOM   505  O  O   . GLN A 1 63  ? -8.126  4.477   -10.428 1.00 11.95 ? 955  GLN A O   1 
ATOM   506  C  CB  . GLN A 1 63  ? -9.818  5.963   -12.654 1.00 19.17 ? 955  GLN A CB  1 
ATOM   507  C  CG  . GLN A 1 63  ? -10.550 4.976   -13.507 1.00 23.47 ? 955  GLN A CG  1 
ATOM   508  C  CD  . GLN A 1 63  ? -10.386 5.288   -14.969 1.00 22.69 ? 955  GLN A CD  1 
ATOM   509  O  OE1 . GLN A 1 63  ? -9.761  6.280   -15.334 1.00 28.52 ? 955  GLN A OE1 1 
ATOM   510  N  NE2 . GLN A 1 63  ? -10.947 4.447   -15.814 1.00 24.05 ? 955  GLN A NE2 1 
ATOM   511  N  N   . ILE A 1 64  ? -10.067 3.376   -10.592 1.00 10.94 ? 956  ILE A N   1 
ATOM   512  C  CA  . ILE A 1 64  ? -9.459  2.099   -10.256 1.00 10.65 ? 956  ILE A CA  1 
ATOM   513  C  C   . ILE A 1 64  ? -9.445  1.340   -11.585 1.00 11.33 ? 956  ILE A C   1 
ATOM   514  O  O   . ILE A 1 64  ? -10.492 1.043   -12.149 1.00 13.18 ? 956  ILE A O   1 
ATOM   515  C  CB  . ILE A 1 64  ? -10.252 1.325   -9.190  1.00 12.00 ? 956  ILE A CB  1 
ATOM   516  C  CG1 . ILE A 1 64  ? -10.200 2.083   -7.861  1.00 14.28 ? 956  ILE A CG1 1 
ATOM   517  C  CG2 . ILE A 1 64  ? -9.645  -0.072  -9.019  1.00 14.23 ? 956  ILE A CG2 1 
ATOM   518  C  CD1 . ILE A 1 64  ? -11.051 1.492   -6.747  1.00 15.69 ? 956  ILE A CD1 1 
ATOM   519  N  N   . ASN A 1 65  ? -8.250  1.007   -12.064 1.00 11.19 ? 957  ASN A N   1 
ATOM   520  C  CA  . ASN A 1 65  ? -8.088  0.355   -13.367 1.00 11.76 ? 957  ASN A CA  1 
ATOM   521  C  C   . ASN A 1 65  ? -7.742  -1.112  -13.371 1.00 12.05 ? 957  ASN A C   1 
ATOM   522  O  O   . ASN A 1 65  ? -7.620  -1.729  -14.430 1.00 16.03 ? 957  ASN A O   1 
ATOM   523  C  CB  . ASN A 1 65  ? -7.063  1.140   -14.200 1.00 15.06 ? 957  ASN A CB  1 
ATOM   524  C  CG  . ASN A 1 65  ? -7.567  2.528   -14.592 1.00 16.09 ? 957  ASN A CG  1 
ATOM   525  O  OD1 . ASN A 1 65  ? -8.761  2.729   -14.714 1.00 17.31 ? 957  ASN A OD1 1 
ATOM   526  N  ND2 . ASN A 1 65  ? -6.654  3.475   -14.804 1.00 18.22 ? 957  ASN A ND2 1 
ATOM   527  N  N   . GLY A 1 66  ? -7.590  -1.678  -12.189 1.00 11.27 ? 958  GLY A N   1 
ATOM   528  C  CA  . GLY A 1 66  ? -7.265  -3.088  -12.121 1.00 12.65 ? 958  GLY A CA  1 
ATOM   529  C  C   . GLY A 1 66  ? -6.951  -3.514  -10.715 1.00 12.22 ? 958  GLY A C   1 
ATOM   530  O  O   . GLY A 1 66  ? -6.994  -2.705  -9.768  1.00 11.45 ? 958  GLY A O   1 
ATOM   531  N  N   . GLU A 1 67  ? -6.624  -4.787  -10.578 1.00 12.39 ? 959  GLU A N   1 
ATOM   532  C  CA  . GLU A 1 67  ? -6.288  -5.382  -9.303  1.00 12.18 ? 959  GLU A CA  1 
ATOM   533  C  C   . GLU A 1 67  ? -4.805  -5.672  -9.301  1.00 13.32 ? 959  GLU A C   1 
ATOM   534  O  O   . GLU A 1 67  ? -4.243  -6.100  -10.307 1.00 15.51 ? 959  GLU A O   1 
ATOM   535  C  CB  . GLU A 1 67  ? -7.080  -6.675  -9.152  1.00 16.61 ? 959  GLU A CB  1 
ATOM   536  C  CG  . GLU A 1 67  ? -6.807  -7.435  -7.910  1.00 15.28 ? 959  GLU A CG  1 
ATOM   537  C  CD  . GLU A 1 67  ? -7.838  -8.508  -7.657  1.00 18.09 ? 959  GLU A CD  1 
ATOM   538  O  OE1 . GLU A 1 67  ? -8.266  -9.165  -8.632  1.00 17.30 ? 959  GLU A OE1 1 
ATOM   539  O  OE2 . GLU A 1 67  ? -8.201  -8.710  -6.488  1.00 18.56 ? 959  GLU A OE2 1 
ATOM   540  N  N   . ILE A 1 68  ? -4.151  -5.417  -8.181  1.00 10.13 ? 960  ILE A N   1 
ATOM   541  C  CA  . ILE A 1 68  ? -2.727  -5.688  -8.053  1.00 11.65 ? 960  ILE A CA  1 
ATOM   542  C  C   . ILE A 1 68  ? -2.587  -7.009  -7.339  1.00 11.20 ? 960  ILE A C   1 
ATOM   543  O  O   . ILE A 1 68  ? -3.229  -7.248  -6.303  1.00 10.87 ? 960  ILE A O   1 
ATOM   544  C  CB  . ILE A 1 68  ? -2.005  -4.589  -7.218  1.00 12.88 ? 960  ILE A CB  1 
ATOM   545  C  CG1 . ILE A 1 68  ? -1.991  -3.272  -8.008  1.00 14.08 ? 960  ILE A CG1 1 
ATOM   546  C  CG2 . ILE A 1 68  ? -0.621  -5.074  -6.820  1.00 18.46 ? 960  ILE A CG2 1 
ATOM   547  C  CD1 . ILE A 1 68  ? -1.611  -2.073  -7.148  1.00 22.21 ? 960  ILE A CD1 1 
ATOM   548  N  N   . ILE A 1 69  ? -1.748  -7.873  -7.897  1.00 10.59 ? 961  ILE A N   1 
ATOM   549  C  CA  . ILE A 1 69  ? -1.510  -9.181  -7.298  1.00 11.73 ? 961  ILE A CA  1 
ATOM   550  C  C   . ILE A 1 69  ? -0.029  -9.478  -7.223  1.00 11.40 ? 961  ILE A C   1 
ATOM   551  O  O   . ILE A 1 69  ? 0.756   -8.943  -7.983  1.00 11.38 ? 961  ILE A O   1 
ATOM   552  C  CB  . ILE A 1 69  ? -2.192  -10.333 -8.108  1.00 14.14 ? 961  ILE A CB  1 
ATOM   553  C  CG1 . ILE A 1 69  ? -1.554  -10.437 -9.498  1.00 13.96 ? 961  ILE A CG1 1 
ATOM   554  C  CG2 . ILE A 1 69  ? -3.707  -10.070 -8.221  1.00 16.46 ? 961  ILE A CG2 1 
ATOM   555  C  CD1 . ILE A 1 69  ? -2.040  -11.620 -10.333 1.00 16.96 ? 961  ILE A CD1 1 
ATOM   556  N  N   . CYS A 1 70  ? 0.325   -10.334 -6.283  1.00 9.76  ? 962  CYS A N   1 
ATOM   557  C  CA  . CYS A 1 70  ? 1.682   -10.806 -6.110  1.00 9.50  ? 962  CYS A CA  1 
ATOM   558  C  C   . CYS A 1 70  ? 2.037   -11.696 -7.299  1.00 10.29 ? 962  CYS A C   1 
ATOM   559  O  O   . CYS A 1 70  ? 1.150   -12.248 -7.978  1.00 11.51 ? 962  CYS A O   1 
ATOM   560  C  CB  . CYS A 1 70  ? 1.754   -11.656 -4.841  1.00 10.09 ? 962  CYS A CB  1 
ATOM   561  S  SG  . CYS A 1 70  ? 3.366   -12.317 -4.471  1.00 10.69 ? 962  CYS A SG  1 
ATOM   562  N  N   . LYS A 1 71  ? 3.328   -11.842 -7.551  1.00 10.73 ? 963  LYS A N   1 
ATOM   563  C  CA  . LYS A 1 71  ? 3.763   -12.766 -8.596  1.00 12.33 ? 963  LYS A CA  1 
ATOM   564  C  C   . LYS A 1 71  ? 3.246   -14.189 -8.294  1.00 12.38 ? 963  LYS A C   1 
ATOM   565  O  O   . LYS A 1 71  ? 3.083   -14.985 -9.221  1.00 13.72 ? 963  LYS A O   1 
ATOM   566  C  CB  . LYS A 1 71  ? 5.296   -12.786 -8.689  1.00 14.67 ? 963  LYS A CB  1 
ATOM   567  C  CG  . LYS A 1 71  ? 5.907   -11.465 -9.156  1.00 18.34 ? 963  LYS A CG  1 
ATOM   568  C  CD  . LYS A 1 71  ? 5.606   -11.206 -10.620 1.00 20.65 ? 963  LYS A CD  1 
ATOM   569  C  CE  . LYS A 1 71  ? 6.024   -9.806  -11.069 1.00 20.14 ? 963  LYS A CE  1 
ATOM   570  N  NZ  . LYS A 1 71  ? 6.001   -9.661  -12.573 1.00 22.93 ? 963  LYS A NZ  1 
ATOM   571  N  N   . CYS A 1 72  ? 2.953   -14.517 -7.027  1.00 11.00 ? 964  CYS A N   1 
ATOM   572  C  CA  . CYS A 1 72  ? 2.450   -15.865 -6.695  1.00 12.44 ? 964  CYS A CA  1 
ATOM   573  C  C   . CYS A 1 72  ? 0.969   -16.023 -6.999  1.00 11.00 ? 964  CYS A C   1 
ATOM   574  O  O   . CYS A 1 72  ? 0.437   -17.141 -6.950  1.00 12.73 ? 964  CYS A O   1 
ATOM   575  C  CB  . CYS A 1 72  ? 2.677   -16.224 -5.210  1.00 9.36  ? 964  CYS A CB  1 
ATOM   576  S  SG  . CYS A 1 72  ? 1.447   -15.510 -4.024  1.00 10.82 ? 964  CYS A SG  1 
ATOM   577  N  N   . GLY A 1 73  ? 0.289   -14.911 -7.273  1.00 10.60 ? 965  GLY A N   1 
ATOM   578  C  CA  . GLY A 1 73  ? -1.136  -14.938 -7.572  1.00 10.52 ? 965  GLY A CA  1 
ATOM   579  C  C   . GLY A 1 73  ? -2.024  -14.353 -6.481  1.00 10.58 ? 965  GLY A C   1 
ATOM   580  O  O   . GLY A 1 73  ? -3.186  -14.029 -6.739  1.00 12.18 ? 965  GLY A O   1 
ATOM   581  N  N   . GLN A 1 74  ? -1.493  -14.209 -5.274  1.00 10.10 ? 966  GLN A N   1 
ATOM   582  C  CA  . GLN A 1 74  ? -2.281  -13.655 -4.171  1.00 10.38 ? 966  GLN A CA  1 
ATOM   583  C  C   . GLN A 1 74  ? -2.639  -12.198 -4.400  1.00 9.64  ? 966  GLN A C   1 
ATOM   584  O  O   . GLN A 1 74  ? -1.768  -11.375 -4.713  1.00 10.25 ? 966  GLN A O   1 
ATOM   585  C  CB  . GLN A 1 74  ? -1.484  -13.801 -2.883  1.00 9.85  ? 966  GLN A CB  1 
ATOM   586  C  CG  . GLN A 1 74  ? -2.022  -13.005 -1.671  1.00 10.60 ? 966  GLN A CG  1 
ATOM   587  C  CD  . GLN A 1 74  ? -3.296  -13.559 -1.093  1.00 11.46 ? 966  GLN A CD  1 
ATOM   588  O  OE1 . GLN A 1 74  ? -3.397  -14.751 -0.837  1.00 16.39 ? 966  GLN A OE1 1 
ATOM   589  N  NE2 . GLN A 1 74  ? -4.271  -12.695 -0.868  1.00 11.63 ? 966  GLN A NE2 1 
ATOM   590  N  N   . ALA A 1 75  ? -3.910  -11.857 -4.257  1.00 10.49 ? 967  ALA A N   1 
ATOM   591  C  CA  . ALA A 1 75  ? -4.293  -10.473 -4.438  1.00 9.99  ? 967  ALA A CA  1 
ATOM   592  C  C   . ALA A 1 75  ? -3.633  -9.636  -3.345  1.00 10.09 ? 967  ALA A C   1 
ATOM   593  O  O   . ALA A 1 75  ? -3.483  -10.080 -2.199  1.00 10.42 ? 967  ALA A O   1 
ATOM   594  C  CB  . ALA A 1 75  ? -5.797  -10.334 -4.353  1.00 14.87 ? 967  ALA A CB  1 
ATOM   595  N  N   . TRP A 1 76  ? -3.237  -8.429  -3.721  1.00 9.73  ? 968  TRP A N   1 
ATOM   596  C  CA  . TRP A 1 76  ? -2.616  -7.479  -2.796  1.00 9.22  ? 968  TRP A CA  1 
ATOM   597  C  C   . TRP A 1 76  ? -3.422  -6.203  -2.640  1.00 8.99  ? 968  TRP A C   1 
ATOM   598  O  O   . TRP A 1 76  ? -3.434  -5.615  -1.563  1.00 10.40 ? 968  TRP A O   1 
ATOM   599  C  CB  . TRP A 1 76  ? -1.214  -7.084  -3.273  1.00 9.64  ? 968  TRP A CB  1 
ATOM   600  C  CG  . TRP A 1 76  ? -0.108  -8.075  -2.956  1.00 8.13  ? 968  TRP A CG  1 
ATOM   601  C  CD1 . TRP A 1 76  ? -0.212  -9.242  -2.247  1.00 10.31 ? 968  TRP A CD1 1 
ATOM   602  C  CD2 . TRP A 1 76  ? 1.284   -7.917  -3.260  1.00 8.66  ? 968  TRP A CD2 1 
ATOM   603  N  NE1 . TRP A 1 76  ? 1.027   -9.809  -2.081  1.00 8.71  ? 968  TRP A NE1 1 
ATOM   604  C  CE2 . TRP A 1 76  ? 1.963   -9.019  -2.705  1.00 8.84  ? 968  TRP A CE2 1 
ATOM   605  C  CE3 . TRP A 1 76  ? 2.023   -6.947  -3.952  1.00 10.52 ? 968  TRP A CE3 1 
ATOM   606  C  CZ2 . TRP A 1 76  ? 3.340   -9.179  -2.815  1.00 10.68 ? 968  TRP A CZ2 1 
ATOM   607  C  CZ3 . TRP A 1 76  ? 3.392   -7.103  -4.055  1.00 10.98 ? 968  TRP A CZ3 1 
ATOM   608  C  CH2 . TRP A 1 76  ? 4.041   -8.214  -3.491  1.00 12.18 ? 968  TRP A CH2 1 
ATOM   609  N  N   . GLY A 1 77  ? -4.071  -5.761  -3.715  1.00 8.28  ? 969  GLY A N   1 
ATOM   610  C  CA  . GLY A 1 77  ? -4.843  -4.540  -3.624  1.00 9.29  ? 969  GLY A CA  1 
ATOM   611  C  C   . GLY A 1 77  ? -5.383  -4.101  -4.960  1.00 10.07 ? 969  GLY A C   1 
ATOM   612  O  O   . GLY A 1 77  ? -5.765  -4.924  -5.784  1.00 9.64  ? 969  GLY A O   1 
ATOM   613  N  N   . THR A 1 78  ? -5.428  -2.797  -5.177  1.00 9.42  ? 970  THR A N   1 
ATOM   614  C  CA  . THR A 1 78  ? -5.975  -2.250  -6.405  1.00 9.78  ? 970  THR A CA  1 
ATOM   615  C  C   . THR A 1 78  ? -5.055  -1.221  -7.020  1.00 10.58 ? 970  THR A C   1 
ATOM   616  O  O   . THR A 1 78  ? -4.215  -0.633  -6.317  1.00 12.07 ? 970  THR A O   1 
ATOM   617  C  CB  . THR A 1 78  ? -7.303  -1.539  -6.111  1.00 12.02 ? 970  THR A CB  1 
ATOM   618  O  OG1 . THR A 1 78  ? -7.071  -0.523  -5.123  1.00 13.41 ? 970  THR A OG1 1 
ATOM   619  C  CG2 . THR A 1 78  ? -8.362  -2.533  -5.596  1.00 13.21 ? 970  THR A CG2 1 
ATOM   620  N  N   . MET A 1 79  ? -5.179  -1.022  -8.322  1.00 9.77  ? 971  MET A N   1 
ATOM   621  C  CA  . MET A 1 79  ? -4.405  0.001   -8.985  1.00 10.74 ? 971  MET A CA  1 
ATOM   622  C  C   . MET A 1 79  ? -5.259  1.252   -9.159  1.00 11.31 ? 971  MET A C   1 
ATOM   623  O  O   . MET A 1 79  ? -6.177  1.280   -9.990  1.00 12.14 ? 971  MET A O   1 
ATOM   624  C  CB  . MET A 1 79  ? -3.897  -0.439  -10.361 1.00 13.57 ? 971  MET A CB  1 
ATOM   625  C  CG  . MET A 1 79  ? -3.085  0.670   -11.046 1.00 13.82 ? 971  MET A CG  1 
ATOM   626  S  SD  . MET A 1 79  ? -1.601  1.275   -10.126 1.00 16.41 ? 971  MET A SD  1 
ATOM   627  C  CE  . MET A 1 79  ? -0.638  -0.128  -10.305 1.00 18.95 ? 971  MET A CE  1 
ATOM   628  N  N   . MET A 1 80  ? -4.984  2.266   -8.344  1.00 10.00 ? 972  MET A N   1 
ATOM   629  C  CA  . MET A 1 80  ? -5.677  3.544   -8.443  1.00 9.74  ? 972  MET A CA  1 
ATOM   630  C  C   . MET A 1 80  ? -4.842  4.453   -9.328  1.00 9.19  ? 972  MET A C   1 
ATOM   631  O  O   . MET A 1 80  ? -3.617  4.293   -9.410  1.00 10.42 ? 972  MET A O   1 
ATOM   632  C  CB  . MET A 1 80  ? -5.796  4.196   -7.068  1.00 12.39 ? 972  MET A CB  1 
ATOM   633  C  CG  . MET A 1 80  ? -6.619  3.403   -6.092  1.00 15.22 ? 972  MET A CG  1 
ATOM   634  S  SD  . MET A 1 80  ? -6.487  4.048   -4.405  1.00 18.65 ? 972  MET A SD  1 
ATOM   635  C  CE  . MET A 1 80  ? -6.788  5.824   -4.700  1.00 14.04 ? 972  MET A CE  1 
ATOM   636  N  N   . VAL A 1 81  ? -5.486  5.391   -10.014 1.00 9.83  ? 973  VAL A N   1 
ATOM   637  C  CA  . VAL A 1 81  ? -4.750  6.349   -10.830 1.00 9.75  ? 973  VAL A CA  1 
ATOM   638  C  C   . VAL A 1 81  ? -5.384  7.706   -10.562 1.00 10.23 ? 973  VAL A C   1 
ATOM   639  O  O   . VAL A 1 81  ? -6.593  7.845   -10.672 1.00 11.31 ? 973  VAL A O   1 
ATOM   640  C  CB  . VAL A 1 81  ? -4.846  6.047   -12.352 1.00 9.78  ? 973  VAL A CB  1 
ATOM   641  C  CG1 . VAL A 1 81  ? -4.086  7.092   -13.127 1.00 11.44 ? 973  VAL A CG1 1 
ATOM   642  C  CG2 . VAL A 1 81  ? -4.258  4.660   -12.648 1.00 11.56 ? 973  VAL A CG2 1 
ATOM   643  N  N   . HIS A 1 82  ? -4.567  8.687   -10.182 1.00 8.79  ? 974  HIS A N   1 
ATOM   644  C  CA  . HIS A 1 82  ? -5.013  10.059  -9.936  1.00 9.19  ? 974  HIS A CA  1 
ATOM   645  C  C   . HIS A 1 82  ? -4.286  10.956  -10.935 1.00 9.52  ? 974  HIS A C   1 
ATOM   646  O  O   . HIS A 1 82  ? -3.071  11.051  -10.902 1.00 10.57 ? 974  HIS A O   1 
ATOM   647  C  CB  . HIS A 1 82  ? -4.641  10.517  -8.509  1.00 10.01 ? 974  HIS A CB  1 
ATOM   648  C  CG  . HIS A 1 82  ? -4.901  11.970  -8.257  1.00 10.41 ? 974  HIS A CG  1 
ATOM   649  N  ND1 . HIS A 1 82  ? -6.150  12.457  -7.939  1.00 11.64 ? 974  HIS A ND1 1 
ATOM   650  C  CD2 . HIS A 1 82  ? -4.080  13.041  -8.307  1.00 11.47 ? 974  HIS A CD2 1 
ATOM   651  C  CE1 . HIS A 1 82  ? -6.080  13.770  -7.789  1.00 11.26 ? 974  HIS A CE1 1 
ATOM   652  N  NE2 . HIS A 1 82  ? -4.838  14.150  -8.005  1.00 11.67 ? 974  HIS A NE2 1 
ATOM   653  N  N   . LYS A 1 83  ? -5.037  11.615  -11.814 1.00 10.30 ? 975  LYS A N   1 
ATOM   654  C  CA  . LYS A 1 83  ? -4.457  12.512  -12.807 1.00 11.62 ? 975  LYS A CA  1 
ATOM   655  C  C   . LYS A 1 83  ? -3.285  11.892  -13.555 1.00 9.40  ? 975  LYS A C   1 
ATOM   656  O  O   . LYS A 1 83  ? -2.234  12.504  -13.740 1.00 12.66 ? 975  LYS A O   1 
ATOM   657  C  CB  . LYS A 1 83  ? -4.049  13.833  -12.136 1.00 12.20 ? 975  LYS A CB  1 
ATOM   658  C  CG  . LYS A 1 83  ? -5.264  14.585  -11.561 1.00 12.46 ? 975  LYS A CG  1 
ATOM   659  C  CD  . LYS A 1 83  ? -4.899  15.929  -10.924 1.00 19.32 ? 975  LYS A CD  1 
ATOM   660  C  CE  . LYS A 1 83  ? -6.171  16.612  -10.407 1.00 21.46 ? 975  LYS A CE  1 
ATOM   661  N  NZ  . LYS A 1 83  ? -5.859  17.929  -9.789  1.00 22.23 ? 975  LYS A NZ  1 
ATOM   662  N  N   . GLY A 1 84  ? -3.451  10.644  -13.963 1.00 10.14 ? 976  GLY A N   1 
ATOM   663  C  CA  . GLY A 1 84  ? -2.403  9.946   -14.695 1.00 10.42 ? 976  GLY A CA  1 
ATOM   664  C  C   . GLY A 1 84  ? -1.277  9.376   -13.859 1.00 12.07 ? 976  GLY A C   1 
ATOM   665  O  O   . GLY A 1 84  ? -0.358  8.760   -14.415 1.00 14.40 ? 976  GLY A O   1 
ATOM   666  N  N   . LEU A 1 85  ? -1.341  9.538   -12.544 1.00 10.92 ? 977  LEU A N   1 
ATOM   667  C  CA  . LEU A 1 85  ? -0.280  9.023   -11.679 1.00 11.36 ? 977  LEU A CA  1 
ATOM   668  C  C   . LEU A 1 85  ? -0.720  7.734   -10.992 1.00 10.86 ? 977  LEU A C   1 
ATOM   669  O  O   . LEU A 1 85  ? -1.805  7.662   -10.435 1.00 10.67 ? 977  LEU A O   1 
ATOM   670  C  CB  . LEU A 1 85  ? 0.090   10.085  -10.639 1.00 11.75 ? 977  LEU A CB  1 
ATOM   671  C  CG  . LEU A 1 85  ? 0.439   11.472  -11.191 1.00 13.22 ? 977  LEU A CG  1 
ATOM   672  C  CD1 . LEU A 1 85  ? 0.570   12.462  -10.027 1.00 14.89 ? 977  LEU A CD1 1 
ATOM   673  C  CD2 . LEU A 1 85  ? 1.760   11.415  -11.979 1.00 15.57 ? 977  LEU A CD2 1 
ATOM   674  N  N   . ASP A 1 86  ? 0.119   6.709   -11.060 1.00 12.99 ? 978  ASP A N   1 
ATOM   675  C  CA  . ASP A 1 86  ? -0.188  5.408   -10.465 1.00 12.14 ? 978  ASP A CA  1 
ATOM   676  C  C   . ASP A 1 86  ? -0.106  5.421   -8.942  1.00 10.78 ? 978  ASP A C   1 
ATOM   677  O  O   . ASP A 1 86  ? 0.892   5.884   -8.374  1.00 12.51 ? 978  ASP A O   1 
ATOM   678  C  CB  . ASP A 1 86  ? 0.804   4.361   -10.971 1.00 14.20 ? 978  ASP A CB  1 
ATOM   679  C  CG  . ASP A 1 86  ? 0.544   3.937   -12.398 1.00 18.25 ? 978  ASP A CG  1 
ATOM   680  O  OD1 . ASP A 1 86  ? 1.437   3.284   -12.980 1.00 24.12 ? 978  ASP A OD1 1 
ATOM   681  O  OD2 . ASP A 1 86  ? -0.534  4.225   -12.940 1.00 17.26 ? 978  ASP A OD2 1 
ATOM   682  N  N   . LEU A 1 87  ? -1.144  4.894   -8.295  1.00 10.10 ? 979  LEU A N   1 
ATOM   683  C  CA  . LEU A 1 87  ? -1.209  4.773   -6.837  1.00 10.36 ? 979  LEU A CA  1 
ATOM   684  C  C   . LEU A 1 87  ? -1.498  3.304   -6.517  1.00 9.99  ? 979  LEU A C   1 
ATOM   685  O  O   . LEU A 1 87  ? -2.650  2.897   -6.410  1.00 9.60  ? 979  LEU A O   1 
ATOM   686  C  CB  . LEU A 1 87  ? -2.333  5.665   -6.283  1.00 12.00 ? 979  LEU A CB  1 
ATOM   687  C  CG  . LEU A 1 87  ? -2.260  7.183   -6.516  1.00 15.09 ? 979  LEU A CG  1 
ATOM   688  C  CD1 . LEU A 1 87  ? -3.445  7.855   -5.818  1.00 13.45 ? 979  LEU A CD1 1 
ATOM   689  C  CD2 . LEU A 1 87  ? -0.940  7.747   -6.019  1.00 20.27 ? 979  LEU A CD2 1 
ATOM   690  N  N   . PRO A 1 88  ? -0.455  2.469   -6.372  1.00 10.00 ? 980  PRO A N   1 
ATOM   691  C  CA  . PRO A 1 88  ? -0.653  1.047   -6.072  1.00 10.22 ? 980  PRO A CA  1 
ATOM   692  C  C   . PRO A 1 88  ? -1.149  0.956   -4.647  1.00 11.02 ? 980  PRO A C   1 
ATOM   693  O  O   . PRO A 1 88  ? -0.386  1.183   -3.712  1.00 9.48  ? 980  PRO A O   1 
ATOM   694  C  CB  . PRO A 1 88  ? 0.748   0.455   -6.268  1.00 10.20 ? 980  PRO A CB  1 
ATOM   695  C  CG  . PRO A 1 88  ? 1.435   1.455   -7.191  1.00 11.34 ? 980  PRO A CG  1 
ATOM   696  C  CD  . PRO A 1 88  ? 0.953   2.768   -6.696  1.00 10.28 ? 980  PRO A CD  1 
ATOM   697  N  N   . CYS A 1 89  ? -2.422  0.608   -4.492  1.00 9.79  ? 981  CYS A N   1 
ATOM   698  C  CA  . CYS A 1 89  ? -3.083  0.574   -3.184  1.00 9.74  ? 981  CYS A CA  1 
ATOM   699  C  C   . CYS A 1 89  ? -3.094  -0.792  -2.551  1.00 11.00 ? 981  CYS A C   1 
ATOM   700  O  O   . CYS A 1 89  ? -3.575  -1.754  -3.147  1.00 10.97 ? 981  CYS A O   1 
ATOM   701  C  CB  . CYS A 1 89  ? -4.499  1.115   -3.353  1.00 11.36 ? 981  CYS A CB  1 
ATOM   702  S  SG  . CYS A 1 89  ? -5.467  1.164   -1.846  1.00 13.93 ? 981  CYS A SG  1 
ATOM   703  N  N   . LEU A 1 90  ? -2.556  -0.868  -1.337  1.00 9.32  ? 982  LEU A N   1 
ATOM   704  C  CA  . LEU A 1 90  ? -2.453  -2.126  -0.623  1.00 9.56  ? 982  LEU A CA  1 
ATOM   705  C  C   . LEU A 1 90  ? -3.537  -2.299  0.415   1.00 10.03 ? 982  LEU A C   1 
ATOM   706  O  O   . LEU A 1 90  ? -3.830  -1.370  1.160   1.00 9.72  ? 982  LEU A O   1 
ATOM   707  C  CB  . LEU A 1 90  ? -1.103  -2.222  0.094   1.00 12.58 ? 982  LEU A CB  1 
ATOM   708  C  CG  . LEU A 1 90  ? 0.185   -2.351  -0.711  1.00 13.40 ? 982  LEU A CG  1 
ATOM   709  C  CD1 . LEU A 1 90  ? 0.475   -1.110  -1.505  1.00 17.05 ? 982  LEU A CD1 1 
ATOM   710  C  CD2 . LEU A 1 90  ? 1.322   -2.623  0.250   1.00 16.70 ? 982  LEU A CD2 1 
ATOM   711  N  N   . LYS A 1 91  ? -4.134  -3.489  0.454   1.00 9.43  ? 983  LYS A N   1 
ATOM   712  C  CA  . LYS A 1 91  ? -5.144  -3.802  1.470   1.00 8.28  ? 983  LYS A CA  1 
ATOM   713  C  C   . LYS A 1 91  ? -4.385  -4.628  2.512   1.00 9.13  ? 983  LYS A C   1 
ATOM   714  O  O   . LYS A 1 91  ? -3.846  -5.703  2.191   1.00 9.56  ? 983  LYS A O   1 
ATOM   715  C  CB  . LYS A 1 91  ? -6.302  -4.602  0.867   1.00 9.68  ? 983  LYS A CB  1 
ATOM   716  C  CG  . LYS A 1 91  ? -6.847  -4.003  -0.391  1.00 10.96 ? 983  LYS A CG  1 
ATOM   717  C  CD  . LYS A 1 91  ? -7.513  -2.658  -0.140  1.00 12.81 ? 983  LYS A CD  1 
ATOM   718  C  CE  . LYS A 1 91  ? -7.977  -2.027  -1.455  1.00 12.99 ? 983  LYS A CE  1 
ATOM   719  N  NZ  . LYS A 1 91  ? -8.892  -0.865  -1.276  1.00 14.60 ? 983  LYS A NZ  1 
ATOM   720  N  N   . ILE A 1 92  ? -4.359  -4.164  3.759   1.00 9.84  ? 984  ILE A N   1 
ATOM   721  C  CA  . ILE A 1 92  ? -3.561  -4.829  4.774   1.00 10.52 ? 984  ILE A CA  1 
ATOM   722  C  C   . ILE A 1 92  ? -3.913  -6.302  5.027   1.00 10.07 ? 984  ILE A C   1 
ATOM   723  O  O   . ILE A 1 92  ? -3.063  -7.091  5.419   1.00 11.56 ? 984  ILE A O   1 
ATOM   724  C  CB  . ILE A 1 92  ? -3.554  -3.991  6.101   1.00 10.67 ? 984  ILE A CB  1 
ATOM   725  C  CG1 . ILE A 1 92  ? -2.422  -4.474  6.998   1.00 12.69 ? 984  ILE A CG1 1 
ATOM   726  C  CG2 . ILE A 1 92  ? -4.892  -4.113  6.833   1.00 12.50 ? 984  ILE A CG2 1 
ATOM   727  C  CD1 . ILE A 1 92  ? -2.108  -3.541  8.171   1.00 14.08 ? 984  ILE A CD1 1 
ATOM   728  N  N   . ARG A 1 93  ? -5.163  -6.659  4.758   1.00 9.97  ? 985  ARG A N   1 
ATOM   729  C  CA  . ARG A 1 93  ? -5.601  -8.042  4.961   1.00 9.96  ? 985  ARG A CA  1 
ATOM   730  C  C   . ARG A 1 93  ? -4.867  -9.053  4.075   1.00 12.96 ? 985  ARG A C   1 
ATOM   731  O  O   . ARG A 1 93  ? -5.009  -10.258 4.287   1.00 14.46 ? 985  ARG A O   1 
ATOM   732  C  CB  . ARG A 1 93  ? -7.107  -8.172  4.704   1.00 12.28 ? 985  ARG A CB  1 
ATOM   733  C  CG  . ARG A 1 93  ? -7.550  -7.734  3.298   1.00 14.12 ? 985  ARG A CG  1 
ATOM   734  C  CD  . ARG A 1 93  ? -9.028  -8.069  3.050   1.00 16.47 ? 985  ARG A CD  1 
ATOM   735  N  NE  . ARG A 1 93  ? -9.603  -7.146  2.086   1.00 15.76 ? 985  ARG A NE  1 
ATOM   736  C  CZ  . ARG A 1 93  ? -9.482  -7.260  0.768   1.00 15.67 ? 985  ARG A CZ  1 
ATOM   737  N  NH1 . ARG A 1 93  ? -8.812  -8.286  0.254   1.00 18.10 ? 985  ARG A NH1 1 
ATOM   738  N  NH2 . ARG A 1 93  ? -9.991  -6.333  -0.033  1.00 16.49 ? 985  ARG A NH2 1 
ATOM   739  N  N   . ASN A 1 94  ? -4.103  -8.581  3.091   1.00 11.33 ? 986  ASN A N   1 
ATOM   740  C  CA  . ASN A 1 94  ? -3.375  -9.496  2.201   1.00 10.94 ? 986  ASN A CA  1 
ATOM   741  C  C   . ASN A 1 94  ? -1.945  -9.757  2.606   1.00 10.85 ? 986  ASN A C   1 
ATOM   742  O  O   . ASN A 1 94  ? -1.237  -10.479 1.899   1.00 11.53 ? 986  ASN A O   1 
ATOM   743  C  CB  . ASN A 1 94  ? -3.378  -8.932  0.781   1.00 11.13 ? 986  ASN A CB  1 
ATOM   744  C  CG  . ASN A 1 94  ? -4.757  -8.943  0.164   1.00 11.80 ? 986  ASN A CG  1 
ATOM   745  O  OD1 . ASN A 1 94  ? -5.457  -9.957  0.278   1.00 14.18 ? 986  ASN A OD1 1 
ATOM   746  N  ND2 . ASN A 1 94  ? -5.158  -7.855  -0.471  1.00 12.94 ? 986  ASN A ND2 1 
ATOM   747  N  N   . PHE A 1 95  ? -1.530  -9.228  3.751   1.00 11.15 ? 987  PHE A N   1 
ATOM   748  C  CA  . PHE A 1 95  ? -0.157  -9.361  4.182   1.00 10.65 ? 987  PHE A CA  1 
ATOM   749  C  C   . PHE A 1 95  ? 0.010   -9.850  5.606   1.00 13.17 ? 987  PHE A C   1 
ATOM   750  O  O   . PHE A 1 95  ? -0.961  -9.908  6.391   1.00 15.74 ? 987  PHE A O   1 
ATOM   751  C  CB  . PHE A 1 95  ? 0.522   -7.971  4.074   1.00 11.18 ? 987  PHE A CB  1 
ATOM   752  C  CG  . PHE A 1 95  ? 0.444   -7.372  2.704   1.00 9.02  ? 987  PHE A CG  1 
ATOM   753  C  CD1 . PHE A 1 95  ? 1.427   -7.647  1.749   1.00 9.54  ? 987  PHE A CD1 1 
ATOM   754  C  CD2 . PHE A 1 95  ? -0.627  -6.571  2.335   1.00 10.82 ? 987  PHE A CD2 1 
ATOM   755  C  CE1 . PHE A 1 95  ? 1.332   -7.135  0.465   1.00 10.59 ? 987  PHE A CE1 1 
ATOM   756  C  CE2 . PHE A 1 95  ? -0.720  -6.060  1.050   1.00 10.86 ? 987  PHE A CE2 1 
ATOM   757  C  CZ  . PHE A 1 95  ? 0.263   -6.345  0.111   1.00 11.19 ? 987  PHE A CZ  1 
ATOM   758  N  N   . VAL A 1 96  ? 1.242   -10.229 5.895   1.00 12.92 ? 988  VAL A N   1 
ATOM   759  C  CA  . VAL A 1 96  ? 1.671   -10.580 7.245   1.00 15.01 ? 988  VAL A CA  1 
ATOM   760  C  C   . VAL A 1 96  ? 2.619   -9.428  7.583   1.00 13.97 ? 988  VAL A C   1 
ATOM   761  O  O   . VAL A 1 96  ? 3.489   -9.065  6.781   1.00 13.77 ? 988  VAL A O   1 
ATOM   762  C  CB  . VAL A 1 96  ? 2.451   -11.905 7.305   1.00 15.71 ? 988  VAL A CB  1 
ATOM   763  C  CG1 . VAL A 1 96  ? 3.269   -11.982 8.597   1.00 21.10 ? 988  VAL A CG1 1 
ATOM   764  C  CG2 . VAL A 1 96  ? 1.469   -13.064 7.239   1.00 19.52 ? 988  VAL A CG2 1 
ATOM   765  N  N   . VAL A 1 97  ? 2.455   -8.827  8.759   1.00 13.91 ? 989  VAL A N   1 
ATOM   766  C  CA  . VAL A 1 97  ? 3.306   -7.703  9.157   1.00 14.48 ? 989  VAL A CA  1 
ATOM   767  C  C   . VAL A 1 97  ? 4.320   -8.183  10.174  1.00 14.32 ? 989  VAL A C   1 
ATOM   768  O  O   . VAL A 1 97  ? 3.947   -8.812  11.158  1.00 15.59 ? 989  VAL A O   1 
ATOM   769  C  CB  . VAL A 1 97  ? 2.469   -6.577  9.791   1.00 13.36 ? 989  VAL A CB  1 
ATOM   770  C  CG1 . VAL A 1 97  ? 3.388   -5.432  10.197  1.00 15.59 ? 989  VAL A CG1 1 
ATOM   771  C  CG2 . VAL A 1 97  ? 1.375   -6.121  8.806   1.00 13.58 ? 989  VAL A CG2 1 
ATOM   772  N  N   . VAL A 1 98  ? 5.584   -7.901  9.914   1.00 13.96 ? 990  VAL A N   1 
ATOM   773  C  CA  . VAL A 1 98  ? 6.663   -8.295  10.811  1.00 13.90 ? 990  VAL A CA  1 
ATOM   774  C  C   . VAL A 1 98  ? 7.283   -7.078  11.468  1.00 14.57 ? 990  VAL A C   1 
ATOM   775  O  O   . VAL A 1 98  ? 7.671   -6.145  10.782  1.00 13.11 ? 990  VAL A O   1 
ATOM   776  C  CB  . VAL A 1 98  ? 7.775   -9.047  10.034  1.00 16.67 ? 990  VAL A CB  1 
ATOM   777  C  CG1 . VAL A 1 98  ? 8.802   -9.621  11.017  1.00 18.66 ? 990  VAL A CG1 1 
ATOM   778  C  CG2 . VAL A 1 98  ? 7.157   -10.189 9.207   1.00 20.65 ? 990  VAL A CG2 1 
ATOM   779  N  N   . PHE A 1 99  ? 7.363   -7.096  12.798  1.00 15.95 ? 991  PHE A N   1 
ATOM   780  C  CA  . PHE A 1 99  ? 7.978   -6.002  13.564  1.00 17.19 ? 991  PHE A CA  1 
ATOM   781  C  C   . PHE A 1 99  ? 9.449   -6.364  13.839  1.00 19.21 ? 991  PHE A C   1 
ATOM   782  O  O   . PHE A 1 99  ? 9.749   -7.496  14.220  1.00 18.96 ? 991  PHE A O   1 
ATOM   783  C  CB  . PHE A 1 99  ? 7.235   -5.797  14.888  1.00 16.05 ? 991  PHE A CB  1 
ATOM   784  C  CG  . PHE A 1 99  ? 5.924   -5.058  14.744  1.00 16.39 ? 991  PHE A CG  1 
ATOM   785  C  CD1 . PHE A 1 99  ? 5.821   -3.722  15.121  1.00 16.13 ? 991  PHE A CD1 1 
ATOM   786  C  CD2 . PHE A 1 99  ? 4.787   -5.706  14.265  1.00 20.30 ? 991  PHE A CD2 1 
ATOM   787  C  CE1 . PHE A 1 99  ? 4.611   -3.036  15.033  1.00 18.60 ? 991  PHE A CE1 1 
ATOM   788  C  CE2 . PHE A 1 99  ? 3.566   -5.033  14.172  1.00 20.01 ? 991  PHE A CE2 1 
ATOM   789  C  CZ  . PHE A 1 99  ? 3.480   -3.699  14.558  1.00 19.19 ? 991  PHE A CZ  1 
ATOM   790  N  N   . LYS A 1 100 ? 10.369  -5.428  13.634  1.00 20.54 ? 992  LYS A N   1 
ATOM   791  C  CA  . LYS A 1 100 ? 11.794  -5.713  13.873  1.00 24.89 ? 992  LYS A CA  1 
ATOM   792  C  C   . LYS A 1 100 ? 12.171  -5.978  15.343  1.00 30.19 ? 992  LYS A C   1 
ATOM   793  O  O   . LYS A 1 100 ? 11.350  -5.802  16.234  1.00 24.68 ? 992  LYS A O   1 
ATOM   794  C  CB  . LYS A 1 100 ? 12.667  -4.563  13.352  1.00 26.82 ? 992  LYS A CB  1 
ATOM   795  C  CG  . LYS A 1 100 ? 14.135  -4.684  13.784  1.00 27.42 ? 992  LYS A CG  1 
ATOM   796  C  CD  . LYS A 1 100 ? 15.067  -3.714  13.120  1.00 33.74 ? 992  LYS A CD  1 
ATOM   797  C  CE  . LYS A 1 100 ? 16.318  -3.464  13.946  1.00 35.55 ? 992  LYS A CE  1 
ATOM   798  N  NZ  . LYS A 1 100 ? 17.240  -2.517  13.267  1.00 35.12 ? 992  LYS A NZ  1 
ATOM   799  N  N   . ASN A 1 101 ? 13.428  -6.403  15.555  1.00 35.43 ? 993  ASN A N   1 
ATOM   800  C  CA  . ASN A 1 101 ? 14.076  -6.710  16.856  1.00 39.74 ? 993  ASN A CA  1 
ATOM   801  C  C   . ASN A 1 101 ? 13.344  -7.655  17.804  1.00 42.02 ? 993  ASN A C   1 
ATOM   802  O  O   . ASN A 1 101 ? 13.947  -8.249  18.715  1.00 44.20 ? 993  ASN A O   1 
ATOM   803  C  CB  . ASN A 1 101 ? 14.441  -5.417  17.597  1.00 40.83 ? 993  ASN A CB  1 
ATOM   804  C  CG  . ASN A 1 101 ? 15.795  -4.873  17.166  1.00 42.82 ? 993  ASN A CG  1 
ATOM   805  O  OD1 . ASN A 1 101 ? 16.801  -5.589  17.205  1.00 45.71 ? 993  ASN A OD1 1 
ATOM   806  N  ND2 . ASN A 1 101 ? 15.830  -3.610  16.750  1.00 44.52 ? 993  ASN A ND2 1 
ATOM   807  N  N   . ASN A 1 102 ? 12.046  -7.804  17.572  1.00 43.97 ? 994  ASN A N   1 
ATOM   808  C  CA  . ASN A 1 102 ? 11.172  -8.644  18.368  1.00 45.53 ? 994  ASN A CA  1 
ATOM   809  C  C   . ASN A 1 102 ? 10.689  -9.700  17.398  1.00 46.40 ? 994  ASN A C   1 
ATOM   810  O  O   . ASN A 1 102 ? 10.260  -10.791 17.781  1.00 46.13 ? 994  ASN A O   1 
ATOM   811  C  CB  . ASN A 1 102 ? 10.025  -7.765  18.860  1.00 46.24 ? 994  ASN A CB  1 
ATOM   812  C  CG  . ASN A 1 102 ? 10.512  -6.404  19.312  1.00 46.60 ? 994  ASN A CG  1 
ATOM   813  O  OD1 . ASN A 1 102 ? 11.686  -6.076  19.147  1.00 49.04 ? 994  ASN A OD1 1 
ATOM   814  N  ND2 . ASN A 1 102 ? 9.621   -5.607  19.878  1.00 47.81 ? 994  ASN A ND2 1 
ATOM   815  N  N   . SER A 1 103 ? 10.802  -9.351  16.123  1.00 45.35 ? 995  SER A N   1 
ATOM   816  C  CA  . SER A 1 103 ? 10.395  -10.220 15.034  1.00 46.31 ? 995  SER A CA  1 
ATOM   817  C  C   . SER A 1 103 ? 9.211   -11.065 15.460  1.00 45.32 ? 995  SER A C   1 
ATOM   818  O  O   . SER A 1 103 ? 9.327   -12.255 15.785  1.00 46.32 ? 995  SER A O   1 
ATOM   819  C  CB  . SER A 1 103 ? 11.558  -11.107 14.584  1.00 47.00 ? 995  SER A CB  1 
ATOM   820  O  OG  . SER A 1 103 ? 11.351  -11.543 13.253  1.00 47.12 ? 995  SER A OG  1 
ATOM   821  N  N   . THR A 1 104 ? 8.070   -10.399 15.506  1.00 44.46 ? 996  THR A N   1 
ATOM   822  C  CA  . THR A 1 104 ? 6.805   -11.016 15.862  1.00 42.69 ? 996  THR A CA  1 
ATOM   823  C  C   . THR A 1 104 ? 5.957   -10.761 14.631  1.00 40.19 ? 996  THR A C   1 
ATOM   824  O  O   . THR A 1 104 ? 6.011   -9.664  14.057  1.00 39.92 ? 996  THR A O   1 
ATOM   825  C  CB  . THR A 1 104 ? 6.164   -10.313 17.072  1.00 43.36 ? 996  THR A CB  1 
ATOM   826  O  OG1 . THR A 1 104 ? 7.093   -10.301 18.165  1.00 42.88 ? 996  THR A OG1 1 
ATOM   827  C  CG2 . THR A 1 104 ? 4.891   -11.044 17.497  1.00 44.74 ? 996  THR A CG2 1 
ATOM   828  N  N   . LYS A 1 105 ? 5.207   -11.772 14.205  1.00 36.93 ? 997  LYS A N   1 
ATOM   829  C  CA  . LYS A 1 105 ? 4.366   -11.646 13.027  1.00 31.29 ? 997  LYS A CA  1 
ATOM   830  C  C   . LYS A 1 105 ? 2.918   -11.391 13.410  1.00 28.58 ? 997  LYS A C   1 
ATOM   831  O  O   . LYS A 1 105 ? 2.415   -11.990 14.362  1.00 27.65 ? 997  LYS A O   1 
ATOM   832  C  CB  . LYS A 1 105 ? 4.469   -12.910 12.174  1.00 33.58 ? 997  LYS A CB  1 
ATOM   833  C  CG  . LYS A 1 105 ? 5.862   -13.157 11.628  1.00 35.93 ? 997  LYS A CG  1 
ATOM   834  C  CD  . LYS A 1 105 ? 5.861   -14.279 10.611  1.00 37.33 ? 997  LYS A CD  1 
ATOM   835  C  CE  . LYS A 1 105 ? 7.091   -14.203 9.725   1.00 38.17 ? 997  LYS A CE  1 
ATOM   836  N  NZ  . LYS A 1 105 ? 7.142   -15.334 8.758   1.00 41.81 ? 997  LYS A NZ  1 
ATOM   837  N  N   . LYS A 1 106 ? 2.259   -10.527 12.632  1.00 22.09 ? 998  LYS A N   1 
ATOM   838  C  CA  . LYS A 1 106 ? 0.881   -10.123 12.875  1.00 19.12 ? 998  LYS A CA  1 
ATOM   839  C  C   . LYS A 1 106 ? -0.002  -9.993  11.634  1.00 17.37 ? 998  LYS A C   1 
ATOM   840  O  O   . LYS A 1 106 ? 0.484   -9.798  10.518  1.00 19.65 ? 998  LYS A O   1 
ATOM   841  C  CB  . LYS A 1 106 ? 0.896   -8.756  13.567  1.00 18.75 ? 998  LYS A CB  1 
ATOM   842  C  CG  . LYS A 1 106 ? 1.643   -8.719  14.886  1.00 20.19 ? 998  LYS A CG  1 
ATOM   843  C  CD  . LYS A 1 106 ? 0.702   -9.095  16.005  1.00 18.49 ? 998  LYS A CD  1 
ATOM   844  C  CE  . LYS A 1 106 ? -0.370  -8.012  16.201  1.00 18.83 ? 998  LYS A CE  1 
ATOM   845  N  NZ  . LYS A 1 106 ? -1.278  -8.290  17.340  1.00 19.12 ? 998  LYS A NZ  1 
ATOM   846  N  N   . GLN A 1 107 ? -1.309  -10.090 11.825  1.00 16.89 ? 999  GLN A N   1 
ATOM   847  C  CA  . GLN A 1 107 ? -2.257  -9.904  10.734  1.00 17.37 ? 999  GLN A CA  1 
ATOM   848  C  C   . GLN A 1 107 ? -3.328  -8.931  11.194  1.00 16.72 ? 999  GLN A C   1 
ATOM   849  O  O   . GLN A 1 107 ? -3.732  -8.923  12.363  1.00 19.88 ? 999  GLN A O   1 
ATOM   850  C  CB  . GLN A 1 107 ? -2.893  -11.225 10.308  1.00 19.49 ? 999  GLN A CB  1 
ATOM   851  C  CG  . GLN A 1 107 ? -1.903  -12.190 9.715   1.00 23.65 ? 999  GLN A CG  1 
ATOM   852  C  CD  . GLN A 1 107 ? -2.549  -13.454 9.216   1.00 27.85 ? 999  GLN A CD  1 
ATOM   853  O  OE1 . GLN A 1 107 ? -3.286  -13.439 8.229   1.00 27.04 ? 999  GLN A OE1 1 
ATOM   854  N  NE2 . GLN A 1 107 ? -2.282  -14.564 9.897   1.00 29.59 ? 999  GLN A NE2 1 
ATOM   855  N  N   . TYR A 1 108 ? -3.805  -8.116  10.270  1.00 13.17 ? 1000 TYR A N   1 
ATOM   856  C  CA  . TYR A 1 108 ? -4.801  -7.113  10.588  1.00 13.31 ? 1000 TYR A CA  1 
ATOM   857  C  C   . TYR A 1 108 ? -5.873  -7.100  9.515   1.00 14.44 ? 1000 TYR A C   1 
ATOM   858  O  O   . TYR A 1 108 ? -5.635  -7.548  8.390   1.00 17.06 ? 1000 TYR A O   1 
ATOM   859  C  CB  . TYR A 1 108 ? -4.147  -5.725  10.618  1.00 14.25 ? 1000 TYR A CB  1 
ATOM   860  C  CG  . TYR A 1 108 ? -2.977  -5.611  11.554  1.00 13.97 ? 1000 TYR A CG  1 
ATOM   861  C  CD1 . TYR A 1 108 ? -3.160  -5.249  12.882  1.00 15.44 ? 1000 TYR A CD1 1 
ATOM   862  C  CD2 . TYR A 1 108 ? -1.682  -5.861  11.106  1.00 14.33 ? 1000 TYR A CD2 1 
ATOM   863  C  CE1 . TYR A 1 108 ? -2.085  -5.135  13.739  1.00 14.87 ? 1000 TYR A CE1 1 
ATOM   864  C  CE2 . TYR A 1 108 ? -0.604  -5.753  11.957  1.00 15.77 ? 1000 TYR A CE2 1 
ATOM   865  C  CZ  . TYR A 1 108 ? -0.815  -5.384  13.281  1.00 14.15 ? 1000 TYR A CZ  1 
ATOM   866  O  OH  . TYR A 1 108 ? 0.250   -5.246  14.125  1.00 17.08 ? 1000 TYR A OH  1 
ATOM   867  N  N   . LYS A 1 109 ? -7.037  -6.554  9.837   1.00 14.99 ? 1001 LYS A N   1 
ATOM   868  C  CA  . LYS A 1 109 ? -8.110  -6.460  8.850   1.00 16.48 ? 1001 LYS A CA  1 
ATOM   869  C  C   . LYS A 1 109 ? -8.255  -5.055  8.273   1.00 16.49 ? 1001 LYS A C   1 
ATOM   870  O  O   . LYS A 1 109 ? -8.722  -4.877  7.144   1.00 16.00 ? 1001 LYS A O   1 
ATOM   871  C  CB  . LYS A 1 109 ? -9.443  -6.897  9.466   1.00 19.65 ? 1001 LYS A CB  1 
ATOM   872  C  CG  . LYS A 1 109 ? -9.627  -8.411  9.442   1.00 22.17 ? 1001 LYS A CG  1 
ATOM   873  C  CD  . LYS A 1 109 ? -11.033 -8.826  9.850   1.00 25.09 ? 1001 LYS A CD  1 
ATOM   874  C  CE  . LYS A 1 109 ? -11.240 -10.306 9.588   1.00 25.73 ? 1001 LYS A CE  1 
ATOM   875  N  NZ  . LYS A 1 109 ? -10.276 -11.116 10.389  1.00 26.03 ? 1001 LYS A NZ  1 
ATOM   876  N  N   . LYS A 1 110 ? -7.851  -4.044  9.047   1.00 14.06 ? 1002 LYS A N   1 
ATOM   877  C  CA  . LYS A 1 110 ? -7.927  -2.660  8.605   1.00 14.15 ? 1002 LYS A CA  1 
ATOM   878  C  C   . LYS A 1 110 ? -6.610  -1.964  8.952   1.00 11.63 ? 1002 LYS A C   1 
ATOM   879  O  O   . LYS A 1 110 ? -5.986  -2.288  9.964   1.00 12.97 ? 1002 LYS A O   1 
ATOM   880  C  CB  . LYS A 1 110 ? -9.062  -1.927  9.317   1.00 15.93 ? 1002 LYS A CB  1 
ATOM   881  C  CG  . LYS A 1 110 ? -10.451 -2.541  9.157   1.00 17.59 ? 1002 LYS A CG  1 
ATOM   882  C  CD  . LYS A 1 110 ? -11.429 -1.666  9.943   1.00 22.51 ? 1002 LYS A CD  1 
ATOM   883  C  CE  . LYS A 1 110 ? -12.880 -2.052  9.710   1.00 27.13 ? 1002 LYS A CE  1 
ATOM   884  N  NZ  . LYS A 1 110 ? -13.821 -1.101  10.364  1.00 31.79 ? 1002 LYS A NZ  1 
ATOM   885  N  N   . TRP A 1 111 ? -6.212  -0.997  8.129   1.00 12.24 ? 1003 TRP A N   1 
ATOM   886  C  CA  . TRP A 1 111 ? -4.957  -0.293  8.392   1.00 12.74 ? 1003 TRP A CA  1 
ATOM   887  C  C   . TRP A 1 111 ? -4.956  0.399   9.764   1.00 12.48 ? 1003 TRP A C   1 
ATOM   888  O  O   . TRP A 1 111 ? -3.929  0.424   10.438  1.00 13.48 ? 1003 TRP A O   1 
ATOM   889  C  CB  . TRP A 1 111 ? -4.677  0.702   7.275   1.00 12.07 ? 1003 TRP A CB  1 
ATOM   890  C  CG  . TRP A 1 111 ? -4.094  0.056   6.049   1.00 10.74 ? 1003 TRP A CG  1 
ATOM   891  C  CD1 . TRP A 1 111 ? -4.755  -0.334  4.919   1.00 12.41 ? 1003 TRP A CD1 1 
ATOM   892  C  CD2 . TRP A 1 111 ? -2.716  -0.267  5.842   1.00 11.34 ? 1003 TRP A CD2 1 
ATOM   893  N  NE1 . TRP A 1 111 ? -3.865  -0.876  4.025   1.00 12.02 ? 1003 TRP A NE1 1 
ATOM   894  C  CE2 . TRP A 1 111 ? -2.606  -0.849  4.564   1.00 10.92 ? 1003 TRP A CE2 1 
ATOM   895  C  CE3 . TRP A 1 111 ? -1.552  -0.108  6.616   1.00 12.76 ? 1003 TRP A CE3 1 
ATOM   896  C  CZ2 . TRP A 1 111 ? -1.380  -1.278  4.036   1.00 12.39 ? 1003 TRP A CZ2 1 
ATOM   897  C  CZ3 . TRP A 1 111 ? -0.334  -0.532  6.093   1.00 15.31 ? 1003 TRP A CZ3 1 
ATOM   898  C  CH2 . TRP A 1 111 ? -0.261  -1.110  4.815   1.00 12.57 ? 1003 TRP A CH2 1 
ATOM   899  N  N   . VAL A 1 112 ? -6.106  0.894   10.213  1.00 13.64 ? 1004 VAL A N   1 
ATOM   900  C  CA  . VAL A 1 112 ? -6.151  1.580   11.519  1.00 14.30 ? 1004 VAL A CA  1 
ATOM   901  C  C   . VAL A 1 112 ? -5.813  0.655   12.695  1.00 15.40 ? 1004 VAL A C   1 
ATOM   902  O  O   . VAL A 1 112 ? -5.416  1.105   13.780  1.00 16.64 ? 1004 VAL A O   1 
ATOM   903  C  CB  . VAL A 1 112 ? -7.529  2.262   11.750  1.00 14.78 ? 1004 VAL A CB  1 
ATOM   904  C  CG1 . VAL A 1 112 ? -8.636  1.245   11.867  1.00 16.47 ? 1004 VAL A CG1 1 
ATOM   905  C  CG2 . VAL A 1 112 ? -7.473  3.091   13.015  1.00 16.00 ? 1004 VAL A CG2 1 
ATOM   906  N  N   . GLU A 1 113 ? -5.924  -0.644  12.487  1.00 12.53 ? 1005 GLU A N   1 
ATOM   907  C  CA  . GLU A 1 113 ? -5.615  -1.598  13.537  1.00 13.10 ? 1005 GLU A CA  1 
ATOM   908  C  C   . GLU A 1 113 ? -4.096  -1.729  13.758  1.00 13.41 ? 1005 GLU A C   1 
ATOM   909  O  O   . GLU A 1 113 ? -3.657  -2.136  14.833  1.00 15.64 ? 1005 GLU A O   1 
ATOM   910  C  CB  . GLU A 1 113 ? -6.230  -2.957  13.187  1.00 16.64 ? 1005 GLU A CB  1 
ATOM   911  C  CG  . GLU A 1 113 ? -7.746  -2.866  13.048  1.00 18.82 ? 1005 GLU A CG  1 
ATOM   912  C  CD  . GLU A 1 113 ? -8.390  -4.145  12.576  1.00 21.25 ? 1005 GLU A CD  1 
ATOM   913  O  OE1 . GLU A 1 113 ? -7.673  -5.069  12.143  1.00 22.87 ? 1005 GLU A OE1 1 
ATOM   914  O  OE2 . GLU A 1 113 ? -9.637  -4.208  12.645  1.00 23.86 ? 1005 GLU A OE2 1 
ATOM   915  N  N   . LEU A 1 114 ? -3.301  -1.389  12.733  1.00 12.98 ? 1006 LEU A N   1 
ATOM   916  C  CA  . LEU A 1 114 ? -1.824  -1.444  12.810  1.00 12.40 ? 1006 LEU A CA  1 
ATOM   917  C  C   . LEU A 1 114 ? -1.408  -0.153  13.536  1.00 11.92 ? 1006 LEU A C   1 
ATOM   918  O  O   . LEU A 1 114 ? -1.606  0.932   13.003  1.00 11.45 ? 1006 LEU A O   1 
ATOM   919  C  CB  . LEU A 1 114 ? -1.255  -1.460  11.392  1.00 11.81 ? 1006 LEU A CB  1 
ATOM   920  C  CG  . LEU A 1 114 ? 0.270   -1.295  11.294  1.00 13.11 ? 1006 LEU A CG  1 
ATOM   921  C  CD1 . LEU A 1 114 ? 0.990   -2.442  11.998  1.00 12.87 ? 1006 LEU A CD1 1 
ATOM   922  C  CD2 . LEU A 1 114 ? 0.648   -1.240  9.818   1.00 14.28 ? 1006 LEU A CD2 1 
ATOM   923  N  N   . PRO A 1 115 ? -0.779  -0.269  14.732  1.00 12.22 ? 1007 PRO A N   1 
ATOM   924  C  CA  . PRO A 1 115 ? -0.390  0.931   15.493  1.00 10.94 ? 1007 PRO A CA  1 
ATOM   925  C  C   . PRO A 1 115 ? 0.867   1.663   15.064  1.00 10.63 ? 1007 PRO A C   1 
ATOM   926  O  O   . PRO A 1 115 ? 1.783   1.918   15.869  1.00 12.43 ? 1007 PRO A O   1 
ATOM   927  C  CB  . PRO A 1 115 ? -0.316  0.406   16.925  1.00 10.67 ? 1007 PRO A CB  1 
ATOM   928  C  CG  . PRO A 1 115 ? 0.272   -0.964  16.721  1.00 11.67 ? 1007 PRO A CG  1 
ATOM   929  C  CD  . PRO A 1 115 ? -0.480  -1.494  15.496  1.00 12.68 ? 1007 PRO A CD  1 
ATOM   930  N  N   . ILE A 1 116 ? 0.878   2.016   13.796  1.00 10.87 ? 1008 ILE A N   1 
ATOM   931  C  CA  . ILE A 1 116 ? 1.958   2.722   13.140  1.00 10.98 ? 1008 ILE A CA  1 
ATOM   932  C  C   . ILE A 1 116 ? 1.353   3.897   12.371  1.00 12.10 ? 1008 ILE A C   1 
ATOM   933  O  O   . ILE A 1 116 ? 0.302   3.747   11.736  1.00 12.27 ? 1008 ILE A O   1 
ATOM   934  C  CB  . ILE A 1 116 ? 2.672   1.798   12.129  1.00 10.79 ? 1008 ILE A CB  1 
ATOM   935  C  CG1 . ILE A 1 116 ? 3.273   0.599   12.864  1.00 11.71 ? 1008 ILE A CG1 1 
ATOM   936  C  CG2 . ILE A 1 116 ? 3.732   2.585   11.348  1.00 12.43 ? 1008 ILE A CG2 1 
ATOM   937  C  CD1 . ILE A 1 116 ? 4.524   0.924   13.668  1.00 12.56 ? 1008 ILE A CD1 1 
ATOM   938  N  N   . THR A 1 117 ? 1.987   5.067   12.449  1.00 10.85 ? 1009 THR A N   1 
ATOM   939  C  CA  . THR A 1 117 ? 1.513   6.233   11.709  1.00 11.55 ? 1009 THR A CA  1 
ATOM   940  C  C   . THR A 1 117 ? 2.443   6.454   10.527  1.00 11.65 ? 1009 THR A C   1 
ATOM   941  O  O   . THR A 1 117 ? 3.673   6.440   10.675  1.00 12.64 ? 1009 THR A O   1 
ATOM   942  C  CB  . THR A 1 117 ? 1.446   7.434   12.621  1.00 13.69 ? 1009 THR A CB  1 
ATOM   943  O  OG1 . THR A 1 117 ? 0.369   7.208   13.538  1.00 16.82 ? 1009 THR A OG1 1 
ATOM   944  C  CG2 . THR A 1 117 ? 1.188   8.720   11.839  1.00 17.72 ? 1009 THR A CG2 1 
ATOM   945  N  N   . PHE A 1 118 ? 1.847   6.620   9.347   1.00 11.01 ? 1010 PHE A N   1 
ATOM   946  C  CA  . PHE A 1 118 ? 2.581   6.814   8.108   1.00 11.02 ? 1010 PHE A CA  1 
ATOM   947  C  C   . PHE A 1 118 ? 2.457   8.236   7.593   1.00 10.02 ? 1010 PHE A C   1 
ATOM   948  O  O   . PHE A 1 118 ? 1.544   8.976   7.955   1.00 10.39 ? 1010 PHE A O   1 
ATOM   949  C  CB  . PHE A 1 118 ? 2.024   5.893   6.995   1.00 12.62 ? 1010 PHE A CB  1 
ATOM   950  C  CG  . PHE A 1 118 ? 2.067   4.427   7.330   1.00 9.38  ? 1010 PHE A CG  1 
ATOM   951  C  CD1 . PHE A 1 118 ? 0.985   3.809   7.951   1.00 11.88 ? 1010 PHE A CD1 1 
ATOM   952  C  CD2 . PHE A 1 118 ? 3.191   3.671   7.021   1.00 11.76 ? 1010 PHE A CD2 1 
ATOM   953  C  CE1 . PHE A 1 118 ? 1.034   2.440   8.259   1.00 12.00 ? 1010 PHE A CE1 1 
ATOM   954  C  CE2 . PHE A 1 118 ? 3.246   2.324   7.317   1.00 11.09 ? 1010 PHE A CE2 1 
ATOM   955  C  CZ  . PHE A 1 118 ? 2.158   1.711   7.943   1.00 12.09 ? 1010 PHE A CZ  1 
ATOM   956  N  N   . PRO A 1 119 ? 3.378   8.636   6.713   1.00 10.85 ? 1011 PRO A N   1 
ATOM   957  C  CA  . PRO A 1 119 ? 3.298   9.988   6.150   1.00 10.32 ? 1011 PRO A CA  1 
ATOM   958  C  C   . PRO A 1 119 ? 2.100   10.063  5.213   1.00 9.76  ? 1011 PRO A C   1 
ATOM   959  O  O   . PRO A 1 119 ? 1.772   9.101   4.501   1.00 10.91 ? 1011 PRO A O   1 
ATOM   960  C  CB  . PRO A 1 119 ? 4.624   10.156  5.406   1.00 11.59 ? 1011 PRO A CB  1 
ATOM   961  C  CG  . PRO A 1 119 ? 5.034   8.740   5.084   1.00 11.62 ? 1011 PRO A CG  1 
ATOM   962  C  CD  . PRO A 1 119 ? 4.584   7.909   6.273   1.00 11.16 ? 1011 PRO A CD  1 
ATOM   963  N  N   . ASN A 1 120 ? 1.451   11.214  5.211   1.00 10.63 ? 1012 ASN A N   1 
ATOM   964  C  CA  . ASN A 1 120 ? 0.288   11.455  4.394   1.00 10.95 ? 1012 ASN A CA  1 
ATOM   965  C  C   . ASN A 1 120 ? 0.567   12.391  3.243   1.00 10.84 ? 1012 ASN A C   1 
ATOM   966  O  O   . ASN A 1 120 ? 1.350   13.330  3.359   1.00 11.73 ? 1012 ASN A O   1 
ATOM   967  C  CB  . ASN A 1 120 ? -0.811  12.107  5.240   1.00 10.98 ? 1012 ASN A CB  1 
ATOM   968  C  CG  . ASN A 1 120 ? -2.062  12.400  4.458   1.00 12.59 ? 1012 ASN A CG  1 
ATOM   969  O  OD1 . ASN A 1 120 ? -2.289  13.548  4.022   1.00 14.51 ? 1012 ASN A OD1 1 
ATOM   970  N  ND2 . ASN A 1 120 ? -2.891  11.391  4.281   1.00 14.24 ? 1012 ASN A ND2 1 
ATOM   971  N  N   . LEU A 1 121 ? -0.096  12.120  2.127   1.00 9.95  ? 1013 LEU A N   1 
ATOM   972  C  CA  . LEU A 1 121 ? -0.090  13.024  0.976   1.00 10.70 ? 1013 LEU A CA  1 
ATOM   973  C  C   . LEU A 1 121 ? -1.557  13.216  0.604   1.00 9.53  ? 1013 LEU A C   1 
ATOM   974  O  O   . LEU A 1 121 ? -2.269  12.248  0.349   1.00 11.27 ? 1013 LEU A O   1 
ATOM   975  C  CB  . LEU A 1 121 ? 0.628   12.433  -0.237  1.00 11.08 ? 1013 LEU A CB  1 
ATOM   976  C  CG  . LEU A 1 121 ? 2.143   12.379  -0.099  1.00 12.27 ? 1013 LEU A CG  1 
ATOM   977  C  CD1 . LEU A 1 121 ? 2.712   11.583  -1.263  1.00 12.95 ? 1013 LEU A CD1 1 
ATOM   978  C  CD2 . LEU A 1 121 ? 2.735   13.797  -0.083  1.00 15.48 ? 1013 LEU A CD2 1 
ATOM   979  N  N   . ASP A 1 122 ? -2.049  14.450  0.607   1.00 9.49  ? 1014 ASP A N   1 
ATOM   980  C  CA  . ASP A 1 122 ? -3.414  14.670  0.148   1.00 9.88  ? 1014 ASP A CA  1 
ATOM   981  C  C   . ASP A 1 122 ? -3.388  14.575  -1.397  1.00 11.19 ? 1014 ASP A C   1 
ATOM   982  O  O   . ASP A 1 122 ? -2.324  14.674  -2.012  1.00 11.48 ? 1014 ASP A O   1 
ATOM   983  C  CB  . ASP A 1 122 ? -3.884  16.055  0.572   1.00 13.56 ? 1014 ASP A CB  1 
ATOM   984  C  CG  . ASP A 1 122 ? -4.481  16.065  1.965   1.00 13.35 ? 1014 ASP A CG  1 
ATOM   985  O  OD1 . ASP A 1 122 ? -4.571  14.994  2.607   1.00 13.32 ? 1014 ASP A OD1 1 
ATOM   986  O  OD2 . ASP A 1 122 ? -4.885  17.171  2.420   1.00 17.17 ? 1014 ASP A OD2 1 
ATOM   987  N  N   . TYR A 1 123 ? -4.534  14.357  -2.031  1.00 10.43 ? 1015 TYR A N   1 
ATOM   988  C  CA  . TYR A 1 123 ? -4.560  14.278  -3.492  1.00 12.11 ? 1015 TYR A CA  1 
ATOM   989  C  C   . TYR A 1 123 ? -3.874  15.485  -4.111  1.00 11.32 ? 1015 TYR A C   1 
ATOM   990  O  O   . TYR A 1 123 ? -3.133  15.365  -5.089  1.00 13.45 ? 1015 TYR A O   1 
ATOM   991  C  CB  . TYR A 1 123 ? -5.997  14.240  -4.030  1.00 12.53 ? 1015 TYR A CB  1 
ATOM   992  C  CG  . TYR A 1 123 ? -6.842  13.094  -3.557  1.00 12.30 ? 1015 TYR A CG  1 
ATOM   993  C  CD1 . TYR A 1 123 ? -6.469  11.771  -3.797  1.00 12.88 ? 1015 TYR A CD1 1 
ATOM   994  C  CD2 . TYR A 1 123 ? -8.041  13.335  -2.901  1.00 13.16 ? 1015 TYR A CD2 1 
ATOM   995  C  CE1 . TYR A 1 123 ? -7.282  10.708  -3.375  1.00 13.82 ? 1015 TYR A CE1 1 
ATOM   996  C  CE2 . TYR A 1 123 ? -8.846  12.308  -2.484  1.00 12.85 ? 1015 TYR A CE2 1 
ATOM   997  C  CZ  . TYR A 1 123 ? -8.470  11.000  -2.718  1.00 14.61 ? 1015 TYR A CZ  1 
ATOM   998  O  OH  . TYR A 1 123 ? -9.314  9.993   -2.289  1.00 15.83 ? 1015 TYR A OH  1 
ATOM   999  N  N   . SER A 1 124 ? -4.132  16.660  -3.530  1.00 11.73 ? 1016 SER A N   1 
ATOM   1000 C  CA  . SER A 1 124 ? -3.594  17.927  -4.014  1.00 12.94 ? 1016 SER A CA  1 
ATOM   1001 C  C   . SER A 1 124 ? -2.084  18.032  -3.963  1.00 13.79 ? 1016 SER A C   1 
ATOM   1002 O  O   . SER A 1 124 ? -1.515  18.955  -4.534  1.00 16.99 ? 1016 SER A O   1 
ATOM   1003 C  CB  . SER A 1 124 ? -4.202  19.082  -3.211  1.00 14.22 ? 1016 SER A CB  1 
ATOM   1004 O  OG  . SER A 1 124 ? -3.881  18.949  -1.821  1.00 15.86 ? 1016 SER A OG  1 
ATOM   1005 N  N   . GLU A 1 125 ? -1.432  17.080  -3.291  1.00 12.67 ? 1017 GLU A N   1 
ATOM   1006 C  CA  . GLU A 1 125 ? 0.025   17.089  -3.161  1.00 12.08 ? 1017 GLU A CA  1 
ATOM   1007 C  C   . GLU A 1 125 ? 0.699   16.072  -4.087  1.00 12.83 ? 1017 GLU A C   1 
ATOM   1008 O  O   . GLU A 1 125 ? 1.932   16.056  -4.211  1.00 13.70 ? 1017 GLU A O   1 
ATOM   1009 C  CB  . GLU A 1 125 ? 0.417   16.744  -1.727  1.00 12.92 ? 1017 GLU A CB  1 
ATOM   1010 C  CG  . GLU A 1 125 ? -0.006  17.770  -0.686  1.00 12.84 ? 1017 GLU A CG  1 
ATOM   1011 C  CD  . GLU A 1 125 ? 0.435   17.374  0.698   1.00 14.94 ? 1017 GLU A CD  1 
ATOM   1012 O  OE1 . GLU A 1 125 ? -0.215  16.500  1.315   1.00 14.22 ? 1017 GLU A OE1 1 
ATOM   1013 O  OE2 . GLU A 1 125 ? 1.453   17.923  1.189   1.00 21.89 ? 1017 GLU A OE2 1 
ATOM   1014 N  N   . LEU A 1 126 ? -0.088  15.237  -4.753  1.00 11.27 ? 1018 LEU A N   1 
ATOM   1015 C  CA  . LEU A 1 126 ? 0.494   14.174  -5.573  1.00 12.72 ? 1018 LEU A CA  1 
ATOM   1016 C  C   . LEU A 1 126 ? 1.269   14.602  -6.805  1.00 13.09 ? 1018 LEU A C   1 
ATOM   1017 O  O   . LEU A 1 126 ? 2.334   14.043  -7.077  1.00 12.63 ? 1018 LEU A O   1 
ATOM   1018 C  CB  . LEU A 1 126 ? -0.587  13.158  -5.966  1.00 12.30 ? 1018 LEU A CB  1 
ATOM   1019 C  CG  . LEU A 1 126 ? -1.144  12.300  -4.823  1.00 13.19 ? 1018 LEU A CG  1 
ATOM   1020 C  CD1 . LEU A 1 126 ? -2.400  11.584  -5.277  1.00 12.72 ? 1018 LEU A CD1 1 
ATOM   1021 C  CD2 . LEU A 1 126 ? -0.093  11.305  -4.338  1.00 16.42 ? 1018 LEU A CD2 1 
ATOM   1022 N  N   . GLU A 1 127 ? 0.758   15.566  -7.566  1.00 13.34 ? 1019 GLU A N   1 
ATOM   1023 C  CA  . GLU A 1 127 ? 1.479   15.992  -8.759  1.00 13.16 ? 1019 GLU A CA  1 
ATOM   1024 C  C   . GLU A 1 127 ? 2.837   16.590  -8.369  1.00 13.93 ? 1019 GLU A C   1 
ATOM   1025 O  O   . GLU A 1 127 ? 3.836   16.313  -9.016  1.00 13.83 ? 1019 GLU A O   1 
ATOM   1026 C  CB  . GLU A 1 127 ? 0.636   17.005  -9.549  1.00 14.81 ? 1019 GLU A CB  1 
ATOM   1027 C  CG  . GLU A 1 127 ? -0.644  16.420  -10.158 1.00 15.73 ? 1019 GLU A CG  1 
ATOM   1028 C  CD  . GLU A 1 127 ? -1.706  17.480  -10.478 1.00 23.16 ? 1019 GLU A CD  1 
ATOM   1029 O  OE1 . GLU A 1 127 ? -1.913  17.741  -11.675 1.00 25.97 ? 1019 GLU A OE1 1 
ATOM   1030 O  OE2 . GLU A 1 127 ? -2.323  18.045  -9.534  1.00 21.31 ? 1019 GLU A OE2 1 
ATOM   1031 N  N   . HIS A 1 128 ? 2.861   17.395  -7.315  1.00 15.25 ? 1020 HIS A N   1 
ATOM   1032 C  CA  . HIS A 1 128 ? 4.097   18.017  -6.854  1.00 14.01 ? 1020 HIS A CA  1 
ATOM   1033 C  C   . HIS A 1 128 ? 5.064   16.922  -6.402  1.00 13.25 ? 1020 HIS A C   1 
ATOM   1034 O  O   . HIS A 1 128 ? 6.257   16.941  -6.751  1.00 13.85 ? 1020 HIS A O   1 
ATOM   1035 C  CB  . HIS A 1 128 ? 3.773   18.951  -5.688  1.00 14.57 ? 1020 HIS A CB  1 
ATOM   1036 C  CG  . HIS A 1 128 ? 4.976   19.576  -5.057  1.00 16.34 ? 1020 HIS A CG  1 
ATOM   1037 N  ND1 . HIS A 1 128 ? 5.506   20.780  -5.472  1.00 20.90 ? 1020 HIS A ND1 1 
ATOM   1038 C  CD2 . HIS A 1 128 ? 5.772   19.134  -4.061  1.00 18.60 ? 1020 HIS A CD2 1 
ATOM   1039 C  CE1 . HIS A 1 128 ? 6.580   21.050  -4.752  1.00 20.60 ? 1020 HIS A CE1 1 
ATOM   1040 N  NE2 . HIS A 1 128 ? 6.763   20.069  -3.891  1.00 22.11 ? 1020 HIS A NE2 1 
ATOM   1041 N  N   . HIS A 1 129 ? 4.563   15.967  -5.618  1.00 12.28 ? 1021 HIS A N   1 
ATOM   1042 C  CA  . HIS A 1 129 ? 5.378   14.882  -5.126  1.00 12.28 ? 1021 HIS A CA  1 
ATOM   1043 C  C   . HIS A 1 129 ? 6.050   14.081  -6.241  1.00 12.85 ? 1021 HIS A C   1 
ATOM   1044 O  O   . HIS A 1 129 ? 7.246   13.762  -6.164  1.00 13.11 ? 1021 HIS A O   1 
ATOM   1045 C  CB  . HIS A 1 129 ? 4.517   13.957  -4.259  1.00 14.78 ? 1021 HIS A CB  1 
ATOM   1046 C  CG  . HIS A 1 129 ? 5.299   12.875  -3.596  1.00 14.10 ? 1021 HIS A CG  1 
ATOM   1047 N  ND1 . HIS A 1 129 ? 5.453   11.622  -4.145  1.00 19.08 ? 1021 HIS A ND1 1 
ATOM   1048 C  CD2 . HIS A 1 129 ? 6.025   12.888  -2.458  1.00 14.92 ? 1021 HIS A CD2 1 
ATOM   1049 C  CE1 . HIS A 1 129 ? 6.246   10.905  -3.369  1.00 19.56 ? 1021 HIS A CE1 1 
ATOM   1050 N  NE2 . HIS A 1 129 ? 6.608   11.649  -2.343  1.00 17.73 ? 1021 HIS A NE2 1 
ATOM   1051 N  N   . HIS A 1 130 ? 5.281   13.726  -7.262  1.00 12.15 ? 1022 HIS A N   1 
ATOM   1052 C  CA  . HIS A 1 130 ? 5.829   12.971  -8.371  1.00 13.55 ? 1022 HIS A CA  1 
ATOM   1053 C  C   . HIS A 1 130 ? 6.785   13.788  -9.241  1.00 13.62 ? 1022 HIS A C   1 
ATOM   1054 O  O   . HIS A 1 130 ? 7.727   13.240  -9.811  1.00 14.59 ? 1022 HIS A O   1 
ATOM   1055 C  CB  . HIS A 1 130 ? 4.688   12.396  -9.213  1.00 16.23 ? 1022 HIS A CB  1 
ATOM   1056 C  CG  . HIS A 1 130 ? 4.107   11.128  -8.660  1.00 17.16 ? 1022 HIS A CG  1 
ATOM   1057 N  ND1 . HIS A 1 130 ? 3.268   11.099  -7.566  1.00 19.27 ? 1022 HIS A ND1 1 
ATOM   1058 C  CD2 . HIS A 1 130 ? 4.252   9.841   -9.054  1.00 20.35 ? 1022 HIS A CD2 1 
ATOM   1059 C  CE1 . HIS A 1 130 ? 2.921   9.848   -7.310  1.00 18.87 ? 1022 HIS A CE1 1 
ATOM   1060 N  NE2 . HIS A 1 130 ? 3.504   9.066   -8.200  1.00 22.64 ? 1022 HIS A NE2 1 
ATOM   1061 N  N   . HIS A 1 131 ? 6.557   15.097  -9.322  1.00 12.37 ? 1023 HIS A N   1 
ATOM   1062 C  CA  . HIS A 1 131 ? 7.417   15.948  -10.147 1.00 12.39 ? 1023 HIS A CA  1 
ATOM   1063 C  C   . HIS A 1 131 ? 8.807   16.098  -9.549  1.00 13.52 ? 1023 HIS A C   1 
ATOM   1064 O  O   . HIS A 1 131 ? 9.795   16.132  -10.279 1.00 14.11 ? 1023 HIS A O   1 
ATOM   1065 C  CB  . HIS A 1 131 ? 6.775   17.329  -10.295 1.00 13.11 ? 1023 HIS A CB  1 
ATOM   1066 C  CG  . HIS A 1 131 ? 7.369   18.159  -11.393 1.00 15.01 ? 1023 HIS A CG  1 
ATOM   1067 N  ND1 . HIS A 1 131 ? 8.195   19.241  -11.162 1.00 18.93 ? 1023 HIS A ND1 1 
ATOM   1068 C  CD2 . HIS A 1 131 ? 7.287   18.031  -12.736 1.00 17.51 ? 1023 HIS A CD2 1 
ATOM   1069 C  CE1 . HIS A 1 131 ? 8.590   19.743  -12.320 1.00 16.58 ? 1023 HIS A CE1 1 
ATOM   1070 N  NE2 . HIS A 1 131 ? 8.053   19.029  -13.290 1.00 20.32 ? 1023 HIS A NE2 1 
ATOM   1071 N  N   . HIS A 1 132 ? 8.876   16.137  -8.224  1.00 12.19 ? 1024 HIS A N   1 
ATOM   1072 C  CA  . HIS A 1 132 ? 10.108  16.381  -7.495  1.00 13.28 ? 1024 HIS A CA  1 
ATOM   1073 C  C   . HIS A 1 132 ? 10.821  15.243  -6.795  1.00 13.40 ? 1024 HIS A C   1 
ATOM   1074 O  O   . HIS A 1 132 ? 12.057  15.241  -6.700  1.00 13.72 ? 1024 HIS A O   1 
ATOM   1075 C  CB  . HIS A 1 132 ? 9.850   17.445  -6.421  1.00 14.38 ? 1024 HIS A CB  1 
ATOM   1076 C  CG  . HIS A 1 132 ? 9.591   18.813  -6.963  1.00 14.52 ? 1024 HIS A CG  1 
ATOM   1077 N  ND1 . HIS A 1 132 ? 8.336   19.380  -7.052  1.00 18.50 ? 1024 HIS A ND1 1 
ATOM   1078 C  CD2 . HIS A 1 132 ? 10.451  19.727  -7.465  1.00 18.25 ? 1024 HIS A CD2 1 
ATOM   1079 C  CE1 . HIS A 1 132 ? 8.439   20.586  -7.589  1.00 14.77 ? 1024 HIS A CE1 1 
ATOM   1080 N  NE2 . HIS A 1 132 ? 9.713   20.817  -7.849  1.00 21.40 ? 1024 HIS A NE2 1 
ATOM   1081 N  N   . HIS A 1 133 ? 10.062  14.290  -6.280  1.00 12.40 ? 1025 HIS A N   1 
ATOM   1082 C  CA  . HIS A 1 133 ? 10.658  13.228  -5.485  1.00 11.76 ? 1025 HIS A CA  1 
ATOM   1083 C  C   . HIS A 1 133 ? 10.678  11.856  -6.117  1.00 14.81 ? 1025 HIS A C   1 
ATOM   1084 O  O   . HIS A 1 133 ? 10.653  10.873  -5.356  1.00 18.20 ? 1025 HIS A O   1 
ATOM   1085 C  CB  . HIS A 1 133 ? 9.951   13.184  -4.121  1.00 15.50 ? 1025 HIS A CB  1 
ATOM   1086 C  CG  . HIS A 1 133 ? 9.878   14.522  -3.442  1.00 13.54 ? 1025 HIS A CG  1 
ATOM   1087 N  ND1 . HIS A 1 133 ? 10.997  15.286  -3.179  1.00 14.75 ? 1025 HIS A ND1 1 
ATOM   1088 C  CD2 . HIS A 1 133 ? 8.824   15.241  -2.993  1.00 13.65 ? 1025 HIS A CD2 1 
ATOM   1089 C  CE1 . HIS A 1 133 ? 10.633  16.415  -2.598  1.00 14.46 ? 1025 HIS A CE1 1 
ATOM   1090 N  NE2 . HIS A 1 133 ? 9.316   16.414  -2.474  1.00 15.87 ? 1025 HIS A NE2 1 
ATOM   1091 O  OXT . HIS A 1 133 ? 10.750  11.784  -7.359  1.00 17.57 ? 1025 HIS A OXT 1 
HETATM 1092 ZN ZN  . ZN  B 2 .   ? 2.769   -13.969 -2.900  1.00 12.14 ? 1    ZN  A ZN  1 
HETATM 1093 O  O   . HOH C 3 .   ? 6.134   5.225   5.434   1.00 11.54 ? 2    HOH A O   1 
HETATM 1094 O  O   . HOH C 3 .   ? -7.579  -4.730  4.568   1.00 13.79 ? 3    HOH A O   1 
HETATM 1095 O  O   . HOH C 3 .   ? -5.288  1.054   1.541   1.00 11.91 ? 4    HOH A O   1 
HETATM 1096 O  O   . HOH C 3 .   ? 5.163   5.349   -1.483  1.00 14.08 ? 5    HOH A O   1 
HETATM 1097 O  O   . HOH C 3 .   ? 10.543  13.378  -9.521  1.00 14.68 ? 6    HOH A O   1 
HETATM 1098 O  O   . HOH C 3 .   ? -8.242  1.520   8.308   1.00 26.95 ? 7    HOH A O   1 
HETATM 1099 O  O   . HOH C 3 .   ? 9.012   -0.743  -1.968  1.00 13.25 ? 8    HOH A O   1 
HETATM 1100 O  O   . HOH C 3 .   ? 5.277   8.478   9.926   1.00 16.85 ? 9    HOH A O   1 
HETATM 1101 O  O   . HOH C 3 .   ? 2.827   1.068   18.284  1.00 17.22 ? 10   HOH A O   1 
HETATM 1102 O  O   . HOH C 3 .   ? 5.780   -10.621 -5.783  1.00 15.36 ? 11   HOH A O   1 
HETATM 1103 O  O   . HOH C 3 .   ? -6.538  16.936  -1.770  1.00 14.95 ? 12   HOH A O   1 
HETATM 1104 O  O   . HOH C 3 .   ? -7.739  -10.695 1.397   1.00 15.00 ? 13   HOH A O   1 
HETATM 1105 O  O   . HOH C 3 .   ? -0.596  15.917  3.964   1.00 18.76 ? 14   HOH A O   1 
HETATM 1106 O  O   . HOH C 3 .   ? -2.051  6.996   12.194  1.00 16.65 ? 15   HOH A O   1 
HETATM 1107 O  O   . HOH C 3 .   ? -9.155  0.479   -3.783  1.00 18.51 ? 16   HOH A O   1 
HETATM 1108 O  O   . HOH C 3 .   ? 14.440  13.849  -5.583  1.00 14.12 ? 17   HOH A O   1 
HETATM 1109 O  O   . HOH C 3 .   ? -2.479  4.257   8.832   1.00 17.78 ? 18   HOH A O   1 
HETATM 1110 O  O   . HOH C 3 .   ? -7.950  0.850   0.692   1.00 15.11 ? 19   HOH A O   1 
HETATM 1111 O  O   . HOH C 3 .   ? -1.098  6.524   9.546   1.00 14.43 ? 20   HOH A O   1 
HETATM 1112 O  O   . HOH C 3 .   ? -2.249  -8.091  7.868   1.00 17.91 ? 21   HOH A O   1 
HETATM 1113 O  O   . HOH C 3 .   ? 10.955  9.699   -3.073  1.00 15.61 ? 22   HOH A O   1 
HETATM 1114 O  O   . HOH C 3 .   ? 13.760  15.320  -3.185  1.00 15.65 ? 23   HOH A O   1 
HETATM 1115 O  O   . HOH C 3 .   ? -5.894  -13.954 -3.990  1.00 17.42 ? 24   HOH A O   1 
HETATM 1116 O  O   . HOH C 3 .   ? 2.249   8.620   19.420  1.00 20.36 ? 25   HOH A O   1 
HETATM 1117 O  O   . HOH C 3 .   ? 7.097   6.576   2.263   1.00 17.78 ? 26   HOH A O   1 
HETATM 1118 O  O   . HOH C 3 .   ? 0.555   18.755  -6.337  1.00 16.64 ? 27   HOH A O   1 
HETATM 1119 O  O   . HOH C 3 .   ? -1.738  16.932  -7.054  1.00 16.86 ? 28   HOH A O   1 
HETATM 1120 O  O   . HOH C 3 .   ? -3.985  -16.811 -2.465  1.00 29.48 ? 29   HOH A O   1 
HETATM 1121 O  O   . HOH C 3 .   ? 0.743   2.003   20.046  1.00 16.88 ? 30   HOH A O   1 
HETATM 1122 O  O   . HOH C 3 .   ? 2.309   -3.986  18.021  1.00 21.14 ? 31   HOH A O   1 
HETATM 1123 O  O   . HOH C 3 .   ? 13.314  4.206   -5.104  1.00 18.13 ? 32   HOH A O   1 
HETATM 1124 O  O   . HOH C 3 .   ? -13.386 10.085  -5.156  1.00 18.29 ? 33   HOH A O   1 
HETATM 1125 O  O   . HOH C 3 .   ? 14.636  2.731   -8.679  1.00 17.63 ? 34   HOH A O   1 
HETATM 1126 O  O   . HOH C 3 .   ? 3.593   5.158   -8.555  1.00 22.35 ? 35   HOH A O   1 
HETATM 1127 O  O   . HOH C 3 .   ? -7.521  -8.154  -2.128  1.00 24.36 ? 37   HOH A O   1 
HETATM 1128 O  O   . HOH C 3 .   ? -3.001  9.714   12.234  1.00 25.84 ? 38   HOH A O   1 
HETATM 1129 O  O   . HOH C 3 .   ? -1.520  2.123   10.465  1.00 23.70 ? 39   HOH A O   1 
HETATM 1130 O  O   . HOH C 3 .   ? 9.304   -3.374  -2.778  1.00 16.66 ? 40   HOH A O   1 
HETATM 1131 O  O   . HOH C 3 .   ? 8.215   6.863   6.377   1.00 17.74 ? 41   HOH A O   1 
HETATM 1132 O  O   . HOH C 3 .   ? -3.681  5.302   20.359  1.00 19.20 ? 42   HOH A O   1 
HETATM 1133 O  O   . HOH C 3 .   ? 7.647   8.680   8.423   1.00 19.74 ? 43   HOH A O   1 
HETATM 1134 O  O   . HOH C 3 .   ? 11.690  0.714   -2.830  1.00 18.26 ? 44   HOH A O   1 
HETATM 1135 O  O   . HOH C 3 .   ? -7.595  -6.789  -4.650  1.00 17.19 ? 45   HOH A O   1 
HETATM 1136 O  O   . HOH C 3 .   ? -10.869 -3.525  -3.209  1.00 23.52 ? 46   HOH A O   1 
HETATM 1137 O  O   . HOH C 3 .   ? -4.398  5.290   12.224  1.00 23.59 ? 47   HOH A O   1 
HETATM 1138 O  O   . HOH C 3 .   ? -4.739  16.941  -7.529  1.00 20.76 ? 48   HOH A O   1 
HETATM 1139 O  O   . HOH C 3 .   ? -9.400  -10.939 -5.710  1.00 23.14 ? 49   HOH A O   1 
HETATM 1140 O  O   . HOH C 3 .   ? 9.794   3.766   17.088  1.00 27.75 ? 50   HOH A O   1 
HETATM 1141 O  O   . HOH C 3 .   ? 2.231   13.332  7.134   1.00 21.41 ? 51   HOH A O   1 
HETATM 1142 O  O   . HOH C 3 .   ? 7.715   11.263  7.233   1.00 24.95 ? 52   HOH A O   1 
HETATM 1143 O  O   . HOH C 3 .   ? 10.715  5.269   9.844   1.00 21.57 ? 53   HOH A O   1 
HETATM 1144 O  O   . HOH C 3 .   ? -5.141  -15.092 -8.225  1.00 23.61 ? 54   HOH A O   1 
HETATM 1145 O  O   . HOH C 3 .   ? 5.296   12.871  8.073   1.00 31.91 ? 55   HOH A O   1 
HETATM 1146 O  O   . HOH C 3 .   ? 0.086   8.888   15.541  1.00 23.14 ? 56   HOH A O   1 
HETATM 1147 O  O   . HOH C 3 .   ? 10.745  6.830   -2.964  1.00 19.13 ? 57   HOH A O   1 
HETATM 1148 O  O   . HOH C 3 .   ? -5.123  -15.850 1.102   1.00 20.97 ? 58   HOH A O   1 
HETATM 1149 O  O   . HOH C 3 .   ? -4.602  -8.572  14.799  1.00 27.79 ? 59   HOH A O   1 
HETATM 1150 O  O   . HOH C 3 .   ? 10.061  1.790   19.154  1.00 26.81 ? 60   HOH A O   1 
HETATM 1151 O  O   . HOH C 3 .   ? 3.002   7.057   -11.894 1.00 24.32 ? 61   HOH A O   1 
HETATM 1152 O  O   . HOH C 3 .   ? -1.170  9.022   8.327   1.00 25.65 ? 62   HOH A O   1 
HETATM 1153 O  O   . HOH C 3 .   ? 7.015   7.113   -2.861  1.00 19.45 ? 63   HOH A O   1 
HETATM 1154 O  O   . HOH C 3 .   ? -13.437 -9.006  -14.464 1.00 21.89 ? 64   HOH A O   1 
HETATM 1155 O  O   . HOH C 3 .   ? 5.348   -14.023 15.805  1.00 45.22 ? 65   HOH A O   1 
HETATM 1156 O  O   . HOH C 3 .   ? -3.789  2.791   -16.591 1.00 22.76 ? 66   HOH A O   1 
HETATM 1157 O  O   . HOH C 3 .   ? -11.750 10.560  -1.496  1.00 25.11 ? 67   HOH A O   1 
HETATM 1158 O  O   . HOH C 3 .   ? -17.507 3.560   -12.690 1.00 21.94 ? 68   HOH A O   1 
HETATM 1159 O  O   . HOH C 3 .   ? 10.343  -5.859  10.008  1.00 18.18 ? 69   HOH A O   1 
HETATM 1160 O  O   . HOH C 3 .   ? -9.516  -7.160  -21.148 1.00 22.47 ? 70   HOH A O   1 
HETATM 1161 O  O   . HOH C 3 .   ? -12.315 7.681   -1.443  1.00 25.45 ? 71   HOH A O   1 
HETATM 1162 O  O   . HOH C 3 .   ? 12.477  2.726   -1.101  1.00 24.24 ? 72   HOH A O   1 
HETATM 1163 O  O   . HOH C 3 .   ? -9.803  -6.063  -2.918  1.00 28.82 ? 73   HOH A O   1 
HETATM 1164 O  O   . HOH C 3 .   ? -6.092  -10.110 7.757   1.00 25.53 ? 74   HOH A O   1 
HETATM 1165 O  O   . HOH C 3 .   ? 3.361   -15.138 5.048   1.00 30.20 ? 75   HOH A O   1 
HETATM 1166 O  O   . HOH C 3 .   ? -11.942 4.114   -18.349 1.00 23.04 ? 76   HOH A O   1 
HETATM 1167 O  O   . HOH C 3 .   ? 9.986   15.110  -12.922 1.00 21.91 ? 77   HOH A O   1 
HETATM 1168 O  O   . HOH C 3 .   ? 10.053  -11.912 8.646   1.00 38.39 ? 78   HOH A O   1 
HETATM 1169 O  O   . HOH C 3 .   ? 11.885  -3.526  10.095  1.00 24.61 ? 79   HOH A O   1 
HETATM 1170 O  O   . HOH C 3 .   ? 0.024   12.334  11.596  1.00 36.18 ? 80   HOH A O   1 
HETATM 1171 O  O   . HOH C 3 .   ? -3.730  -6.798  16.923  1.00 24.55 ? 81   HOH A O   1 
HETATM 1172 O  O   . HOH C 3 .   ? 11.496  -1.714  7.425   1.00 25.70 ? 82   HOH A O   1 
HETATM 1173 O  O   . HOH C 3 .   ? 0.012   -4.438  16.550  1.00 18.77 ? 83   HOH A O   1 
HETATM 1174 O  O   . HOH C 3 .   ? -6.278  -9.449  -16.835 1.00 27.47 ? 84   HOH A O   1 
HETATM 1175 O  O   . HOH C 3 .   ? -6.702  13.349  19.193  1.00 33.69 ? 85   HOH A O   1 
HETATM 1176 O  O   . HOH C 3 .   ? 7.953   11.523  4.482   1.00 25.37 ? 86   HOH A O   1 
HETATM 1177 O  O   . HOH C 3 .   ? 11.981  -4.342  -3.171  1.00 27.49 ? 87   HOH A O   1 
HETATM 1178 O  O   . HOH C 3 .   ? 7.774   9.266   -6.460  1.00 42.78 ? 88   HOH A O   1 
HETATM 1179 O  O   . HOH C 3 .   ? 11.169  -14.121 -4.586  1.00 30.40 ? 89   HOH A O   1 
HETATM 1180 O  O   . HOH C 3 .   ? -8.966  -1.152  -16.759 1.00 22.19 ? 90   HOH A O   1 
HETATM 1181 O  O   . HOH C 3 .   ? -8.514  17.378  -3.855  1.00 29.68 ? 91   HOH A O   1 
HETATM 1182 O  O   . HOH C 3 .   ? -13.495 -0.867  -6.113  1.00 26.65 ? 92   HOH A O   1 
HETATM 1183 O  O   . HOH C 3 .   ? -4.874  17.275  -14.906 1.00 29.78 ? 93   HOH A O   1 
HETATM 1184 O  O   . HOH C 3 .   ? 0.534   -8.359  19.499  1.00 19.70 ? 94   HOH A O   1 
HETATM 1185 O  O   . HOH C 3 .   ? 9.722   -14.498 3.897   1.00 33.57 ? 95   HOH A O   1 
HETATM 1186 O  O   . HOH C 3 .   ? -5.829  9.669   12.381  1.00 32.15 ? 97   HOH A O   1 
HETATM 1187 O  O   . HOH C 3 .   ? 6.576   -19.728 -0.053  1.00 32.92 ? 98   HOH A O   1 
HETATM 1188 O  O   . HOH C 3 .   ? 11.490  -12.313 0.201   1.00 27.07 ? 99   HOH A O   1 
HETATM 1189 O  O   . HOH C 3 .   ? 12.178  -7.997  10.004  1.00 30.71 ? 100  HOH A O   1 
HETATM 1190 O  O   . HOH C 3 .   ? -3.672  -11.260 6.623   1.00 25.18 ? 101  HOH A O   1 
HETATM 1191 O  O   . HOH C 3 .   ? -2.096  13.345  18.474  1.00 32.07 ? 102  HOH A O   1 
HETATM 1192 O  O   . HOH C 3 .   ? 10.737  -13.498 6.277   1.00 34.50 ? 103  HOH A O   1 
HETATM 1193 O  O   . HOH C 3 .   ? 14.053  -5.924  -13.647 1.00 27.60 ? 104  HOH A O   1 
HETATM 1194 O  O   . HOH C 3 .   ? 3.968   17.158  -2.488  1.00 22.06 ? 105  HOH A O   1 
HETATM 1195 O  O   . HOH C 3 .   ? 10.887  -0.872  -11.407 1.00 35.15 ? 106  HOH A O   1 
HETATM 1196 O  O   . HOH C 3 .   ? 8.585   9.316   -1.694  1.00 23.78 ? 108  HOH A O   1 
HETATM 1197 O  O   . HOH C 3 .   ? -6.026  11.170  17.165  1.00 35.10 ? 109  HOH A O   1 
HETATM 1198 O  O   . HOH C 3 .   ? 7.887   -12.614 -5.903  1.00 35.17 ? 110  HOH A O   1 
HETATM 1199 O  O   . HOH C 3 .   ? 4.257   11.158  10.283  1.00 34.54 ? 111  HOH A O   1 
HETATM 1200 O  O   . HOH C 3 .   ? -7.916  17.792  1.806   1.00 36.65 ? 113  HOH A O   1 
HETATM 1201 O  O   . HOH C 3 .   ? -8.458  6.400   14.736  1.00 35.07 ? 114  HOH A O   1 
HETATM 1202 O  O   . HOH C 3 .   ? 3.613   15.298  -11.513 1.00 26.74 ? 115  HOH A O   1 
HETATM 1203 O  O   . HOH C 3 .   ? 8.780   3.938   -11.911 1.00 36.96 ? 116  HOH A O   1 
HETATM 1204 O  O   . HOH C 3 .   ? -7.134  10.919  14.546  1.00 42.28 ? 117  HOH A O   1 
HETATM 1205 O  O   . HOH C 3 .   ? -5.997  8.973   18.998  1.00 25.66 ? 118  HOH A O   1 
HETATM 1206 O  O   . HOH C 3 .   ? -12.400 -8.038  12.978  1.00 31.21 ? 119  HOH A O   1 
HETATM 1207 O  O   . HOH C 3 .   ? -10.070 11.999  4.086   1.00 27.35 ? 120  HOH A O   1 
HETATM 1208 O  O   . HOH C 3 .   ? -11.483 15.673  -2.578  1.00 35.01 ? 121  HOH A O   1 
HETATM 1209 O  O   . HOH C 3 .   ? 8.881   6.604   -5.070  1.00 24.11 ? 122  HOH A O   1 
HETATM 1210 O  O   . HOH C 3 .   ? -0.072  11.929  20.675  1.00 23.41 ? 123  HOH A O   1 
HETATM 1211 O  O   . HOH C 3 .   ? -13.331 -5.202  9.669   1.00 26.89 ? 124  HOH A O   1 
HETATM 1212 O  O   . HOH C 3 .   ? -3.094  11.240  16.606  1.00 38.10 ? 125  HOH A O   1 
HETATM 1213 O  O   . HOH C 3 .   ? -14.568 7.216   0.812   1.00 30.98 ? 126  HOH A O   1 
HETATM 1214 O  O   . HOH C 3 .   ? 10.707  -2.126  0.794   1.00 29.18 ? 127  HOH A O   1 
HETATM 1215 O  O   . HOH C 3 .   ? 6.975   -17.952 6.199   1.00 34.84 ? 128  HOH A O   1 
HETATM 1216 O  O   . HOH C 3 .   ? -8.577  -0.263  16.341  1.00 36.88 ? 129  HOH A O   1 
HETATM 1217 O  O   . HOH C 3 .   ? -16.133 -0.257  -4.623  1.00 31.89 ? 130  HOH A O   1 
HETATM 1218 O  O   . HOH C 3 .   ? -0.750  -21.606 -1.380  1.00 27.36 ? 132  HOH A O   1 
HETATM 1219 O  O   . HOH C 3 .   ? 0.148   -18.000 -10.322 1.00 32.91 ? 133  HOH A O   1 
HETATM 1220 O  O   . HOH C 3 .   ? -1.805  -18.822 2.057   1.00 29.99 ? 134  HOH A O   1 
HETATM 1221 O  O   . HOH C 3 .   ? 6.460   -15.255 -4.817  1.00 34.48 ? 135  HOH A O   1 
HETATM 1222 O  O   . HOH C 3 .   ? -3.235  10.357  6.904   1.00 25.24 ? 136  HOH A O   1 
HETATM 1223 O  O   . HOH C 3 .   ? 5.861   15.424  -0.955  1.00 25.94 ? 137  HOH A O   1 
HETATM 1224 O  O   . HOH C 3 .   ? -14.095 -10.452 -9.675  1.00 38.37 ? 139  HOH A O   1 
HETATM 1225 O  O   . HOH C 3 .   ? -3.912  19.012  -12.861 1.00 28.22 ? 140  HOH A O   1 
HETATM 1226 O  O   . HOH C 3 .   ? 1.600   11.369  9.337   1.00 30.26 ? 141  HOH A O   1 
HETATM 1227 O  O   . HOH C 3 .   ? 4.699   -19.133 2.734   1.00 32.30 ? 142  HOH A O   1 
HETATM 1228 O  O   . HOH C 3 .   ? -10.363 1.492   -16.774 1.00 36.34 ? 144  HOH A O   1 
HETATM 1229 O  O   . HOH C 3 .   ? 14.332  -2.234  -9.000  1.00 32.71 ? 145  HOH A O   1 
HETATM 1230 O  O   . HOH C 3 .   ? -6.334  -13.999 7.048   1.00 31.96 ? 147  HOH A O   1 
HETATM 1231 O  O   . HOH C 3 .   ? 4.807   12.325  12.862  1.00 36.14 ? 148  HOH A O   1 
HETATM 1232 O  O   . HOH C 3 .   ? -0.186  -0.358  -14.534 1.00 39.99 ? 149  HOH A O   1 
HETATM 1233 O  O   . HOH C 3 .   ? 12.766  0.692   18.708  1.00 36.48 ? 150  HOH A O   1 
HETATM 1234 O  O   . HOH C 3 .   ? -13.287 15.777  -5.136  1.00 33.20 ? 151  HOH A O   1 
HETATM 1235 O  O   . HOH C 3 .   ? -12.138 1.984   -14.440 1.00 28.45 ? 152  HOH A O   1 
HETATM 1236 O  O   . HOH C 3 .   ? -9.853  14.993  3.357   1.00 29.21 ? 153  HOH A O   1 
HETATM 1237 O  O   . HOH C 3 .   ? -1.938  -15.332 -11.154 1.00 33.65 ? 155  HOH A O   1 
HETATM 1238 O  O   . HOH C 3 .   ? -11.207 -2.074  14.361  1.00 36.87 ? 156  HOH A O   1 
HETATM 1239 O  O   . HOH C 3 .   ? 8.707   -14.381 12.274  1.00 42.47 ? 157  HOH A O   1 
HETATM 1240 O  O   . HOH C 3 .   ? -14.099 -1.252  -15.895 1.00 35.16 ? 158  HOH A O   1 
HETATM 1241 O  O   . HOH C 3 .   ? -8.496  9.859   9.789   1.00 37.43 ? 159  HOH A O   1 
HETATM 1242 O  O   . HOH C 3 .   ? -2.183  21.014  -6.092  1.00 33.21 ? 160  HOH A O   1 
HETATM 1243 O  O   . HOH C 3 .   ? 1.451   15.140  -13.439 1.00 37.21 ? 161  HOH A O   1 
HETATM 1244 O  O   . HOH C 3 .   ? -5.462  9.872   8.814   1.00 37.89 ? 162  HOH A O   1 
HETATM 1245 O  O   . HOH C 3 .   ? -4.335  -13.878 -12.257 1.00 32.68 ? 163  HOH A O   1 
HETATM 1246 O  O   . HOH C 3 .   ? 1.009   -5.648  -14.905 1.00 33.30 ? 164  HOH A O   1 
HETATM 1247 O  O   . HOH C 3 .   ? 11.104  -9.303  6.709   1.00 35.95 ? 166  HOH A O   1 
HETATM 1248 O  O   . HOH C 3 .   ? 13.144  -1.682  -2.167  1.00 32.22 ? 167  HOH A O   1 
HETATM 1249 O  O   . HOH C 3 .   ? 6.508   -6.655  -12.261 1.00 35.48 ? 168  HOH A O   1 
HETATM 1250 O  O   . HOH C 3 .   ? -8.900  3.161   -0.347  1.00 30.13 ? 169  HOH A O   1 
HETATM 1251 O  O   . HOH C 3 .   ? 6.022   4.400   -13.315 1.00 38.88 ? 170  HOH A O   1 
HETATM 1252 O  O   . HOH C 3 .   ? 12.832  -4.447  3.669   1.00 33.38 ? 171  HOH A O   1 
HETATM 1253 O  O   . HOH C 3 .   ? 11.646  9.714   10.233  1.00 39.76 ? 172  HOH A O   1 
HETATM 1254 O  O   . HOH C 3 .   ? -13.346 -7.743  -20.786 1.00 35.93 ? 173  HOH A O   1 
HETATM 1255 O  O   . HOH C 3 .   ? 4.023   13.595  3.545   1.00 27.48 ? 174  HOH A O   1 
HETATM 1256 O  O   . HOH C 3 .   ? -11.569 -5.450  11.891  1.00 35.86 ? 175  HOH A O   1 
HETATM 1257 O  O   . HOH C 3 .   ? 2.994   20.700  -9.024  1.00 37.64 ? 176  HOH A O   1 
HETATM 1258 O  O   . HOH C 3 .   ? -7.109  4.242   7.584   1.00 39.01 ? 177  HOH A O   1 
HETATM 1259 O  O   . HOH C 3 .   ? -15.615 -3.896  11.188  1.00 28.12 ? 179  HOH A O   1 
HETATM 1260 O  O   . HOH C 3 .   ? 13.776  -0.471  -12.417 1.00 43.35 ? 180  HOH A O   1 
HETATM 1261 O  O   . HOH C 3 .   ? 7.860   6.269   17.984  1.00 39.29 ? 182  HOH A O   1 
HETATM 1262 O  O   . HOH C 3 .   ? -4.789  6.985   8.570   1.00 36.92 ? 184  HOH A O   1 
HETATM 1263 O  O   . HOH C 3 .   ? -9.823  3.102   -3.148  1.00 33.02 ? 185  HOH A O   1 
HETATM 1264 O  O   . HOH C 3 .   ? 8.759   12.263  15.785  1.00 37.97 ? 186  HOH A O   1 
HETATM 1265 O  O   . HOH C 3 .   ? 6.751   -21.057 5.373   1.00 39.34 ? 187  HOH A O   1 
HETATM 1266 O  O   . HOH C 3 .   ? 12.587  -4.439  -7.695  1.00 27.00 ? 189  HOH A O   1 
HETATM 1267 O  O   . HOH C 3 .   ? -14.969 1.588   -14.676 1.00 35.76 ? 190  HOH A O   1 
HETATM 1268 O  O   . HOH C 3 .   ? -8.651  -10.839 -15.016 1.00 28.47 ? 191  HOH A O   1 
HETATM 1269 O  O   . HOH C 3 .   ? -18.055 4.742   -9.652  1.00 31.96 ? 193  HOH A O   1 
HETATM 1270 O  O   . HOH C 3 .   ? -15.331 -8.984  -11.771 1.00 34.16 ? 196  HOH A O   1 
HETATM 1271 O  O   . HOH C 3 .   ? -12.888 12.263  -3.500  1.00 30.86 ? 197  HOH A O   1 
HETATM 1272 O  O   . HOH C 3 .   ? -4.375  1.804   -14.075 1.00 37.71 ? 199  HOH A O   1 
HETATM 1273 O  O   . HOH C 3 .   ? -16.034 -2.335  -13.757 1.00 31.69 ? 200  HOH A O   1 
HETATM 1274 O  O   . HOH C 3 .   ? 13.021  5.182   -2.363  1.00 27.83 ? 202  HOH A O   1 
HETATM 1275 O  O   . HOH C 3 .   ? -6.698  18.383  -5.982  1.00 36.35 ? 203  HOH A O   1 
HETATM 1276 O  O   . HOH C 3 .   ? -6.885  7.000   12.354  1.00 34.25 ? 204  HOH A O   1 
HETATM 1277 O  O   . HOH C 3 .   ? 7.154   1.554   -14.876 1.00 39.43 ? 209  HOH A O   1 
HETATM 1278 O  O   . HOH C 3 .   ? 13.921  -2.851  6.094   1.00 34.77 ? 223  HOH A O   1 
HETATM 1279 O  O   . HOH C 3 .   ? -5.171  4.064   9.804   1.00 40.97 ? 224  HOH A O   1 
HETATM 1280 O  O   . HOH C 3 .   ? -7.372  -8.519  -19.569 1.00 34.57 ? 234  HOH A O   1 
HETATM 1281 O  O   . HOH C 3 .   ? -7.518  -11.090 10.123  1.00 30.44 ? 238  HOH A O   1 
HETATM 1282 O  O   . HOH C 3 .   ? 2.387   -0.773  -12.528 1.00 32.24 ? 242  HOH A O   1 
HETATM 1283 O  O   . HOH C 3 .   ? -1.666  2.178   -14.121 1.00 36.16 ? 243  HOH A O   1 
HETATM 1284 O  O   . HOH C 3 .   ? 13.242  1.014   12.499  1.00 40.87 ? 245  HOH A O   1 
HETATM 1285 O  O   . HOH C 3 .   ? 13.743  -7.561  5.792   1.00 37.65 ? 249  HOH A O   1 
HETATM 1286 O  O   . HOH C 3 .   ? 8.792   9.350   11.020  1.00 36.34 ? 250  HOH A O   1 
HETATM 1287 O  O   . HOH C 3 .   ? -10.919 2.275   9.706   1.00 36.17 ? 265  HOH A O   1 
HETATM 1288 O  O   . HOH C 3 .   ? 13.547  2.880   -11.367 1.00 32.51 ? 281  HOH A O   1 
HETATM 1289 O  O   . HOH C 3 .   ? 3.155   2.003   -11.759 1.00 32.59 ? 291  HOH A O   1 
HETATM 1290 O  O   . HOH C 3 .   ? 14.383  -4.362  8.705   1.00 37.20 ? 297  HOH A O   1 
HETATM 1291 O  O   . HOH C 3 .   ? -13.906 9.152   -19.436 1.00 33.63 ? 361  HOH A O   1 
HETATM 1292 O  O   . HOH C 3 .   ? 9.046   1.055   -12.113 1.00 38.85 ? 362  HOH A O   1 
HETATM 1293 O  O   . HOH C 3 .   ? -7.791  2.215   5.062   1.00 32.11 ? 384  HOH A O   1 
HETATM 1294 O  O   . HOH C 3 .   ? 13.797  -1.595  12.407  1.00 40.19 ? 396  HOH A O   1 
HETATM 1295 O  O   . HOH C 3 .   ? 10.560  -11.277 -5.381  1.00 38.16 ? 413  HOH A O   1 
HETATM 1296 O  O   . HOH C 3 .   ? 4.959   1.400   -6.944  1.00 11.20 ? 1026 HOH A O   1 
# 
